data_4F2D
#
_entry.id   4F2D
#
_cell.length_a   116.472
_cell.length_b   116.472
_cell.length_c   214.810
_cell.angle_alpha   90.00
_cell.angle_beta   90.00
_cell.angle_gamma   120.00
#
_symmetry.space_group_name_H-M   'P 32 2 1'
#
loop_
_entity.id
_entity.type
_entity.pdbx_description
1 polymer 'L-arabinose isomerase'
2 non-polymer 'MANGANESE (II) ION'
3 non-polymer D-ribitol
4 non-polymer 'ACETIC ACID'
5 water water
#
_entity_poly.entity_id   1
_entity_poly.type   'polypeptide(L)'
_entity_poly.pdbx_seq_one_letter_code
;(MSE)TIFDNYEVWFVIGSQHLYGPETLRQVTQHAEHVVNALNTEAKLPCKLVLKPLGTTPDEITAICRDANYDDRCAGL
VVWLHTFSPAK(MSE)WINGLT(MSE)LNKPLLQFHTQFNAALPWDSID(MSE)DF(MSE)NLNQTAHGGREFGFIGAR
(MSE)RQQHAVVTGHWQDKQAHERIGSW(MSE)RQAVSKQDTRHLKVCRFGDN(MSE)REVAVTDGDKVAAQIKFGFSVN
TWAVGDLVQVVNSISDGDVNALVDEYESCYT(MSE)TPATQIHGEKRQNVLEAARIELG(MSE)KRFLEQGGFHAFTTTF
EDLHGLKQLPGLAVQRL(MSE)QQGYGFAGEGDWKTAALLRI(MSE)KV(MSE)STGLQGGTSF(MSE)EDYTYHFEKGN
DLVLGSH(MSE)LEVCPSIAVEEKPILDVQHLGIGGKDDPARLIFNTQTGPAIVASLIDLGDRYRLLVNCIDTVKTPHSL
PKLPVANALWKAQPDLPTASEAWILAGGAHHTVFSHALNLND(MSE)RQFAE(MSE)HDIEITVIDNDTRLPAFKDALRW
NEVYYGFRR
;
_entity_poly.pdbx_strand_id   A,B,C
#
loop_
_chem_comp.id
_chem_comp.type
_chem_comp.name
_chem_comp.formula
ACY non-polymer 'ACETIC ACID' 'C2 H4 O2'
MN non-polymer 'MANGANESE (II) ION' 'Mn 2'
RB0 non-polymer D-ribitol 'C5 H12 O5'
#
# COMPACT_ATOMS: atom_id res chain seq x y z
N MSE A 1 -23.65 -33.90 -19.31
CA MSE A 1 -22.55 -34.18 -18.33
C MSE A 1 -21.32 -33.32 -18.62
O MSE A 1 -20.82 -33.31 -19.74
CB MSE A 1 -22.20 -35.66 -18.34
N THR A 2 -20.86 -32.59 -17.61
CA THR A 2 -19.62 -31.82 -17.66
C THR A 2 -18.70 -32.27 -16.52
N ILE A 3 -17.54 -31.64 -16.43
CA ILE A 3 -16.55 -31.92 -15.38
C ILE A 3 -17.11 -31.58 -13.99
N PHE A 4 -17.98 -30.59 -13.96
CA PHE A 4 -18.60 -30.13 -12.71
C PHE A 4 -19.53 -31.18 -12.09
N ASP A 5 -20.04 -32.10 -12.91
CA ASP A 5 -20.84 -33.22 -12.42
C ASP A 5 -19.98 -34.28 -11.73
N ASN A 6 -18.67 -34.22 -11.95
CA ASN A 6 -17.72 -35.12 -11.28
C ASN A 6 -17.27 -34.60 -9.91
N TYR A 7 -17.79 -33.45 -9.49
CA TYR A 7 -17.45 -32.86 -8.19
C TYR A 7 -18.67 -32.45 -7.38
N GLU A 8 -18.44 -32.26 -6.09
CA GLU A 8 -19.45 -31.74 -5.17
C GLU A 8 -18.78 -30.87 -4.11
N VAL A 9 -19.57 -30.00 -3.51
CA VAL A 9 -19.12 -29.18 -2.39
C VAL A 9 -19.91 -29.56 -1.15
N TRP A 10 -19.20 -29.72 -0.04
CA TRP A 10 -19.83 -30.19 1.20
C TRP A 10 -20.37 -29.05 2.00
N PHE A 11 -21.66 -29.12 2.31
CA PHE A 11 -22.30 -28.12 3.16
C PHE A 11 -22.24 -28.63 4.59
N VAL A 12 -21.36 -28.02 5.38
CA VAL A 12 -21.11 -28.44 6.75
C VAL A 12 -21.68 -27.44 7.74
N ILE A 13 -22.48 -27.94 8.68
CA ILE A 13 -23.11 -27.08 9.69
C ILE A 13 -22.32 -27.14 10.99
N GLY A 14 -21.98 -25.97 11.50
CA GLY A 14 -21.25 -25.85 12.75
C GLY A 14 -22.17 -25.56 13.93
N SER A 15 -22.01 -26.33 14.99
CA SER A 15 -22.78 -26.13 16.22
C SER A 15 -22.06 -26.73 17.43
N GLN A 16 -22.81 -26.94 18.51
CA GLN A 16 -22.29 -27.62 19.70
C GLN A 16 -23.28 -28.69 20.18
N HIS A 17 -22.77 -29.67 20.93
CA HIS A 17 -23.61 -30.71 21.52
C HIS A 17 -24.11 -30.33 22.89
N LEU A 18 -23.96 -29.05 23.27
CA LEU A 18 -24.31 -28.56 24.62
C LEU A 18 -25.79 -28.60 25.08
N TYR A 19 -26.79 -28.83 24.24
CA TYR A 19 -27.34 -27.90 23.22
C TYR A 19 -28.84 -28.19 23.03
N GLY A 20 -29.13 -29.47 22.75
CA GLY A 20 -30.50 -29.98 22.74
C GLY A 20 -30.72 -31.02 21.65
N PRO A 21 -30.98 -32.28 22.04
CA PRO A 21 -31.16 -33.30 21.01
C PRO A 21 -32.54 -33.33 20.36
N GLU A 22 -33.44 -32.41 20.72
CA GLU A 22 -33.96 -31.43 19.78
C GLU A 22 -33.25 -30.22 19.18
N THR A 23 -32.85 -29.23 19.96
CA THR A 23 -32.35 -27.95 19.40
C THR A 23 -31.50 -28.23 18.15
N LEU A 24 -30.59 -29.24 18.06
CA LEU A 24 -29.79 -29.73 16.93
C LEU A 24 -30.68 -30.30 15.81
N ARG A 25 -31.78 -30.93 16.18
CA ARG A 25 -32.81 -31.35 15.23
C ARG A 25 -33.30 -30.17 14.40
N GLN A 26 -33.65 -29.07 15.26
CA GLN A 26 -34.08 -27.84 14.58
C GLN A 26 -33.02 -27.30 13.60
N VAL A 27 -31.76 -27.27 14.04
CA VAL A 27 -30.68 -26.80 13.15
C VAL A 27 -30.52 -27.71 11.92
N THR A 28 -30.58 -29.02 12.13
CA THR A 28 -30.55 -29.99 11.03
C THR A 28 -31.69 -29.77 10.03
N GLN A 29 -32.89 -29.47 10.53
CA GLN A 29 -34.05 -29.21 9.65
C GLN A 29 -33.82 -27.96 8.81
N HIS A 30 -33.25 -26.91 9.40
CA HIS A 30 -32.91 -25.69 8.65
C HIS A 30 -31.92 -25.98 7.57
N ALA A 31 -30.86 -26.71 7.93
CA ALA A 31 -29.79 -27.06 7.00
C ALA A 31 -30.29 -27.85 5.79
N GLU A 32 -31.14 -28.85 6.04
CA GLU A 32 -31.71 -29.66 4.96
C GLU A 32 -32.58 -28.80 4.04
N HIS A 33 -33.40 -27.94 4.64
CA HIS A 33 -34.25 -27.02 3.90
C HIS A 33 -33.45 -26.07 3.04
N VAL A 34 -32.43 -25.47 3.65
CA VAL A 34 -31.56 -24.52 2.95
C VAL A 34 -30.80 -25.18 1.80
N VAL A 35 -30.14 -26.30 2.09
CA VAL A 35 -29.34 -27.02 1.09
C VAL A 35 -30.20 -27.49 -0.09
N ASN A 36 -31.37 -28.05 0.19
CA ASN A 36 -32.30 -28.48 -0.86
C ASN A 36 -32.75 -27.31 -1.73
N ALA A 37 -33.10 -26.21 -1.09
CA ALA A 37 -33.54 -25.01 -1.81
C ALA A 37 -32.45 -24.45 -2.71
N LEU A 38 -31.21 -24.48 -2.24
CA LEU A 38 -30.06 -24.00 -3.02
C LEU A 38 -29.77 -24.91 -4.22
N ASN A 39 -29.73 -26.21 -3.97
CA ASN A 39 -29.50 -27.20 -5.03
C ASN A 39 -30.53 -27.11 -6.16
N THR A 40 -31.79 -26.88 -5.79
CA THR A 40 -32.90 -26.82 -6.75
C THR A 40 -32.99 -25.47 -7.48
N GLU A 41 -32.87 -24.37 -6.73
CA GLU A 41 -33.15 -23.02 -7.25
C GLU A 41 -31.91 -22.16 -7.54
N ALA A 42 -30.89 -22.25 -6.70
CA ALA A 42 -29.74 -21.34 -6.76
C ALA A 42 -28.93 -21.36 -8.07
N LYS A 43 -28.94 -22.50 -8.79
CA LYS A 43 -28.17 -22.67 -10.04
C LYS A 43 -26.66 -22.55 -9.85
N LEU A 44 -26.14 -23.24 -8.84
CA LEU A 44 -24.72 -23.28 -8.55
C LEU A 44 -24.01 -24.24 -9.50
N PRO A 45 -22.70 -24.04 -9.75
CA PRO A 45 -21.90 -24.86 -10.68
C PRO A 45 -21.96 -26.37 -10.44
N CYS A 46 -22.07 -26.76 -9.18
CA CYS A 46 -22.14 -28.17 -8.82
C CYS A 46 -22.99 -28.36 -7.57
N LYS A 47 -23.19 -29.62 -7.19
CA LYS A 47 -24.15 -29.99 -6.15
C LYS A 47 -23.60 -29.78 -4.74
N LEU A 48 -24.44 -29.28 -3.84
CA LEU A 48 -24.12 -29.20 -2.43
C LEU A 48 -24.58 -30.46 -1.70
N VAL A 49 -23.67 -31.08 -0.96
CA VAL A 49 -23.99 -32.27 -0.15
C VAL A 49 -23.98 -31.91 1.33
N LEU A 50 -25.14 -31.97 1.96
CA LEU A 50 -25.26 -31.72 3.40
C LEU A 50 -24.66 -32.87 4.18
N LYS A 51 -23.75 -32.55 5.09
CA LYS A 51 -23.11 -33.56 5.95
C LYS A 51 -23.69 -33.53 7.36
N PRO A 52 -23.44 -34.58 8.15
CA PRO A 52 -23.87 -34.58 9.56
C PRO A 52 -23.29 -33.43 10.36
N LEU A 53 -24.06 -32.93 11.32
CA LEU A 53 -23.69 -31.75 12.10
C LEU A 53 -22.32 -31.91 12.76
N GLY A 54 -21.50 -30.86 12.63
CA GLY A 54 -20.23 -30.78 13.33
C GLY A 54 -20.43 -30.18 14.71
N THR A 55 -20.53 -31.05 15.72
CA THR A 55 -20.85 -30.62 17.09
C THR A 55 -19.75 -30.93 18.12
N THR A 56 -18.88 -31.90 17.80
CA THR A 56 -17.76 -32.27 18.66
C THR A 56 -16.45 -32.20 17.88
N PRO A 57 -15.30 -32.20 18.59
CA PRO A 57 -14.01 -32.20 17.88
C PRO A 57 -13.81 -33.40 16.94
N ASP A 58 -14.12 -34.60 17.42
CA ASP A 58 -13.90 -35.83 16.64
C ASP A 58 -14.83 -35.92 15.42
N GLU A 59 -16.02 -35.34 15.54
CA GLU A 59 -16.95 -35.27 14.40
C GLU A 59 -16.42 -34.34 13.32
N ILE A 60 -15.92 -33.18 13.72
CA ILE A 60 -15.38 -32.20 12.79
C ILE A 60 -14.09 -32.69 12.15
N THR A 61 -13.25 -33.35 12.94
CA THR A 61 -12.02 -33.97 12.45
C THR A 61 -12.35 -35.06 11.42
N ALA A 62 -13.38 -35.86 11.72
CA ALA A 62 -13.84 -36.92 10.82
C ALA A 62 -14.28 -36.37 9.46
N ILE A 63 -15.08 -35.30 9.49
CA ILE A 63 -15.57 -34.66 8.27
C ILE A 63 -14.41 -34.15 7.41
N CYS A 64 -13.43 -33.49 8.03
CA CYS A 64 -12.26 -33.00 7.32
C CYS A 64 -11.42 -34.15 6.77
N ARG A 65 -11.29 -35.20 7.58
CA ARG A 65 -10.60 -36.42 7.16
C ARG A 65 -11.24 -37.02 5.92
N ASP A 66 -12.57 -37.16 5.95
CA ASP A 66 -13.34 -37.68 4.82
C ASP A 66 -13.22 -36.76 3.60
N ALA A 67 -13.30 -35.46 3.85
CA ALA A 67 -13.23 -34.44 2.80
C ALA A 67 -11.94 -34.56 1.98
N ASN A 68 -10.82 -34.74 2.68
CA ASN A 68 -9.50 -34.91 2.04
C ASN A 68 -9.44 -36.18 1.18
N TYR A 69 -10.10 -37.23 1.65
CA TYR A 69 -10.07 -38.53 0.99
C TYR A 69 -10.91 -38.55 -0.28
N ASP A 70 -12.10 -37.96 -0.21
CA ASP A 70 -13.05 -38.00 -1.32
C ASP A 70 -12.58 -37.11 -2.48
N ASP A 71 -12.21 -37.74 -3.60
CA ASP A 71 -11.72 -37.01 -4.77
C ASP A 71 -12.79 -36.14 -5.42
N ARG A 72 -14.06 -36.42 -5.16
CA ARG A 72 -15.16 -35.60 -5.68
C ARG A 72 -15.41 -34.34 -4.84
N CYS A 73 -14.88 -34.35 -3.61
CA CYS A 73 -15.06 -33.21 -2.71
C CYS A 73 -14.12 -32.07 -3.11
N ALA A 74 -14.70 -31.01 -3.66
CA ALA A 74 -13.92 -29.87 -4.15
C ALA A 74 -13.72 -28.79 -3.08
N GLY A 75 -14.50 -28.87 -2.00
CA GLY A 75 -14.38 -27.92 -0.91
C GLY A 75 -15.49 -28.00 0.11
N LEU A 76 -15.38 -27.20 1.16
CA LEU A 76 -16.41 -27.10 2.19
C LEU A 76 -16.99 -25.70 2.23
N VAL A 77 -18.31 -25.59 2.32
CA VAL A 77 -18.93 -24.32 2.68
C VAL A 77 -19.55 -24.52 4.06
N VAL A 78 -19.11 -23.71 5.01
CA VAL A 78 -19.45 -23.89 6.41
C VAL A 78 -20.46 -22.85 6.85
N TRP A 79 -21.56 -23.32 7.45
CA TRP A 79 -22.54 -22.43 8.07
C TRP A 79 -22.53 -22.66 9.55
N LEU A 80 -22.13 -21.64 10.29
CA LEU A 80 -22.07 -21.71 11.75
C LEU A 80 -23.41 -21.24 12.31
N HIS A 81 -24.37 -22.15 12.27
CA HIS A 81 -25.75 -21.87 12.66
C HIS A 81 -25.83 -21.41 14.09
N THR A 82 -25.19 -22.17 14.97
CA THR A 82 -25.03 -21.78 16.37
C THR A 82 -23.57 -21.47 16.67
N PHE A 83 -23.32 -21.06 17.90
CA PHE A 83 -21.96 -20.91 18.41
C PHE A 83 -21.30 -22.28 18.36
N SER A 84 -20.09 -22.33 17.81
CA SER A 84 -19.37 -23.59 17.60
C SER A 84 -17.91 -23.37 17.93
N PRO A 85 -17.55 -23.50 19.23
CA PRO A 85 -16.22 -23.16 19.73
C PRO A 85 -15.09 -23.64 18.81
N ALA A 86 -14.23 -22.71 18.41
CA ALA A 86 -13.29 -22.91 17.31
C ALA A 86 -12.20 -23.94 17.58
N LYS A 87 -11.88 -24.19 18.85
CA LYS A 87 -10.91 -25.23 19.22
C LYS A 87 -11.30 -26.60 18.74
N MSE A 88 -12.61 -26.84 18.67
CA MSE A 88 -13.20 -28.06 18.10
C MSE A 88 -12.79 -28.29 16.68
O MSE A 88 -12.74 -29.43 16.21
CB MSE A 88 -14.73 -27.94 18.11
CG MSE A 88 -15.23 -28.66 19.35
SE MSE A 88 -17.10 -28.41 19.87
CE MSE A 88 -17.62 -27.02 18.58
N TRP A 89 -12.54 -27.19 15.97
CA TRP A 89 -12.21 -27.24 14.54
C TRP A 89 -10.74 -27.34 14.24
N ILE A 90 -9.90 -27.05 15.24
CA ILE A 90 -8.45 -26.89 15.01
C ILE A 90 -7.82 -28.14 14.39
N ASN A 91 -8.01 -29.29 15.03
CA ASN A 91 -7.40 -30.53 14.54
C ASN A 91 -7.85 -30.89 13.13
N GLY A 92 -9.11 -30.62 12.83
CA GLY A 92 -9.66 -30.84 11.49
C GLY A 92 -9.12 -29.85 10.46
N LEU A 93 -9.15 -28.57 10.80
CA LEU A 93 -8.65 -27.51 9.90
C LEU A 93 -7.15 -27.63 9.63
N THR A 94 -6.41 -28.13 10.62
CA THR A 94 -4.97 -28.36 10.46
C THR A 94 -4.65 -29.38 9.36
N MSE A 95 -5.51 -30.39 9.23
CA MSE A 95 -5.28 -31.47 8.28
C MSE A 95 -5.94 -31.18 6.94
O MSE A 95 -5.58 -31.80 5.95
CB MSE A 95 -5.81 -32.77 8.89
CG MSE A 95 -7.18 -33.24 8.42
SE MSE A 95 -7.80 -34.81 9.43
CE MSE A 95 -6.29 -35.10 10.67
N LEU A 96 -6.91 -30.28 6.95
CA LEU A 96 -7.76 -30.03 5.78
C LEU A 96 -6.98 -29.47 4.59
N ASN A 97 -6.98 -30.22 3.48
CA ASN A 97 -6.28 -29.81 2.26
C ASN A 97 -7.25 -29.38 1.14
N LYS A 98 -8.54 -29.28 1.47
CA LYS A 98 -9.54 -28.77 0.53
C LYS A 98 -9.97 -27.36 0.95
N PRO A 99 -10.25 -26.49 -0.04
CA PRO A 99 -10.59 -25.10 0.27
C PRO A 99 -11.92 -24.97 1.01
N LEU A 100 -12.04 -23.87 1.75
CA LEU A 100 -13.15 -23.65 2.68
C LEU A 100 -13.74 -22.24 2.51
N LEU A 101 -15.06 -22.16 2.53
CA LEU A 101 -15.77 -20.89 2.50
C LEU A 101 -16.78 -20.84 3.63
N GLN A 102 -16.79 -19.75 4.39
CA GLN A 102 -17.85 -19.53 5.37
C GLN A 102 -19.00 -18.82 4.71
N PHE A 103 -20.17 -19.45 4.73
CA PHE A 103 -21.39 -18.78 4.35
C PHE A 103 -22.00 -18.17 5.61
N HIS A 104 -21.74 -16.89 5.81
CA HIS A 104 -22.19 -16.17 6.99
C HIS A 104 -23.62 -15.75 6.81
N THR A 105 -24.53 -16.69 7.04
CA THR A 105 -25.95 -16.50 6.75
C THR A 105 -26.84 -16.64 7.98
N GLN A 106 -28.15 -16.60 7.76
CA GLN A 106 -29.15 -16.63 8.84
C GLN A 106 -30.50 -17.09 8.33
N PHE A 107 -31.31 -17.60 9.24
CA PHE A 107 -32.45 -18.45 8.86
C PHE A 107 -33.69 -17.92 8.12
N ASN A 108 -34.65 -17.27 8.79
CA ASN A 108 -34.90 -15.79 8.82
C ASN A 108 -33.95 -14.67 8.32
N ALA A 109 -34.62 -13.62 7.82
CA ALA A 109 -34.03 -12.37 7.30
C ALA A 109 -34.60 -11.16 8.05
N ALA A 110 -35.91 -11.17 8.27
CA ALA A 110 -36.57 -10.20 9.16
C ALA A 110 -36.36 -10.66 10.61
N LEU A 111 -36.19 -9.69 11.50
CA LEU A 111 -36.05 -9.96 12.93
C LEU A 111 -37.41 -9.96 13.63
N PRO A 112 -37.82 -11.12 14.19
CA PRO A 112 -39.14 -11.22 14.83
C PRO A 112 -39.21 -10.46 16.15
N TRP A 113 -39.42 -9.14 16.04
CA TRP A 113 -39.30 -8.22 17.17
C TRP A 113 -40.17 -8.60 18.34
N ASP A 114 -41.40 -9.01 18.05
CA ASP A 114 -42.40 -9.28 19.09
C ASP A 114 -42.35 -10.70 19.67
N SER A 115 -41.71 -11.62 18.95
CA SER A 115 -41.61 -13.02 19.42
C SER A 115 -40.19 -13.43 19.84
N ILE A 116 -39.17 -12.67 19.42
CA ILE A 116 -37.78 -13.04 19.72
C ILE A 116 -37.57 -13.24 21.22
N ASP A 117 -37.04 -14.40 21.59
CA ASP A 117 -36.79 -14.74 22.98
C ASP A 117 -35.50 -15.55 23.11
N MSE A 118 -35.18 -15.97 24.34
CA MSE A 118 -33.94 -16.68 24.62
C MSE A 118 -33.85 -17.99 23.89
O MSE A 118 -32.76 -18.41 23.53
CB MSE A 118 -33.69 -16.95 26.09
CG MSE A 118 -32.23 -16.76 26.51
SE MSE A 118 -31.53 -14.96 26.08
CE MSE A 118 -32.01 -14.05 27.76
N ASP A 119 -34.99 -18.66 23.67
CA ASP A 119 -35.00 -19.91 22.89
C ASP A 119 -34.49 -19.65 21.47
N PHE A 120 -35.04 -18.63 20.82
CA PHE A 120 -34.59 -18.21 19.50
C PHE A 120 -33.10 -17.83 19.51
N MSE A 121 -32.69 -17.14 20.57
CA MSE A 121 -31.29 -16.69 20.71
C MSE A 121 -30.35 -17.85 20.92
O MSE A 121 -29.22 -17.83 20.44
CB MSE A 121 -31.15 -15.75 21.88
CG MSE A 121 -31.82 -14.40 21.61
SE MSE A 121 -31.00 -13.60 20.01
CE MSE A 121 -30.96 -11.73 20.62
N ASN A 122 -30.82 -18.87 21.63
CA ASN A 122 -30.02 -20.05 21.90
C ASN A 122 -29.87 -20.97 20.68
N LEU A 123 -30.70 -20.78 19.64
CA LEU A 123 -30.61 -21.58 18.40
C LEU A 123 -30.13 -20.87 17.12
N ASN A 124 -30.51 -19.60 16.95
CA ASN A 124 -30.14 -18.82 15.76
C ASN A 124 -29.09 -17.74 16.08
N GLN A 125 -27.81 -18.12 16.10
CA GLN A 125 -26.74 -17.19 16.51
C GLN A 125 -25.52 -17.15 15.60
N THR A 126 -25.75 -17.24 14.28
CA THR A 126 -24.67 -17.08 13.32
C THR A 126 -23.92 -15.74 13.50
N ALA A 127 -24.65 -14.71 13.91
CA ALA A 127 -24.09 -13.37 14.14
C ALA A 127 -22.77 -13.38 14.92
N HIS A 128 -22.70 -14.17 15.99
CA HIS A 128 -21.45 -14.32 16.75
C HIS A 128 -20.73 -15.62 16.51
N GLY A 129 -21.47 -16.70 16.29
CA GLY A 129 -20.87 -18.00 15.96
C GLY A 129 -19.91 -17.95 14.78
N GLY A 130 -20.27 -17.15 13.78
CA GLY A 130 -19.46 -16.99 12.58
C GLY A 130 -18.20 -16.17 12.78
N ARG A 131 -18.18 -15.36 13.83
CA ARG A 131 -17.03 -14.51 14.12
C ARG A 131 -15.95 -15.26 14.91
N GLU A 132 -16.38 -16.11 15.83
CA GLU A 132 -15.47 -17.00 16.54
C GLU A 132 -14.75 -17.92 15.57
N PHE A 133 -15.48 -18.40 14.57
CA PHE A 133 -14.89 -19.24 13.53
C PHE A 133 -13.94 -18.45 12.64
N GLY A 134 -14.31 -17.20 12.35
CA GLY A 134 -13.46 -16.30 11.56
C GLY A 134 -12.10 -16.09 12.19
N PHE A 135 -12.09 -15.97 13.52
CA PHE A 135 -10.84 -15.79 14.25
C PHE A 135 -9.85 -16.92 14.00
N ILE A 136 -10.31 -18.16 14.15
CA ILE A 136 -9.43 -19.32 14.06
C ILE A 136 -8.81 -19.45 12.66
N GLY A 137 -9.58 -19.08 11.64
CA GLY A 137 -9.06 -19.03 10.26
C GLY A 137 -7.98 -17.97 10.11
N ALA A 138 -8.27 -16.77 10.59
CA ALA A 138 -7.33 -15.65 10.55
C ALA A 138 -6.10 -15.93 11.43
N ARG A 139 -6.32 -16.55 12.58
CA ARG A 139 -5.24 -16.92 13.49
C ARG A 139 -4.27 -17.92 12.85
N MSE A 140 -4.83 -18.93 12.19
CA MSE A 140 -4.04 -19.96 11.51
C MSE A 140 -3.53 -19.49 10.17
O MSE A 140 -2.78 -20.20 9.49
CB MSE A 140 -4.88 -21.22 11.34
CG MSE A 140 -5.19 -21.89 12.67
SE MSE A 140 -6.41 -23.43 12.45
CE MSE A 140 -5.54 -24.30 10.91
N ARG A 141 -3.94 -18.29 9.77
CA ARG A 141 -3.59 -17.70 8.47
C ARG A 141 -3.96 -18.63 7.30
N GLN A 142 -5.13 -19.26 7.43
CA GLN A 142 -5.66 -20.11 6.37
C GLN A 142 -6.51 -19.24 5.43
N GLN A 143 -6.50 -19.60 4.15
CA GLN A 143 -7.27 -18.86 3.15
C GLN A 143 -8.73 -19.27 3.23
N HIS A 144 -9.47 -18.60 4.11
CA HIS A 144 -10.90 -18.84 4.28
C HIS A 144 -11.70 -17.78 3.59
N ALA A 145 -12.41 -18.15 2.54
CA ALA A 145 -13.34 -17.24 1.89
C ALA A 145 -14.53 -17.00 2.83
N VAL A 146 -15.14 -15.82 2.68
CA VAL A 146 -16.31 -15.47 3.48
C VAL A 146 -17.32 -14.74 2.62
N VAL A 147 -18.58 -15.19 2.68
CA VAL A 147 -19.69 -14.51 2.01
C VAL A 147 -20.82 -14.30 3.01
N THR A 148 -21.20 -13.03 3.19
CA THR A 148 -22.29 -12.68 4.09
C THR A 148 -23.54 -12.33 3.30
N GLY A 149 -24.67 -12.85 3.78
CA GLY A 149 -25.97 -12.54 3.19
C GLY A 149 -27.00 -13.58 3.57
N HIS A 150 -28.27 -13.22 3.41
CA HIS A 150 -29.37 -14.16 3.64
C HIS A 150 -29.31 -15.27 2.62
N TRP A 151 -29.67 -16.48 3.02
CA TRP A 151 -29.52 -17.67 2.17
C TRP A 151 -30.37 -17.67 0.93
N GLN A 152 -31.39 -16.82 0.88
CA GLN A 152 -32.21 -16.65 -0.33
C GLN A 152 -31.73 -15.51 -1.22
N ASP A 153 -30.69 -14.79 -0.78
CA ASP A 153 -30.14 -13.66 -1.53
C ASP A 153 -29.43 -14.13 -2.79
N LYS A 154 -29.91 -13.68 -3.95
CA LYS A 154 -29.37 -14.11 -5.24
C LYS A 154 -27.98 -13.57 -5.50
N GLN A 155 -27.67 -12.41 -4.94
CA GLN A 155 -26.31 -11.84 -5.02
C GLN A 155 -25.33 -12.73 -4.25
N ALA A 156 -25.77 -13.25 -3.11
CA ALA A 156 -24.98 -14.19 -2.32
C ALA A 156 -24.79 -15.52 -3.04
N HIS A 157 -25.82 -15.97 -3.75
CA HIS A 157 -25.74 -17.19 -4.56
C HIS A 157 -24.68 -17.08 -5.61
N GLU A 158 -24.65 -15.94 -6.30
CA GLU A 158 -23.64 -15.67 -7.35
C GLU A 158 -22.22 -15.79 -6.81
N ARG A 159 -21.99 -15.17 -5.65
CA ARG A 159 -20.65 -15.13 -5.05
C ARG A 159 -20.23 -16.52 -4.54
N ILE A 160 -21.15 -17.23 -3.88
CA ILE A 160 -20.89 -18.60 -3.44
C ILE A 160 -20.59 -19.49 -4.64
N GLY A 161 -21.44 -19.41 -5.65
CA GLY A 161 -21.24 -20.16 -6.90
C GLY A 161 -19.91 -19.86 -7.56
N SER A 162 -19.53 -18.57 -7.57
CA SER A 162 -18.26 -18.14 -8.14
C SER A 162 -17.08 -18.80 -7.42
N TRP A 163 -17.18 -18.92 -6.10
CA TRP A 163 -16.15 -19.59 -5.29
C TRP A 163 -16.10 -21.07 -5.56
N MSE A 164 -17.28 -21.69 -5.68
CA MSE A 164 -17.38 -23.12 -5.96
C MSE A 164 -16.71 -23.46 -7.27
O MSE A 164 -16.06 -24.50 -7.41
CB MSE A 164 -18.84 -23.58 -6.00
CG MSE A 164 -19.47 -23.50 -4.61
SE MSE A 164 -21.41 -23.80 -4.69
CE MSE A 164 -21.37 -25.57 -5.58
N ARG A 165 -16.84 -22.55 -8.24
CA ARG A 165 -16.19 -22.66 -9.54
C ARG A 165 -14.67 -22.80 -9.38
N GLN A 166 -14.09 -21.93 -8.57
CA GLN A 166 -12.65 -21.94 -8.30
C GLN A 166 -12.23 -23.21 -7.56
N ALA A 167 -13.08 -23.64 -6.64
CA ALA A 167 -12.85 -24.88 -5.89
C ALA A 167 -12.68 -26.05 -6.86
N VAL A 168 -13.61 -26.19 -7.79
CA VAL A 168 -13.56 -27.24 -8.80
C VAL A 168 -12.30 -27.13 -9.66
N SER A 169 -12.00 -25.92 -10.10
CA SER A 169 -10.82 -25.65 -10.92
C SER A 169 -9.53 -26.11 -10.25
N LYS A 170 -9.43 -25.88 -8.95
CA LYS A 170 -8.24 -26.26 -8.18
C LYS A 170 -8.03 -27.77 -8.16
N GLN A 171 -9.11 -28.53 -7.96
CA GLN A 171 -9.03 -30.00 -7.98
C GLN A 171 -8.65 -30.51 -9.36
N ASP A 172 -9.35 -30.04 -10.38
CA ASP A 172 -9.10 -30.45 -11.76
C ASP A 172 -7.64 -30.25 -12.16
N THR A 173 -7.10 -29.07 -11.82
CA THR A 173 -5.73 -28.71 -12.14
C THR A 173 -4.69 -29.67 -11.54
N ARG A 174 -5.04 -30.31 -10.43
CA ARG A 174 -4.16 -31.28 -9.78
C ARG A 174 -3.99 -32.56 -10.60
N HIS A 175 -4.90 -32.80 -11.55
CA HIS A 175 -4.81 -33.93 -12.48
C HIS A 175 -4.49 -33.54 -13.89
N LEU A 176 -4.21 -32.25 -14.10
CA LEU A 176 -3.94 -31.73 -15.44
C LEU A 176 -2.56 -32.17 -15.91
N LYS A 177 -2.50 -32.75 -17.10
CA LYS A 177 -1.26 -33.26 -17.69
C LYS A 177 -0.99 -32.55 -19.01
N VAL A 178 0.21 -32.00 -19.14
CA VAL A 178 0.64 -31.35 -20.37
C VAL A 178 1.62 -32.23 -21.12
N CYS A 179 1.38 -32.40 -22.42
CA CYS A 179 2.28 -33.12 -23.31
C CYS A 179 3.00 -32.14 -24.22
N ARG A 180 4.31 -32.05 -24.09
CA ARG A 180 5.11 -31.19 -24.97
C ARG A 180 5.69 -32.02 -26.11
N PHE A 181 5.48 -31.53 -27.33
CA PHE A 181 6.13 -32.10 -28.52
C PHE A 181 7.35 -31.26 -28.87
N GLY A 182 8.48 -31.59 -28.26
CA GLY A 182 9.71 -30.81 -28.40
C GLY A 182 9.87 -29.77 -27.30
N ASP A 183 11.06 -29.18 -27.23
CA ASP A 183 11.40 -28.24 -26.17
C ASP A 183 11.03 -26.78 -26.53
N ASN A 184 11.36 -25.84 -25.65
CA ASN A 184 11.16 -24.41 -25.88
C ASN A 184 11.89 -23.92 -27.12
N MSE A 185 11.36 -22.86 -27.73
CA MSE A 185 12.09 -22.13 -28.76
C MSE A 185 13.39 -21.69 -28.17
O MSE A 185 13.42 -21.18 -27.03
CB MSE A 185 11.31 -20.90 -29.25
CG MSE A 185 12.00 -20.12 -30.37
SE MSE A 185 10.98 -18.50 -30.90
CE MSE A 185 9.12 -19.08 -30.73
N ARG A 186 14.48 -21.88 -28.90
CA ARG A 186 15.81 -21.52 -28.41
C ARG A 186 15.92 -20.03 -28.08
N GLU A 187 16.67 -19.73 -27.02
CA GLU A 187 17.00 -18.37 -26.58
C GLU A 187 15.84 -17.59 -25.92
N VAL A 188 14.65 -18.20 -25.84
CA VAL A 188 13.50 -17.54 -25.22
C VAL A 188 13.46 -17.73 -23.71
N ALA A 189 13.10 -16.67 -22.98
CA ALA A 189 13.13 -16.67 -21.51
C ALA A 189 11.77 -16.89 -20.85
N VAL A 190 10.77 -16.14 -21.29
CA VAL A 190 9.48 -16.11 -20.59
C VAL A 190 8.75 -17.45 -20.60
N THR A 191 8.94 -18.20 -21.67
CA THR A 191 8.27 -19.49 -21.85
C THR A 191 8.98 -20.60 -21.09
N ASP A 192 10.17 -20.31 -20.57
CA ASP A 192 10.93 -21.26 -19.78
C ASP A 192 10.47 -21.18 -18.32
N GLY A 193 11.07 -21.98 -17.46
CA GLY A 193 10.74 -21.99 -16.03
C GLY A 193 11.06 -23.32 -15.37
N ASP A 194 10.50 -23.50 -14.19
CA ASP A 194 10.74 -24.68 -13.35
C ASP A 194 9.49 -25.54 -13.30
N LYS A 195 9.49 -26.64 -14.06
CA LYS A 195 8.33 -27.54 -14.13
C LYS A 195 8.06 -28.22 -12.79
N VAL A 196 9.12 -28.51 -12.05
CA VAL A 196 8.99 -29.10 -10.72
C VAL A 196 8.25 -28.15 -9.77
N ALA A 197 8.62 -26.87 -9.81
CA ALA A 197 7.97 -25.84 -8.99
C ALA A 197 6.50 -25.71 -9.34
N ALA A 198 6.20 -25.74 -10.65
CA ALA A 198 4.84 -25.65 -11.13
C ALA A 198 3.98 -26.80 -10.59
N GLN A 199 4.52 -28.03 -10.66
CA GLN A 199 3.78 -29.21 -10.20
C GLN A 199 3.58 -29.20 -8.68
N ILE A 200 4.61 -28.79 -7.95
CA ILE A 200 4.51 -28.63 -6.49
C ILE A 200 3.41 -27.62 -6.14
N LYS A 201 3.40 -26.50 -6.85
CA LYS A 201 2.50 -25.37 -6.57
C LYS A 201 1.07 -25.61 -7.03
N PHE A 202 0.92 -25.97 -8.30
CA PHE A 202 -0.40 -26.07 -8.94
C PHE A 202 -0.88 -27.49 -9.12
N GLY A 203 0.04 -28.44 -9.14
CA GLY A 203 -0.31 -29.86 -9.25
C GLY A 203 -0.35 -30.40 -10.66
N PHE A 204 -0.24 -29.53 -11.67
CA PHE A 204 -0.23 -30.01 -13.05
C PHE A 204 1.17 -30.46 -13.46
N SER A 205 1.22 -31.41 -14.40
CA SER A 205 2.47 -32.03 -14.81
C SER A 205 2.82 -31.67 -16.24
N VAL A 206 4.12 -31.56 -16.49
CA VAL A 206 4.62 -31.20 -17.81
C VAL A 206 5.80 -32.10 -18.19
N ASN A 207 5.60 -32.91 -19.24
CA ASN A 207 6.64 -33.81 -19.73
C ASN A 207 6.66 -33.88 -21.25
N THR A 208 7.85 -34.14 -21.81
CA THR A 208 8.02 -34.07 -23.27
C THR A 208 8.09 -35.43 -23.93
N TRP A 209 7.32 -35.55 -25.01
CA TRP A 209 7.42 -36.69 -25.91
C TRP A 209 8.04 -36.25 -27.20
N ALA A 210 8.92 -37.07 -27.73
CA ALA A 210 9.62 -36.76 -28.97
C ALA A 210 8.63 -36.57 -30.10
N VAL A 211 8.92 -35.63 -30.99
CA VAL A 211 8.10 -35.40 -32.18
C VAL A 211 7.95 -36.70 -32.98
N GLY A 212 9.00 -37.52 -32.98
CA GLY A 212 9.00 -38.82 -33.64
C GLY A 212 7.89 -39.75 -33.13
N ASP A 213 7.66 -39.75 -31.82
CA ASP A 213 6.56 -40.54 -31.23
C ASP A 213 5.21 -40.14 -31.84
N LEU A 214 5.00 -38.84 -31.96
CA LEU A 214 3.76 -38.31 -32.54
C LEU A 214 3.65 -38.66 -34.02
N VAL A 215 4.76 -38.51 -34.74
CA VAL A 215 4.82 -38.81 -36.17
C VAL A 215 4.40 -40.25 -36.48
N GLN A 216 4.84 -41.18 -35.64
CA GLN A 216 4.46 -42.59 -35.78
C GLN A 216 2.94 -42.79 -35.73
N VAL A 217 2.27 -42.08 -34.83
CA VAL A 217 0.82 -42.18 -34.69
C VAL A 217 0.10 -41.49 -35.85
N VAL A 218 0.63 -40.34 -36.27
CA VAL A 218 0.08 -39.61 -37.41
C VAL A 218 0.16 -40.45 -38.69
N ASN A 219 1.30 -41.09 -38.91
CA ASN A 219 1.51 -41.96 -40.08
C ASN A 219 0.69 -43.26 -40.07
N SER A 220 0.16 -43.63 -38.92
CA SER A 220 -0.67 -44.84 -38.80
C SER A 220 -2.16 -44.61 -39.10
N ILE A 221 -2.59 -43.36 -39.23
CA ILE A 221 -4.02 -43.05 -39.38
C ILE A 221 -4.54 -43.51 -40.74
N SER A 222 -5.73 -44.12 -40.74
CA SER A 222 -6.31 -44.66 -41.99
C SER A 222 -6.73 -43.53 -42.93
N ASP A 223 -6.70 -43.82 -44.23
CA ASP A 223 -7.15 -42.88 -45.25
C ASP A 223 -8.64 -42.60 -45.12
N GLY A 224 -9.39 -43.63 -44.71
CA GLY A 224 -10.83 -43.52 -44.49
C GLY A 224 -11.18 -42.51 -43.40
N ASP A 225 -10.47 -42.58 -42.28
CA ASP A 225 -10.68 -41.67 -41.17
C ASP A 225 -10.30 -40.23 -41.54
N VAL A 226 -9.23 -40.09 -42.33
CA VAL A 226 -8.80 -38.79 -42.85
C VAL A 226 -9.87 -38.16 -43.74
N ASN A 227 -10.42 -38.95 -44.65
CA ASN A 227 -11.48 -38.48 -45.55
C ASN A 227 -12.75 -38.09 -44.80
N ALA A 228 -13.11 -38.88 -43.79
CA ALA A 228 -14.29 -38.61 -42.96
C ALA A 228 -14.19 -37.28 -42.23
N LEU A 229 -12.99 -36.95 -41.74
CA LEU A 229 -12.75 -35.69 -41.04
C LEU A 229 -12.81 -34.51 -42.01
N VAL A 230 -12.31 -34.72 -43.23
CA VAL A 230 -12.36 -33.70 -44.28
C VAL A 230 -13.81 -33.37 -44.67
N ASP A 231 -14.68 -34.38 -44.61
CA ASP A 231 -16.13 -34.18 -44.85
C ASP A 231 -16.72 -33.26 -43.78
N GLU A 232 -16.28 -33.44 -42.54
CA GLU A 232 -16.72 -32.62 -41.41
C GLU A 232 -16.20 -31.17 -41.53
N TYR A 233 -15.00 -31.00 -42.11
CA TYR A 233 -14.47 -29.67 -42.41
C TYR A 233 -15.40 -28.92 -43.35
N GLU A 234 -15.78 -29.58 -44.45
CA GLU A 234 -16.60 -28.95 -45.50
C GLU A 234 -17.99 -28.55 -45.00
N SER A 235 -18.52 -29.31 -44.04
CA SER A 235 -19.83 -29.00 -43.45
C SER A 235 -19.73 -27.89 -42.40
N CYS A 236 -18.59 -27.83 -41.71
CA CYS A 236 -18.36 -26.84 -40.65
C CYS A 236 -17.90 -25.49 -41.17
N TYR A 237 -17.03 -25.50 -42.19
CA TYR A 237 -16.28 -24.31 -42.60
C TYR A 237 -16.58 -23.84 -44.02
N THR A 238 -16.23 -22.58 -44.26
CA THR A 238 -16.29 -21.98 -45.58
C THR A 238 -14.97 -22.27 -46.28
N MSE A 239 -15.01 -23.15 -47.27
CA MSE A 239 -13.81 -23.65 -47.92
C MSE A 239 -13.46 -22.74 -49.08
O MSE A 239 -14.28 -22.52 -49.96
CB MSE A 239 -14.04 -25.09 -48.42
CG MSE A 239 -14.62 -26.04 -47.38
SE MSE A 239 -13.19 -26.68 -46.22
CE MSE A 239 -12.45 -28.06 -47.39
N THR A 240 -12.23 -22.23 -49.07
CA THR A 240 -11.74 -21.38 -50.18
C THR A 240 -11.46 -22.25 -51.41
N PRO A 241 -11.48 -21.64 -52.61
CA PRO A 241 -11.28 -22.40 -53.85
C PRO A 241 -10.07 -23.34 -53.83
N ALA A 242 -8.93 -22.83 -53.36
CA ALA A 242 -7.69 -23.62 -53.28
C ALA A 242 -7.80 -24.82 -52.34
N THR A 243 -8.75 -24.76 -51.41
CA THR A 243 -8.98 -25.81 -50.41
C THR A 243 -9.98 -26.87 -50.89
N GLN A 244 -10.77 -26.53 -51.90
CA GLN A 244 -11.81 -27.43 -52.40
C GLN A 244 -11.23 -28.62 -53.18
N ILE A 245 -12.13 -29.51 -53.59
CA ILE A 245 -11.79 -30.63 -54.44
C ILE A 245 -11.31 -30.01 -55.75
N HIS A 246 -10.26 -30.59 -56.30
CA HIS A 246 -9.54 -30.06 -57.47
C HIS A 246 -8.78 -28.79 -57.17
N GLY A 247 -8.71 -28.39 -55.90
CA GLY A 247 -7.89 -27.23 -55.51
C GLY A 247 -6.43 -27.59 -55.53
N GLU A 248 -5.58 -26.59 -55.73
CA GLU A 248 -4.13 -26.79 -55.76
C GLU A 248 -3.54 -27.07 -54.37
N LYS A 249 -4.29 -26.74 -53.33
CA LYS A 249 -3.87 -26.98 -51.95
C LYS A 249 -4.84 -27.95 -51.26
N ARG A 250 -5.39 -28.88 -52.03
CA ARG A 250 -6.36 -29.86 -51.52
C ARG A 250 -5.61 -30.88 -50.68
N GLN A 251 -4.46 -31.31 -51.17
CA GLN A 251 -3.63 -32.30 -50.48
C GLN A 251 -3.14 -31.78 -49.12
N ASN A 252 -2.87 -30.49 -49.03
CA ASN A 252 -2.45 -29.87 -47.76
C ASN A 252 -3.55 -29.94 -46.71
N VAL A 253 -4.80 -29.95 -47.16
CA VAL A 253 -5.96 -30.10 -46.28
C VAL A 253 -6.06 -31.53 -45.72
N LEU A 254 -5.90 -32.52 -46.59
CA LEU A 254 -5.95 -33.91 -46.17
C LEU A 254 -4.87 -34.18 -45.11
N GLU A 255 -3.67 -33.66 -45.33
CA GLU A 255 -2.54 -33.84 -44.42
C GLU A 255 -2.79 -33.14 -43.09
N ALA A 256 -3.46 -31.98 -43.13
CA ALA A 256 -3.84 -31.27 -41.91
C ALA A 256 -4.80 -32.11 -41.06
N ALA A 257 -5.72 -32.78 -41.74
CA ALA A 257 -6.66 -33.71 -41.08
C ALA A 257 -5.93 -34.91 -40.50
N ARG A 258 -4.93 -35.40 -41.23
CA ARG A 258 -4.11 -36.52 -40.78
C ARG A 258 -3.38 -36.20 -39.49
N ILE A 259 -2.85 -34.98 -39.42
CA ILE A 259 -2.12 -34.51 -38.25
C ILE A 259 -3.06 -34.33 -37.07
N GLU A 260 -4.24 -33.78 -37.32
CA GLU A 260 -5.26 -33.61 -36.28
C GLU A 260 -5.69 -34.93 -35.66
N LEU A 261 -5.95 -35.93 -36.50
CA LEU A 261 -6.38 -37.25 -36.02
C LEU A 261 -5.27 -37.95 -35.24
N GLY A 262 -4.03 -37.79 -35.69
CA GLY A 262 -2.87 -38.36 -35.02
C GLY A 262 -2.61 -37.72 -33.67
N MSE A 263 -2.67 -36.39 -33.64
CA MSE A 263 -2.51 -35.64 -32.40
C MSE A 263 -3.59 -35.99 -31.42
O MSE A 263 -3.32 -36.18 -30.23
CB MSE A 263 -2.54 -34.13 -32.66
CG MSE A 263 -1.22 -33.69 -33.28
SE MSE A 263 -1.21 -31.72 -33.47
CE MSE A 263 -0.42 -31.44 -31.69
N LYS A 264 -4.83 -36.04 -31.90
CA LYS A 264 -5.99 -36.34 -31.04
C LYS A 264 -5.89 -37.73 -30.43
N ARG A 265 -5.50 -38.70 -31.26
CA ARG A 265 -5.32 -40.09 -30.82
C ARG A 265 -4.23 -40.17 -29.76
N PHE A 266 -3.11 -39.52 -30.03
CA PHE A 266 -1.98 -39.49 -29.12
C PHE A 266 -2.38 -38.87 -27.78
N LEU A 267 -3.08 -37.74 -27.85
CA LEU A 267 -3.55 -37.03 -26.66
C LEU A 267 -4.52 -37.86 -25.83
N GLU A 268 -5.51 -38.45 -26.50
CA GLU A 268 -6.54 -39.25 -25.83
C GLU A 268 -5.96 -40.49 -25.16
N GLN A 269 -5.10 -41.20 -25.88
CA GLN A 269 -4.49 -42.44 -25.38
C GLN A 269 -3.54 -42.19 -24.22
N GLY A 270 -2.92 -41.00 -24.20
CA GLY A 270 -2.04 -40.60 -23.10
C GLY A 270 -2.76 -39.94 -21.95
N GLY A 271 -4.05 -39.65 -22.11
CA GLY A 271 -4.85 -38.99 -21.08
C GLY A 271 -4.44 -37.55 -20.85
N PHE A 272 -3.99 -36.88 -21.91
CA PHE A 272 -3.51 -35.51 -21.82
C PHE A 272 -4.65 -34.51 -21.94
N HIS A 273 -4.45 -33.35 -21.32
CA HIS A 273 -5.45 -32.28 -21.29
C HIS A 273 -4.96 -31.01 -21.95
N ALA A 274 -3.67 -30.94 -22.22
CA ALA A 274 -3.07 -29.80 -22.92
C ALA A 274 -1.76 -30.22 -23.57
N PHE A 275 -1.29 -29.41 -24.52
CA PHE A 275 -0.06 -29.72 -25.26
C PHE A 275 0.61 -28.49 -25.85
N THR A 276 1.85 -28.68 -26.28
CA THR A 276 2.61 -27.64 -26.96
C THR A 276 3.32 -28.21 -28.18
N THR A 277 3.62 -27.31 -29.12
CA THR A 277 4.45 -27.65 -30.27
C THR A 277 5.63 -26.68 -30.32
N THR A 278 6.59 -26.98 -31.19
CA THR A 278 7.69 -26.05 -31.47
C THR A 278 8.06 -26.13 -32.95
N PHE A 279 8.01 -25.00 -33.64
CA PHE A 279 8.30 -24.95 -35.08
C PHE A 279 9.76 -25.28 -35.40
N GLU A 280 10.63 -25.24 -34.39
CA GLU A 280 12.04 -25.61 -34.55
C GLU A 280 12.27 -27.13 -34.50
N ASP A 281 11.23 -27.91 -34.22
CA ASP A 281 11.30 -29.38 -34.22
C ASP A 281 10.03 -29.99 -34.81
N LEU A 282 10.02 -30.14 -36.13
CA LEU A 282 8.88 -30.71 -36.85
C LEU A 282 9.29 -31.85 -37.77
N HIS A 283 10.37 -32.55 -37.41
CA HIS A 283 10.87 -33.67 -38.23
C HIS A 283 9.86 -34.76 -38.34
N GLY A 284 9.58 -35.17 -39.57
CA GLY A 284 8.59 -36.22 -39.84
C GLY A 284 7.19 -35.70 -40.11
N LEU A 285 6.93 -34.43 -39.79
CA LEU A 285 5.62 -33.82 -40.02
C LEU A 285 5.63 -33.04 -41.33
N LYS A 286 4.51 -33.07 -42.03
CA LYS A 286 4.38 -32.39 -43.31
C LYS A 286 4.24 -30.88 -43.14
N GLN A 287 3.67 -30.46 -42.02
CA GLN A 287 3.45 -29.04 -41.76
C GLN A 287 3.27 -28.75 -40.27
N LEU A 288 3.51 -27.49 -39.90
CA LEU A 288 3.25 -27.03 -38.53
C LEU A 288 1.76 -27.24 -38.24
N PRO A 289 1.42 -27.95 -37.15
CA PRO A 289 0.01 -28.12 -36.81
C PRO A 289 -0.70 -26.77 -36.61
N GLY A 290 -1.73 -26.53 -37.40
CA GLY A 290 -2.47 -25.27 -37.35
C GLY A 290 -3.94 -25.52 -37.15
N LEU A 291 -4.61 -25.95 -38.21
CA LEU A 291 -6.01 -26.33 -38.14
C LEU A 291 -6.25 -27.31 -37.00
N ALA A 292 -5.41 -28.35 -36.95
CA ALA A 292 -5.50 -29.40 -35.92
C ALA A 292 -5.56 -28.79 -34.51
N VAL A 293 -4.62 -27.91 -34.23
CA VAL A 293 -4.51 -27.27 -32.92
C VAL A 293 -5.73 -26.41 -32.60
N GLN A 294 -6.25 -25.73 -33.61
CA GLN A 294 -7.41 -24.85 -33.44
C GLN A 294 -8.67 -25.63 -33.03
N ARG A 295 -8.91 -26.76 -33.70
CA ARG A 295 -10.09 -27.58 -33.41
C ARG A 295 -9.93 -28.31 -32.08
N LEU A 296 -8.70 -28.72 -31.77
CA LEU A 296 -8.40 -29.35 -30.49
C LEU A 296 -8.65 -28.37 -29.34
N MSE A 297 -8.23 -27.12 -29.54
CA MSE A 297 -8.50 -26.06 -28.57
C MSE A 297 -9.98 -25.88 -28.37
O MSE A 297 -10.45 -25.80 -27.24
CB MSE A 297 -7.84 -24.74 -28.99
CG MSE A 297 -6.38 -24.66 -28.56
SE MSE A 297 -5.68 -22.83 -28.68
CE MSE A 297 -5.86 -22.61 -30.64
N GLN A 298 -10.72 -25.81 -29.48
CA GLN A 298 -12.18 -25.68 -29.43
C GLN A 298 -12.83 -26.84 -28.68
N GLN A 299 -12.27 -28.03 -28.84
CA GLN A 299 -12.76 -29.23 -28.15
C GLN A 299 -12.36 -29.29 -26.68
N GLY A 300 -11.64 -28.27 -26.21
CA GLY A 300 -11.35 -28.10 -24.78
C GLY A 300 -9.90 -28.25 -24.36
N TYR A 301 -9.03 -28.61 -25.32
CA TYR A 301 -7.62 -28.81 -25.00
C TYR A 301 -6.88 -27.50 -24.77
N GLY A 302 -5.93 -27.54 -23.85
CA GLY A 302 -5.03 -26.42 -23.63
C GLY A 302 -3.91 -26.44 -24.64
N PHE A 303 -3.41 -25.26 -24.99
CA PHE A 303 -2.32 -25.16 -25.95
C PHE A 303 -1.61 -23.81 -25.87
N ALA A 304 -0.31 -23.84 -26.17
CA ALA A 304 0.48 -22.65 -26.39
C ALA A 304 1.62 -23.01 -27.34
N GLY A 305 2.08 -22.02 -28.09
CA GLY A 305 3.11 -22.24 -29.10
C GLY A 305 4.52 -22.31 -28.53
N GLU A 306 5.45 -22.69 -29.38
CA GLU A 306 6.89 -22.81 -29.06
C GLU A 306 7.21 -23.34 -27.65
N GLY A 307 6.59 -24.46 -27.30
CA GLY A 307 6.88 -25.18 -26.05
C GLY A 307 6.46 -24.47 -24.79
N ASP A 308 5.52 -23.53 -24.90
CA ASP A 308 5.10 -22.69 -23.79
C ASP A 308 4.07 -23.42 -22.90
N TRP A 309 4.58 -24.20 -21.96
CA TRP A 309 3.75 -25.07 -21.12
C TRP A 309 2.91 -24.33 -20.09
N LYS A 310 3.43 -23.22 -19.56
CA LYS A 310 2.67 -22.42 -18.59
C LYS A 310 1.34 -21.91 -19.16
N THR A 311 1.41 -21.35 -20.37
CA THR A 311 0.22 -20.81 -21.02
C THR A 311 -0.71 -21.91 -21.50
N ALA A 312 -0.14 -23.00 -21.99
CA ALA A 312 -0.91 -24.17 -22.40
C ALA A 312 -1.73 -24.71 -21.23
N ALA A 313 -1.07 -24.86 -20.09
CA ALA A 313 -1.74 -25.30 -18.86
C ALA A 313 -2.82 -24.30 -18.47
N LEU A 314 -2.46 -23.00 -18.52
CA LEU A 314 -3.39 -21.93 -18.15
C LEU A 314 -4.64 -21.95 -19.03
N LEU A 315 -4.45 -22.15 -20.33
CA LEU A 315 -5.57 -22.19 -21.28
C LEU A 315 -6.57 -23.27 -20.86
N ARG A 316 -6.07 -24.46 -20.61
CA ARG A 316 -6.90 -25.59 -20.17
C ARG A 316 -7.63 -25.26 -18.87
N ILE A 317 -6.89 -24.77 -17.90
CA ILE A 317 -7.45 -24.34 -16.62
C ILE A 317 -8.63 -23.40 -16.83
N MSE A 318 -8.41 -22.34 -17.61
CA MSE A 318 -9.43 -21.31 -17.81
C MSE A 318 -10.57 -21.80 -18.67
O MSE A 318 -11.71 -21.41 -18.45
CB MSE A 318 -8.76 -20.05 -18.37
CG MSE A 318 -7.88 -19.42 -17.28
SE MSE A 318 -6.95 -17.80 -17.90
CE MSE A 318 -8.51 -16.66 -18.29
N LYS A 319 -10.26 -22.66 -19.64
CA LYS A 319 -11.32 -23.31 -20.44
C LYS A 319 -12.25 -24.13 -19.55
N VAL A 320 -11.65 -24.96 -18.70
CA VAL A 320 -12.42 -25.76 -17.74
C VAL A 320 -13.15 -24.86 -16.75
N MSE A 321 -12.48 -23.79 -16.31
CA MSE A 321 -13.07 -22.82 -15.37
C MSE A 321 -14.30 -22.18 -15.93
O MSE A 321 -15.24 -21.88 -15.19
CB MSE A 321 -12.05 -21.72 -15.08
CG MSE A 321 -12.42 -20.82 -13.91
SE MSE A 321 -11.04 -19.40 -13.80
CE MSE A 321 -9.61 -20.42 -12.90
N SER A 322 -14.35 -21.98 -17.25
CA SER A 322 -15.44 -21.25 -17.89
C SER A 322 -16.62 -22.13 -18.31
N THR A 323 -16.62 -23.39 -17.90
CA THR A 323 -17.67 -24.34 -18.29
C THR A 323 -19.06 -23.83 -17.90
N GLY A 324 -19.96 -23.79 -18.88
CA GLY A 324 -21.34 -23.36 -18.64
C GLY A 324 -21.56 -21.85 -18.69
N LEU A 325 -20.47 -21.09 -18.90
CA LEU A 325 -20.55 -19.64 -19.04
C LEU A 325 -20.56 -19.25 -20.52
N GLN A 326 -21.08 -18.07 -20.82
CA GLN A 326 -21.14 -17.55 -22.19
C GLN A 326 -19.81 -16.92 -22.60
N GLY A 327 -19.21 -17.46 -23.65
CA GLY A 327 -18.05 -16.84 -24.27
C GLY A 327 -16.89 -17.80 -24.44
N GLY A 328 -16.00 -17.46 -25.38
CA GLY A 328 -14.84 -18.28 -25.68
C GLY A 328 -13.59 -17.93 -24.90
N THR A 329 -12.64 -18.86 -24.91
CA THR A 329 -11.33 -18.67 -24.31
C THR A 329 -10.27 -19.25 -25.24
N SER A 330 -9.20 -18.49 -25.47
CA SER A 330 -8.21 -18.85 -26.48
C SER A 330 -6.78 -18.49 -26.14
N PHE A 331 -5.86 -19.25 -26.72
CA PHE A 331 -4.46 -18.86 -26.80
C PHE A 331 -4.37 -17.59 -27.64
N MSE A 332 -3.50 -16.68 -27.25
CA MSE A 332 -3.41 -15.37 -27.90
C MSE A 332 -2.03 -14.79 -27.77
O MSE A 332 -1.31 -15.08 -26.81
CB MSE A 332 -4.45 -14.45 -27.23
CG MSE A 332 -4.60 -13.08 -27.89
SE MSE A 332 -5.25 -13.24 -29.74
CE MSE A 332 -6.98 -14.15 -29.42
N GLU A 333 -1.66 -13.98 -28.74
CA GLU A 333 -0.40 -13.24 -28.72
C GLU A 333 -0.60 -11.83 -29.28
N ASP A 334 -0.01 -10.83 -28.62
CA ASP A 334 -0.06 -9.45 -29.10
C ASP A 334 0.82 -9.32 -30.33
N TYR A 335 0.20 -9.18 -31.49
CA TYR A 335 0.95 -9.14 -32.75
C TYR A 335 1.38 -7.75 -33.19
N THR A 336 0.43 -6.83 -33.33
CA THR A 336 0.74 -5.47 -33.77
C THR A 336 -0.26 -4.46 -33.23
N TYR A 337 0.09 -3.17 -33.35
CA TYR A 337 -0.70 -2.07 -32.80
C TYR A 337 -1.26 -1.15 -33.86
N HIS A 338 -2.31 -0.44 -33.47
CA HIS A 338 -2.87 0.66 -34.24
C HIS A 338 -2.80 1.87 -33.37
N PHE A 339 -1.91 2.80 -33.71
CA PHE A 339 -1.77 4.05 -32.96
C PHE A 339 -2.66 5.16 -33.53
N GLU A 340 -3.64 5.59 -32.74
CA GLU A 340 -4.55 6.65 -33.12
C GLU A 340 -5.15 7.29 -31.87
N LYS A 341 -5.12 8.62 -31.81
CA LYS A 341 -5.64 9.37 -30.67
C LYS A 341 -7.08 8.96 -30.36
N GLY A 342 -7.30 8.47 -29.14
CA GLY A 342 -8.63 8.05 -28.69
C GLY A 342 -9.10 6.71 -29.23
N ASN A 343 -8.26 6.05 -30.03
CA ASN A 343 -8.62 4.77 -30.63
C ASN A 343 -7.38 3.90 -30.85
N ASP A 344 -6.56 3.80 -29.80
CA ASP A 344 -5.40 2.92 -29.82
C ASP A 344 -5.88 1.49 -29.69
N LEU A 345 -5.54 0.66 -30.67
CA LEU A 345 -5.99 -0.73 -30.69
C LEU A 345 -4.80 -1.69 -30.71
N VAL A 346 -5.04 -2.88 -30.17
CA VAL A 346 -4.07 -3.98 -30.24
C VAL A 346 -4.66 -5.08 -31.10
N LEU A 347 -3.91 -5.50 -32.12
CA LEU A 347 -4.29 -6.65 -32.93
C LEU A 347 -3.60 -7.90 -32.37
N GLY A 348 -4.41 -8.90 -32.05
CA GLY A 348 -3.90 -10.14 -31.46
C GLY A 348 -4.10 -11.32 -32.40
N SER A 349 -3.13 -12.21 -32.43
CA SER A 349 -3.19 -13.41 -33.27
C SER A 349 -2.11 -14.42 -32.87
N HIS A 350 -1.91 -15.42 -33.72
CA HIS A 350 -0.68 -16.23 -33.68
C HIS A 350 -0.42 -16.77 -35.06
N MSE A 351 0.83 -17.14 -35.29
CA MSE A 351 1.26 -17.81 -36.52
C MSE A 351 0.19 -18.60 -37.22
O MSE A 351 -0.02 -18.46 -38.44
CB MSE A 351 2.38 -18.71 -35.98
CG MSE A 351 3.07 -19.63 -36.95
SE MSE A 351 4.76 -20.05 -36.06
CE MSE A 351 4.05 -20.95 -34.47
N LEU A 352 -0.52 -19.42 -36.46
CA LEU A 352 -1.66 -20.20 -36.96
C LEU A 352 -2.77 -20.40 -35.92
N GLU A 353 -2.38 -20.60 -34.66
CA GLU A 353 -3.22 -21.30 -33.66
C GLU A 353 -4.06 -20.34 -32.82
N VAL A 354 -5.21 -19.95 -33.36
CA VAL A 354 -6.19 -19.14 -32.63
C VAL A 354 -7.49 -19.96 -32.53
N CYS A 355 -8.05 -20.03 -31.33
CA CYS A 355 -9.21 -20.89 -31.06
C CYS A 355 -10.52 -20.28 -31.58
N PRO A 356 -11.28 -21.04 -32.39
CA PRO A 356 -12.53 -20.53 -32.96
C PRO A 356 -13.68 -20.40 -31.96
N SER A 357 -13.46 -20.80 -30.72
CA SER A 357 -14.45 -20.62 -29.64
C SER A 357 -14.81 -19.15 -29.43
N ILE A 358 -13.87 -18.26 -29.78
CA ILE A 358 -14.09 -16.81 -29.70
C ILE A 358 -14.57 -16.18 -31.01
N ALA A 359 -14.82 -17.01 -32.02
CA ALA A 359 -15.19 -16.52 -33.35
C ALA A 359 -16.60 -15.95 -33.36
N VAL A 360 -16.84 -15.00 -34.25
CA VAL A 360 -18.17 -14.40 -34.41
C VAL A 360 -18.92 -15.10 -35.52
N GLU A 361 -18.21 -15.28 -36.64
CA GLU A 361 -18.78 -15.88 -37.83
C GLU A 361 -19.16 -17.33 -37.56
N GLU A 362 -20.41 -17.67 -37.85
CA GLU A 362 -20.87 -19.05 -37.65
C GLU A 362 -19.92 -20.03 -38.34
N LYS A 363 -19.36 -19.59 -39.47
CA LYS A 363 -18.47 -20.43 -40.27
C LYS A 363 -17.18 -19.73 -40.64
N PRO A 364 -16.10 -20.12 -39.97
CA PRO A 364 -14.78 -19.61 -40.27
C PRO A 364 -14.34 -20.03 -41.65
N ILE A 365 -13.34 -19.33 -42.17
CA ILE A 365 -12.75 -19.68 -43.45
C ILE A 365 -11.67 -20.70 -43.18
N LEU A 366 -11.52 -21.67 -44.06
CA LEU A 366 -10.47 -22.67 -43.94
C LEU A 366 -9.57 -22.49 -45.15
N ASP A 367 -8.31 -22.13 -44.90
CA ASP A 367 -7.41 -21.77 -45.98
C ASP A 367 -6.02 -22.36 -45.76
N VAL A 368 -5.26 -22.43 -46.85
CA VAL A 368 -3.89 -22.90 -46.82
C VAL A 368 -3.05 -21.83 -47.49
N GLN A 369 -2.03 -21.37 -46.80
CA GLN A 369 -1.13 -20.38 -47.34
C GLN A 369 0.24 -20.63 -46.83
N HIS A 370 1.18 -19.83 -47.28
CA HIS A 370 2.56 -20.08 -47.07
C HIS A 370 2.90 -19.66 -45.66
N LEU A 371 3.65 -20.51 -44.97
CA LEU A 371 4.31 -20.13 -43.72
C LEU A 371 5.80 -20.47 -43.77
N GLY A 372 6.63 -19.43 -43.82
CA GLY A 372 8.09 -19.61 -43.85
C GLY A 372 8.62 -20.19 -42.55
N ILE A 373 8.14 -19.66 -41.44
CA ILE A 373 8.56 -20.10 -40.12
C ILE A 373 8.36 -21.60 -39.97
N GLY A 374 9.43 -22.32 -39.64
CA GLY A 374 9.40 -23.79 -39.54
C GLY A 374 9.86 -24.52 -40.78
N GLY A 375 9.76 -23.85 -41.93
CA GLY A 375 10.25 -24.41 -43.20
C GLY A 375 9.57 -25.71 -43.63
N LYS A 376 8.25 -25.70 -43.58
CA LYS A 376 7.44 -26.88 -43.93
C LYS A 376 6.38 -26.53 -44.96
N ASP A 377 5.53 -27.51 -45.29
CA ASP A 377 4.47 -27.31 -46.29
C ASP A 377 3.47 -26.24 -45.84
N ASP A 378 2.74 -25.69 -46.80
CA ASP A 378 1.74 -24.68 -46.51
C ASP A 378 0.66 -25.28 -45.63
N PRO A 379 0.53 -24.78 -44.39
CA PRO A 379 -0.40 -25.42 -43.45
C PRO A 379 -1.81 -24.87 -43.55
N ALA A 380 -2.78 -25.74 -43.26
CA ALA A 380 -4.18 -25.34 -43.21
C ALA A 380 -4.46 -24.58 -41.90
N ARG A 381 -5.34 -23.60 -41.97
CA ARG A 381 -5.76 -22.87 -40.77
C ARG A 381 -7.18 -22.32 -40.92
N LEU A 382 -7.79 -22.00 -39.79
CA LEU A 382 -9.09 -21.32 -39.76
C LEU A 382 -8.88 -19.82 -39.61
N ILE A 383 -9.48 -19.06 -40.52
CA ILE A 383 -9.43 -17.60 -40.47
C ILE A 383 -10.80 -17.06 -40.06
N PHE A 384 -10.79 -16.13 -39.12
CA PHE A 384 -12.03 -15.55 -38.57
C PHE A 384 -11.76 -14.29 -37.76
N ASN A 385 -12.83 -13.51 -37.56
CA ASN A 385 -12.81 -12.35 -36.66
C ASN A 385 -13.27 -12.78 -35.28
N THR A 386 -12.92 -11.97 -34.28
CA THR A 386 -13.24 -12.26 -32.88
C THR A 386 -14.49 -11.49 -32.45
N GLN A 387 -15.28 -12.07 -31.54
CA GLN A 387 -16.51 -11.46 -31.07
C GLN A 387 -16.24 -10.17 -30.29
N THR A 388 -17.28 -9.35 -30.16
CA THR A 388 -17.20 -8.04 -29.54
C THR A 388 -17.66 -8.10 -28.09
N GLY A 389 -16.96 -7.41 -27.20
CA GLY A 389 -17.38 -7.28 -25.81
C GLY A 389 -16.26 -7.28 -24.80
N PRO A 390 -16.60 -7.22 -23.50
CA PRO A 390 -15.59 -7.21 -22.45
C PRO A 390 -14.82 -8.51 -22.40
N ALA A 391 -13.51 -8.42 -22.21
CA ALA A 391 -12.67 -9.61 -22.10
C ALA A 391 -11.49 -9.37 -21.17
N ILE A 392 -10.76 -10.44 -20.89
CA ILE A 392 -9.49 -10.34 -20.18
C ILE A 392 -8.39 -11.04 -20.97
N VAL A 393 -7.16 -10.57 -20.83
CA VAL A 393 -5.99 -11.35 -21.23
C VAL A 393 -5.15 -11.61 -19.98
N ALA A 394 -4.79 -12.88 -19.79
CA ALA A 394 -4.09 -13.32 -18.59
C ALA A 394 -2.77 -13.98 -18.95
N SER A 395 -1.77 -13.73 -18.11
CA SER A 395 -0.45 -14.33 -18.26
C SER A 395 0.11 -14.78 -16.91
N LEU A 396 0.51 -16.04 -16.83
CA LEU A 396 1.17 -16.57 -15.64
C LEU A 396 2.66 -16.65 -15.92
N ILE A 397 3.45 -15.93 -15.13
CA ILE A 397 4.90 -15.92 -15.32
C ILE A 397 5.63 -16.45 -14.09
N ASP A 398 6.80 -17.03 -14.34
CA ASP A 398 7.65 -17.56 -13.30
C ASP A 398 8.72 -16.52 -12.98
N LEU A 399 8.66 -15.93 -11.79
CA LEU A 399 9.65 -14.94 -11.36
C LEU A 399 10.91 -15.57 -10.76
N GLY A 400 10.99 -16.91 -10.79
CA GLY A 400 12.14 -17.64 -10.29
C GLY A 400 11.90 -18.19 -8.91
N ASP A 401 11.47 -17.32 -8.01
CA ASP A 401 11.15 -17.68 -6.62
C ASP A 401 9.65 -17.79 -6.36
N ARG A 402 8.84 -17.31 -7.31
CA ARG A 402 7.39 -17.33 -7.16
C ARG A 402 6.69 -17.02 -8.48
N TYR A 403 5.38 -17.20 -8.50
CA TYR A 403 4.57 -16.94 -9.69
C TYR A 403 3.82 -15.61 -9.57
N ARG A 404 3.63 -14.97 -10.71
CA ARG A 404 2.81 -13.76 -10.82
C ARG A 404 1.76 -13.96 -11.90
N LEU A 405 0.50 -13.67 -11.57
CA LEU A 405 -0.59 -13.67 -12.54
C LEU A 405 -0.88 -12.22 -12.96
N LEU A 406 -0.62 -11.93 -14.24
CA LEU A 406 -0.98 -10.62 -14.80
C LEU A 406 -2.33 -10.73 -15.48
N VAL A 407 -3.22 -9.78 -15.20
CA VAL A 407 -4.53 -9.73 -15.84
C VAL A 407 -4.86 -8.31 -16.30
N ASN A 408 -4.99 -8.15 -17.61
CA ASN A 408 -5.36 -6.88 -18.22
C ASN A 408 -6.80 -6.96 -18.71
N CYS A 409 -7.66 -6.11 -18.16
CA CYS A 409 -9.03 -6.00 -18.63
C CYS A 409 -9.06 -5.26 -19.96
N ILE A 410 -9.76 -5.84 -20.93
CA ILE A 410 -9.80 -5.28 -22.27
C ILE A 410 -11.24 -5.26 -22.82
N ASP A 411 -11.38 -4.65 -23.99
CA ASP A 411 -12.66 -4.60 -24.69
C ASP A 411 -12.41 -4.82 -26.18
N THR A 412 -12.86 -5.97 -26.69
CA THR A 412 -12.70 -6.29 -28.11
C THR A 412 -13.65 -5.49 -28.98
N VAL A 413 -13.13 -5.04 -30.12
CA VAL A 413 -13.89 -4.19 -31.03
C VAL A 413 -13.88 -4.79 -32.42
N LYS A 414 -14.86 -4.41 -33.23
CA LYS A 414 -14.97 -4.88 -34.60
C LYS A 414 -13.88 -4.25 -35.45
N THR A 415 -13.34 -5.02 -36.39
CA THR A 415 -12.36 -4.50 -37.34
C THR A 415 -13.03 -3.42 -38.20
N PRO A 416 -12.39 -2.25 -38.33
CA PRO A 416 -13.00 -1.14 -39.07
C PRO A 416 -12.97 -1.35 -40.59
N HIS A 417 -12.11 -2.25 -41.04
CA HIS A 417 -12.01 -2.63 -42.45
C HIS A 417 -11.70 -4.10 -42.53
N SER A 418 -11.98 -4.72 -43.68
CA SER A 418 -11.61 -6.13 -43.89
C SER A 418 -10.10 -6.31 -43.89
N LEU A 419 -9.63 -7.52 -43.55
CA LEU A 419 -8.22 -7.85 -43.67
C LEU A 419 -8.09 -8.95 -44.72
N PRO A 420 -8.08 -8.58 -46.01
CA PRO A 420 -8.11 -9.60 -47.07
C PRO A 420 -6.80 -10.34 -47.29
N LYS A 421 -5.68 -9.73 -46.91
CA LYS A 421 -4.35 -10.32 -47.10
C LYS A 421 -3.75 -10.94 -45.83
N LEU A 422 -4.50 -10.90 -44.73
CA LEU A 422 -4.05 -11.49 -43.47
C LEU A 422 -4.49 -12.96 -43.41
N PRO A 423 -3.54 -13.91 -43.56
CA PRO A 423 -3.92 -15.31 -43.68
C PRO A 423 -4.22 -16.00 -42.34
N VAL A 424 -4.32 -15.23 -41.26
CA VAL A 424 -4.62 -15.79 -39.94
C VAL A 424 -5.81 -15.08 -39.32
N ALA A 425 -6.40 -15.72 -38.31
CA ALA A 425 -7.51 -15.12 -37.57
C ALA A 425 -7.00 -13.95 -36.74
N ASN A 426 -7.92 -13.12 -36.28
CA ASN A 426 -7.57 -11.93 -35.53
C ASN A 426 -8.49 -11.65 -34.35
N ALA A 427 -7.91 -11.09 -33.31
CA ALA A 427 -8.64 -10.45 -32.23
C ALA A 427 -8.18 -8.99 -32.20
N LEU A 428 -9.11 -8.08 -31.95
CA LEU A 428 -8.81 -6.65 -31.94
C LEU A 428 -9.46 -5.99 -30.74
N TRP A 429 -8.67 -5.30 -29.92
CA TRP A 429 -9.18 -4.76 -28.66
C TRP A 429 -8.59 -3.46 -28.21
N LYS A 430 -9.32 -2.79 -27.32
CA LYS A 430 -8.82 -1.63 -26.58
C LYS A 430 -8.36 -2.08 -25.21
N ALA A 431 -7.10 -1.80 -24.88
CA ALA A 431 -6.54 -2.15 -23.58
C ALA A 431 -6.87 -1.09 -22.54
N GLN A 432 -7.47 -1.50 -21.43
CA GLN A 432 -7.76 -0.59 -20.31
C GLN A 432 -6.48 -0.35 -19.50
N PRO A 433 -6.30 0.89 -18.99
CA PRO A 433 -7.11 2.10 -19.15
C PRO A 433 -6.86 2.80 -20.49
N ASP A 434 -5.64 2.65 -21.00
CA ASP A 434 -5.27 3.09 -22.34
C ASP A 434 -4.06 2.25 -22.77
N LEU A 435 -3.69 2.33 -24.04
CA LEU A 435 -2.66 1.44 -24.59
C LEU A 435 -1.26 1.71 -24.00
N PRO A 436 -0.84 2.99 -23.94
CA PRO A 436 0.47 3.26 -23.35
C PRO A 436 0.61 2.76 -21.91
N THR A 437 -0.35 3.12 -21.06
CA THR A 437 -0.31 2.72 -19.66
C THR A 437 -0.47 1.21 -19.49
N ALA A 438 -1.38 0.61 -20.26
CA ALA A 438 -1.62 -0.84 -20.19
C ALA A 438 -0.38 -1.63 -20.61
N SER A 439 0.23 -1.23 -21.71
CA SER A 439 1.44 -1.88 -22.22
C SER A 439 2.61 -1.69 -21.27
N GLU A 440 2.78 -0.47 -20.75
CA GLU A 440 3.87 -0.14 -19.84
C GLU A 440 3.78 -0.91 -18.52
N ALA A 441 2.59 -0.91 -17.92
CA ALA A 441 2.34 -1.65 -16.68
C ALA A 441 2.66 -3.14 -16.85
N TRP A 442 2.24 -3.69 -17.99
CA TRP A 442 2.48 -5.08 -18.35
C TRP A 442 3.95 -5.36 -18.48
N ILE A 443 4.66 -4.47 -19.17
CA ILE A 443 6.11 -4.59 -19.39
C ILE A 443 6.87 -4.44 -18.07
N LEU A 444 6.49 -3.45 -17.28
CA LEU A 444 7.09 -3.25 -15.94
C LEU A 444 6.92 -4.49 -15.06
N ALA A 445 5.76 -5.14 -15.16
CA ALA A 445 5.45 -6.34 -14.37
C ALA A 445 5.91 -7.65 -15.03
N GLY A 446 6.61 -7.55 -16.16
CA GLY A 446 7.22 -8.73 -16.80
C GLY A 446 6.30 -9.71 -17.52
N GLY A 447 5.06 -9.30 -17.78
CA GLY A 447 4.08 -10.16 -18.45
C GLY A 447 4.57 -10.73 -19.77
N ALA A 448 4.17 -11.97 -20.06
CA ALA A 448 4.57 -12.65 -21.30
C ALA A 448 3.89 -12.03 -22.52
N HIS A 449 4.45 -12.34 -23.68
CA HIS A 449 3.81 -12.06 -24.97
C HIS A 449 2.70 -13.04 -25.25
N HIS A 450 2.82 -14.24 -24.71
CA HIS A 450 1.74 -15.22 -24.78
C HIS A 450 0.76 -15.00 -23.68
N THR A 451 -0.52 -15.12 -24.00
CA THR A 451 -1.58 -14.93 -23.01
C THR A 451 -2.74 -15.87 -23.24
N VAL A 452 -3.66 -15.88 -22.28
CA VAL A 452 -4.96 -16.53 -22.46
C VAL A 452 -6.03 -15.46 -22.53
N PHE A 453 -6.67 -15.36 -23.70
CA PHE A 453 -7.76 -14.43 -23.94
C PHE A 453 -9.06 -15.10 -23.52
N SER A 454 -9.97 -14.32 -22.92
CA SER A 454 -11.30 -14.86 -22.57
C SER A 454 -12.42 -13.83 -22.50
N HIS A 455 -13.54 -14.16 -23.14
CA HIS A 455 -14.82 -13.45 -22.95
C HIS A 455 -15.61 -14.01 -21.80
N ALA A 456 -15.38 -15.29 -21.50
CA ALA A 456 -16.17 -16.02 -20.51
C ALA A 456 -15.84 -15.60 -19.08
N LEU A 457 -14.56 -15.41 -18.82
CA LEU A 457 -14.05 -15.13 -17.47
C LEU A 457 -13.72 -13.65 -17.31
N ASN A 458 -13.79 -13.17 -16.07
CA ASN A 458 -13.55 -11.76 -15.75
C ASN A 458 -12.52 -11.57 -14.64
N LEU A 459 -12.24 -10.31 -14.31
CA LEU A 459 -11.23 -9.96 -13.31
C LEU A 459 -11.50 -10.58 -11.94
N ASN A 460 -12.77 -10.58 -11.53
CA ASN A 460 -13.18 -11.16 -10.25
C ASN A 460 -12.87 -12.66 -10.17
N ASP A 461 -13.05 -13.36 -11.29
CA ASP A 461 -12.77 -14.80 -11.35
C ASP A 461 -11.28 -15.05 -11.11
N MSE A 462 -10.45 -14.21 -11.71
CA MSE A 462 -9.00 -14.36 -11.65
C MSE A 462 -8.46 -13.92 -10.32
O MSE A 462 -7.45 -14.47 -9.85
CB MSE A 462 -8.32 -13.56 -12.77
CG MSE A 462 -8.80 -13.95 -14.17
SE MSE A 462 -8.40 -15.84 -14.57
CE MSE A 462 -10.13 -16.46 -13.90
N ARG A 463 -9.08 -12.92 -9.71
CA ARG A 463 -8.73 -12.53 -8.33
C ARG A 463 -8.88 -13.71 -7.37
N GLN A 464 -10.02 -14.40 -7.47
CA GLN A 464 -10.29 -15.56 -6.64
C GLN A 464 -9.35 -16.72 -6.97
N PHE A 465 -9.00 -16.87 -8.24
CA PHE A 465 -8.02 -17.85 -8.70
C PHE A 465 -6.68 -17.63 -8.02
N ALA A 466 -6.21 -16.38 -8.03
CA ALA A 466 -4.93 -16.01 -7.43
C ALA A 466 -4.92 -16.19 -5.91
N GLU A 467 -6.05 -15.91 -5.26
CA GLU A 467 -6.19 -16.14 -3.82
C GLU A 467 -6.13 -17.64 -3.50
N MSE A 468 -6.89 -18.41 -4.27
CA MSE A 468 -6.97 -19.87 -4.10
C MSE A 468 -5.60 -20.51 -4.14
O MSE A 468 -5.33 -21.43 -3.37
CB MSE A 468 -7.87 -20.40 -5.21
CG MSE A 468 -8.17 -21.89 -5.13
SE MSE A 468 -9.52 -22.23 -3.75
CE MSE A 468 -11.14 -21.45 -4.54
N HIS A 469 -4.73 -20.02 -5.02
CA HIS A 469 -3.39 -20.58 -5.18
C HIS A 469 -2.32 -19.79 -4.46
N ASP A 470 -2.72 -18.72 -3.78
CA ASP A 470 -1.81 -17.87 -3.00
C ASP A 470 -0.66 -17.32 -3.87
N ILE A 471 -1.02 -16.68 -4.97
CA ILE A 471 -0.06 -15.99 -5.83
C ILE A 471 -0.45 -14.54 -6.01
N GLU A 472 0.53 -13.71 -6.34
CA GLU A 472 0.28 -12.31 -6.64
C GLU A 472 -0.57 -12.19 -7.90
N ILE A 473 -1.62 -11.38 -7.82
CA ILE A 473 -2.36 -10.97 -9.00
C ILE A 473 -2.00 -9.51 -9.28
N THR A 474 -1.54 -9.26 -10.51
CA THR A 474 -1.20 -7.93 -10.95
C THR A 474 -2.27 -7.44 -11.90
N VAL A 475 -3.05 -6.45 -11.43
CA VAL A 475 -4.24 -6.00 -12.14
C VAL A 475 -3.95 -4.75 -12.96
N ILE A 476 -4.33 -4.81 -14.23
CA ILE A 476 -4.22 -3.66 -15.14
C ILE A 476 -5.60 -3.38 -15.73
N ASP A 477 -6.21 -2.28 -15.30
CA ASP A 477 -7.56 -1.93 -15.73
C ASP A 477 -7.82 -0.41 -15.68
N ASN A 478 -9.07 -0.01 -15.91
CA ASN A 478 -9.45 1.42 -15.89
C ASN A 478 -8.98 2.21 -14.67
N ASP A 479 -8.89 1.56 -13.52
CA ASP A 479 -8.44 2.21 -12.28
C ASP A 479 -6.93 2.30 -12.11
N THR A 480 -6.18 1.68 -13.03
CA THR A 480 -4.72 1.60 -12.92
C THR A 480 -4.02 2.93 -13.14
N ARG A 481 -3.23 3.35 -12.16
CA ARG A 481 -2.32 4.48 -12.27
C ARG A 481 -0.91 4.01 -11.94
N LEU A 482 0.07 4.40 -12.77
CA LEU A 482 1.43 3.84 -12.70
C LEU A 482 2.14 4.01 -11.34
N PRO A 483 2.08 5.22 -10.75
CA PRO A 483 2.73 5.39 -9.44
C PRO A 483 2.25 4.38 -8.39
N ALA A 484 0.94 4.27 -8.23
CA ALA A 484 0.35 3.32 -7.29
C ALA A 484 0.59 1.87 -7.71
N PHE A 485 0.56 1.63 -9.01
CA PHE A 485 0.86 0.31 -9.60
C PHE A 485 2.27 -0.15 -9.21
N LYS A 486 3.23 0.76 -9.32
CA LYS A 486 4.62 0.46 -8.96
C LYS A 486 4.79 0.23 -7.46
N ASP A 487 4.14 1.05 -6.65
CA ASP A 487 4.14 0.87 -5.20
C ASP A 487 3.70 -0.56 -4.84
N ALA A 488 2.61 -1.00 -5.45
CA ALA A 488 2.03 -2.32 -5.20
C ALA A 488 2.99 -3.45 -5.58
N LEU A 489 3.66 -3.31 -6.72
CA LEU A 489 4.68 -4.27 -7.15
C LEU A 489 5.77 -4.43 -6.09
N ARG A 490 6.22 -3.32 -5.54
CA ARG A 490 7.26 -3.34 -4.50
C ARG A 490 6.75 -3.95 -3.19
N TRP A 491 5.57 -3.52 -2.74
CA TRP A 491 5.03 -4.00 -1.47
C TRP A 491 4.62 -5.45 -1.52
N ASN A 492 4.15 -5.91 -2.67
CA ASN A 492 3.87 -7.33 -2.89
C ASN A 492 5.16 -8.16 -2.93
N GLU A 493 6.22 -7.59 -3.49
CA GLU A 493 7.50 -8.28 -3.61
C GLU A 493 8.00 -8.75 -2.24
N VAL A 494 7.95 -7.87 -1.25
CA VAL A 494 8.39 -8.23 0.11
C VAL A 494 7.39 -9.15 0.81
N TYR A 495 6.10 -9.01 0.54
CA TYR A 495 5.11 -9.91 1.12
C TYR A 495 5.25 -11.33 0.59
N TYR A 496 5.14 -11.48 -0.73
CA TYR A 496 5.20 -12.81 -1.37
C TYR A 496 6.62 -13.38 -1.40
N GLY A 497 7.61 -12.52 -1.19
CA GLY A 497 8.99 -12.98 -1.04
C GLY A 497 9.22 -13.49 0.37
N PHE A 498 8.40 -14.47 0.76
CA PHE A 498 8.52 -15.15 2.05
C PHE A 498 8.39 -16.65 1.88
N MSE B 1 29.01 23.32 -25.77
CA MSE B 1 28.70 24.34 -24.71
C MSE B 1 28.43 23.67 -23.37
O MSE B 1 29.20 23.83 -22.43
CB MSE B 1 27.51 25.19 -25.15
N THR B 2 27.34 22.90 -23.30
CA THR B 2 26.89 22.31 -22.03
C THR B 2 27.48 20.93 -21.72
N ILE B 3 27.23 20.46 -20.50
CA ILE B 3 27.66 19.12 -20.08
C ILE B 3 26.96 18.01 -20.85
N PHE B 4 25.74 18.29 -21.30
CA PHE B 4 24.95 17.36 -22.10
C PHE B 4 25.58 17.04 -23.47
N ASP B 5 26.40 17.97 -23.96
CA ASP B 5 27.16 17.74 -25.20
C ASP B 5 28.32 16.77 -24.99
N ASN B 6 28.69 16.54 -23.73
CA ASN B 6 29.72 15.55 -23.38
C ASN B 6 29.18 14.12 -23.23
N TYR B 7 27.87 13.94 -23.45
CA TYR B 7 27.25 12.62 -23.36
C TYR B 7 26.39 12.29 -24.57
N GLU B 8 26.10 10.99 -24.71
CA GLU B 8 25.18 10.48 -25.73
C GLU B 8 24.41 9.29 -25.18
N VAL B 9 23.26 9.02 -25.78
CA VAL B 9 22.46 7.85 -25.45
C VAL B 9 22.41 6.92 -26.66
N TRP B 10 22.60 5.63 -26.41
CA TRP B 10 22.70 4.66 -27.49
C TRP B 10 21.36 4.12 -27.85
N PHE B 11 21.00 4.24 -29.12
CA PHE B 11 19.76 3.69 -29.63
C PHE B 11 20.05 2.29 -30.15
N VAL B 12 19.62 1.28 -29.41
CA VAL B 12 19.91 -0.12 -29.76
C VAL B 12 18.65 -0.86 -30.22
N ILE B 13 18.76 -1.50 -31.37
CA ILE B 13 17.62 -2.21 -31.95
C ILE B 13 17.72 -3.69 -31.66
N GLY B 14 16.63 -4.26 -31.13
CA GLY B 14 16.55 -5.68 -30.81
C GLY B 14 15.85 -6.46 -31.89
N SER B 15 16.47 -7.55 -32.32
CA SER B 15 15.89 -8.45 -33.31
C SER B 15 16.48 -9.86 -33.22
N GLN B 16 16.27 -10.66 -34.27
CA GLN B 16 16.78 -12.03 -34.33
C GLN B 16 17.07 -12.39 -35.82
N HIS B 17 17.28 -13.68 -36.10
CA HIS B 17 17.59 -14.14 -37.46
C HIS B 17 16.52 -14.98 -38.13
N LEU B 18 15.38 -15.13 -37.48
CA LEU B 18 14.36 -16.09 -37.94
C LEU B 18 13.85 -15.88 -39.37
N TYR B 19 13.79 -14.64 -39.82
CA TYR B 19 13.26 -14.32 -41.14
C TYR B 19 14.22 -13.55 -42.03
N GLY B 20 15.38 -13.11 -41.52
CA GLY B 20 16.32 -12.22 -42.24
C GLY B 20 16.75 -12.66 -43.64
N PRO B 21 17.75 -11.99 -44.21
CA PRO B 21 18.47 -10.74 -43.89
C PRO B 21 17.93 -9.49 -44.62
N GLU B 22 16.88 -9.66 -45.42
CA GLU B 22 16.15 -8.52 -46.03
C GLU B 22 15.14 -7.94 -45.07
N THR B 23 14.55 -8.79 -44.22
CA THR B 23 13.77 -8.31 -43.09
C THR B 23 14.62 -7.43 -42.17
N LEU B 24 15.83 -7.91 -41.87
CA LEU B 24 16.79 -7.15 -41.05
C LEU B 24 17.24 -5.86 -41.76
N ARG B 25 17.38 -5.93 -43.07
CA ARG B 25 17.64 -4.73 -43.88
C ARG B 25 16.54 -3.69 -43.66
N GLN B 26 15.28 -4.14 -43.67
CA GLN B 26 14.13 -3.26 -43.45
C GLN B 26 14.15 -2.65 -42.04
N VAL B 27 14.44 -3.46 -41.03
CA VAL B 27 14.53 -2.99 -39.65
C VAL B 27 15.60 -1.92 -39.49
N THR B 28 16.78 -2.18 -40.05
CA THR B 28 17.87 -1.20 -40.05
C THR B 28 17.46 0.13 -40.68
N GLN B 29 16.71 0.05 -41.79
CA GLN B 29 16.22 1.25 -42.47
C GLN B 29 15.27 2.06 -41.58
N HIS B 30 14.37 1.37 -40.90
CA HIS B 30 13.45 2.02 -39.97
C HIS B 30 14.20 2.71 -38.87
N ALA B 31 15.16 1.99 -38.29
CA ALA B 31 15.98 2.51 -37.19
C ALA B 31 16.74 3.77 -37.56
N GLU B 32 17.38 3.76 -38.74
CA GLU B 32 18.12 4.94 -39.23
C GLU B 32 17.19 6.13 -39.44
N HIS B 33 16.04 5.87 -40.05
CA HIS B 33 15.01 6.89 -40.29
C HIS B 33 14.51 7.48 -38.99
N VAL B 34 14.18 6.61 -38.04
CA VAL B 34 13.67 7.03 -36.74
C VAL B 34 14.71 7.85 -35.96
N VAL B 35 15.91 7.31 -35.83
CA VAL B 35 16.97 7.96 -35.07
C VAL B 35 17.34 9.34 -35.64
N ASN B 36 17.46 9.41 -36.96
CA ASN B 36 17.73 10.69 -37.64
C ASN B 36 16.65 11.72 -37.40
N ALA B 37 15.39 11.28 -37.54
CA ALA B 37 14.25 12.17 -37.32
C ALA B 37 14.18 12.68 -35.88
N LEU B 38 14.50 11.81 -34.92
CA LEU B 38 14.53 12.21 -33.50
C LEU B 38 15.64 13.20 -33.18
N ASN B 39 16.85 12.91 -33.66
CA ASN B 39 18.01 13.78 -33.46
C ASN B 39 17.77 15.19 -34.02
N THR B 40 17.11 15.26 -35.18
CA THR B 40 16.85 16.53 -35.86
C THR B 40 15.68 17.31 -35.27
N GLU B 41 14.57 16.62 -35.02
CA GLU B 41 13.30 17.28 -34.66
C GLU B 41 12.89 17.16 -33.18
N ALA B 42 13.16 16.02 -32.56
CA ALA B 42 12.63 15.71 -31.23
C ALA B 42 13.08 16.66 -30.10
N LYS B 43 14.25 17.28 -30.25
CA LYS B 43 14.78 18.24 -29.26
C LYS B 43 15.08 17.59 -27.91
N LEU B 44 15.74 16.44 -27.97
CA LEU B 44 16.11 15.68 -26.77
C LEU B 44 17.36 16.31 -26.15
N PRO B 45 17.57 16.12 -24.83
CA PRO B 45 18.69 16.72 -24.07
C PRO B 45 20.08 16.46 -24.65
N CYS B 46 20.25 15.30 -25.26
CA CYS B 46 21.53 14.93 -25.88
C CYS B 46 21.30 14.02 -27.08
N LYS B 47 22.38 13.68 -27.78
CA LYS B 47 22.31 13.02 -29.07
C LYS B 47 22.08 11.52 -28.96
N LEU B 48 21.24 10.97 -29.85
CA LEU B 48 21.06 9.53 -29.95
C LEU B 48 22.01 8.94 -30.99
N VAL B 49 22.77 7.92 -30.58
CA VAL B 49 23.66 7.21 -31.50
C VAL B 49 23.12 5.81 -31.81
N LEU B 50 22.75 5.59 -33.07
CA LEU B 50 22.27 4.30 -33.51
C LEU B 50 23.42 3.30 -33.57
N LYS B 51 23.24 2.14 -32.92
CA LYS B 51 24.25 1.08 -32.93
C LYS B 51 23.84 -0.07 -33.85
N PRO B 52 24.79 -0.94 -34.20
CA PRO B 52 24.47 -2.11 -35.01
C PRO B 52 23.42 -3.02 -34.36
N LEU B 53 22.61 -3.66 -35.18
CA LEU B 53 21.50 -4.48 -34.70
C LEU B 53 21.95 -5.56 -33.72
N GLY B 54 21.23 -5.67 -32.61
CA GLY B 54 21.43 -6.75 -31.64
C GLY B 54 20.60 -7.96 -32.04
N THR B 55 21.24 -8.92 -32.70
CA THR B 55 20.55 -10.10 -33.26
C THR B 55 21.01 -11.45 -32.69
N THR B 56 22.22 -11.47 -32.12
CA THR B 56 22.79 -12.66 -31.49
C THR B 56 23.22 -12.34 -30.06
N PRO B 57 23.46 -13.37 -29.23
CA PRO B 57 23.97 -13.14 -27.87
C PRO B 57 25.28 -12.35 -27.81
N ASP B 58 26.25 -12.75 -28.62
CA ASP B 58 27.58 -12.12 -28.57
C ASP B 58 27.55 -10.67 -29.07
N GLU B 59 26.63 -10.37 -29.98
CA GLU B 59 26.44 -9.01 -30.46
C GLU B 59 25.88 -8.12 -29.35
N ILE B 60 24.88 -8.63 -28.64
CA ILE B 60 24.23 -7.88 -27.56
C ILE B 60 25.18 -7.72 -26.36
N THR B 61 25.94 -8.77 -26.06
CA THR B 61 26.98 -8.72 -25.03
C THR B 61 28.04 -7.67 -25.37
N ALA B 62 28.44 -7.65 -26.65
CA ALA B 62 29.42 -6.68 -27.13
C ALA B 62 28.95 -5.23 -26.95
N ILE B 63 27.70 -4.98 -27.32
CA ILE B 63 27.13 -3.63 -27.18
C ILE B 63 27.11 -3.17 -25.73
N CYS B 64 26.69 -4.05 -24.82
CA CYS B 64 26.70 -3.76 -23.38
C CYS B 64 28.12 -3.55 -22.86
N ARG B 65 29.03 -4.40 -23.32
CA ARG B 65 30.46 -4.28 -22.99
C ARG B 65 30.99 -2.91 -23.40
N ASP B 66 30.72 -2.52 -24.65
CA ASP B 66 31.15 -1.22 -25.18
C ASP B 66 30.48 -0.06 -24.41
N ALA B 67 29.20 -0.22 -24.13
CA ALA B 67 28.43 0.79 -23.41
C ALA B 67 29.04 1.14 -22.05
N ASN B 68 29.45 0.12 -21.31
CA ASN B 68 30.11 0.30 -20.00
C ASN B 68 31.43 1.04 -20.12
N TYR B 69 32.16 0.76 -21.19
CA TYR B 69 33.50 1.30 -21.40
C TYR B 69 33.46 2.76 -21.80
N ASP B 70 32.53 3.12 -22.69
CA ASP B 70 32.43 4.48 -23.21
C ASP B 70 31.90 5.43 -22.13
N ASP B 71 32.76 6.34 -21.67
CA ASP B 71 32.38 7.31 -20.64
C ASP B 71 31.31 8.32 -21.09
N ARG B 72 31.17 8.48 -22.41
CA ARG B 72 30.14 9.38 -22.96
C ARG B 72 28.77 8.72 -23.04
N CYS B 73 28.75 7.39 -22.95
CA CYS B 73 27.49 6.65 -23.00
C CYS B 73 26.76 6.76 -21.67
N ALA B 74 25.64 7.49 -21.68
CA ALA B 74 24.85 7.74 -20.48
C ALA B 74 23.75 6.70 -20.26
N GLY B 75 23.45 5.93 -21.31
CA GLY B 75 22.42 4.90 -21.22
C GLY B 75 22.05 4.32 -22.56
N LEU B 76 21.16 3.32 -22.52
CA LEU B 76 20.63 2.70 -23.73
C LEU B 76 19.13 2.91 -23.82
N VAL B 77 18.63 3.25 -24.99
CA VAL B 77 17.19 3.16 -25.25
C VAL B 77 17.02 2.06 -26.29
N VAL B 78 16.26 1.04 -25.90
CA VAL B 78 16.14 -0.17 -26.68
C VAL B 78 14.80 -0.23 -27.39
N TRP B 79 14.84 -0.46 -28.70
CA TRP B 79 13.63 -0.70 -29.48
C TRP B 79 13.65 -2.12 -29.98
N LEU B 80 12.68 -2.90 -29.52
CA LEU B 80 12.55 -4.30 -29.92
C LEU B 80 11.63 -4.38 -31.12
N HIS B 81 12.21 -4.07 -32.27
CA HIS B 81 11.48 -3.97 -33.53
C HIS B 81 10.81 -5.27 -33.87
N THR B 82 11.59 -6.35 -33.81
CA THR B 82 11.06 -7.72 -33.95
C THR B 82 11.19 -8.46 -32.63
N PHE B 83 10.71 -9.70 -32.63
CA PHE B 83 10.92 -10.61 -31.52
C PHE B 83 12.42 -10.84 -31.36
N SER B 84 12.90 -10.73 -30.14
CA SER B 84 14.33 -10.79 -29.85
C SER B 84 14.53 -11.60 -28.56
N PRO B 85 14.57 -12.93 -28.67
CA PRO B 85 14.59 -13.84 -27.51
C PRO B 85 15.49 -13.36 -26.36
N ALA B 86 14.91 -13.23 -25.18
CA ALA B 86 15.52 -12.51 -24.06
C ALA B 86 16.78 -13.14 -23.48
N LYS B 87 16.94 -14.46 -23.64
CA LYS B 87 18.15 -15.13 -23.13
C LYS B 87 19.41 -14.62 -23.85
N MSE B 88 19.25 -14.17 -25.09
CA MSE B 88 20.33 -13.50 -25.83
C MSE B 88 20.83 -12.26 -25.14
O MSE B 88 21.98 -11.88 -25.30
CB MSE B 88 19.89 -13.13 -27.25
CG MSE B 88 19.51 -14.35 -28.09
SE MSE B 88 19.24 -13.87 -29.98
CE MSE B 88 18.03 -12.32 -29.77
N TRP B 89 19.97 -11.63 -24.33
CA TRP B 89 20.32 -10.39 -23.63
C TRP B 89 20.88 -10.59 -22.24
N ILE B 90 20.74 -11.80 -21.68
CA ILE B 90 21.05 -12.04 -20.27
C ILE B 90 22.50 -11.71 -19.91
N ASN B 91 23.45 -12.30 -20.63
CA ASN B 91 24.87 -12.08 -20.35
C ASN B 91 25.26 -10.60 -20.46
N GLY B 92 24.67 -9.91 -21.42
CA GLY B 92 24.90 -8.46 -21.58
C GLY B 92 24.28 -7.64 -20.46
N LEU B 93 23.02 -7.90 -20.17
CA LEU B 93 22.31 -7.17 -19.11
C LEU B 93 22.91 -7.42 -17.72
N THR B 94 23.45 -8.61 -17.51
CA THR B 94 24.11 -8.93 -16.23
C THR B 94 25.35 -8.07 -15.98
N MSE B 95 26.06 -7.70 -17.05
CA MSE B 95 27.29 -6.89 -16.92
C MSE B 95 27.03 -5.40 -17.04
O MSE B 95 27.85 -4.59 -16.64
CB MSE B 95 28.26 -7.34 -18.01
CB MSE B 95 28.33 -7.37 -17.92
CG MSE B 95 28.33 -6.47 -19.26
CG MSE B 95 28.55 -8.89 -17.85
SE MSE B 95 29.48 -7.28 -20.64
SE MSE B 95 29.85 -9.43 -16.47
CE MSE B 95 30.31 -8.69 -19.52
CE MSE B 95 28.65 -10.44 -15.27
N LEU B 96 25.87 -5.05 -17.58
CA LEU B 96 25.55 -3.66 -17.92
C LEU B 96 25.47 -2.74 -16.69
N ASN B 97 26.32 -1.71 -16.65
CA ASN B 97 26.33 -0.71 -15.57
C ASN B 97 25.65 0.61 -15.93
N LYS B 98 25.13 0.71 -17.14
CA LYS B 98 24.46 1.93 -17.60
C LYS B 98 22.94 1.72 -17.66
N PRO B 99 22.15 2.77 -17.33
CA PRO B 99 20.71 2.63 -17.30
C PRO B 99 20.08 2.38 -18.67
N LEU B 100 18.91 1.77 -18.64
CA LEU B 100 18.24 1.29 -19.85
C LEU B 100 16.78 1.67 -19.87
N LEU B 101 16.31 2.10 -21.04
CA LEU B 101 14.90 2.41 -21.26
C LEU B 101 14.41 1.67 -22.49
N GLN B 102 13.27 1.00 -22.37
CA GLN B 102 12.62 0.44 -23.55
C GLN B 102 11.69 1.47 -24.15
N PHE B 103 11.95 1.82 -25.40
CA PHE B 103 11.01 2.61 -26.18
C PHE B 103 10.09 1.63 -26.92
N HIS B 104 8.92 1.41 -26.34
CA HIS B 104 7.95 0.46 -26.88
C HIS B 104 7.18 1.13 -27.99
N THR B 105 7.79 1.18 -29.16
CA THR B 105 7.26 1.93 -30.30
C THR B 105 6.97 1.05 -31.52
N GLN B 106 6.64 1.70 -32.63
CA GLN B 106 6.27 1.02 -33.87
C GLN B 106 6.55 1.97 -35.05
N PHE B 107 7.07 1.47 -36.17
CA PHE B 107 7.41 2.37 -37.28
C PHE B 107 6.16 3.09 -37.80
N ASN B 108 5.17 2.32 -38.23
CA ASN B 108 3.86 2.85 -38.62
C ASN B 108 3.01 3.19 -37.41
N ALA B 109 2.22 4.24 -37.54
CA ALA B 109 1.24 4.62 -36.53
C ALA B 109 -0.04 3.82 -36.79
N ALA B 110 -0.59 4.02 -37.98
CA ALA B 110 -1.84 3.38 -38.37
C ALA B 110 -1.59 1.96 -38.87
N LEU B 111 -2.53 1.06 -38.57
CA LEU B 111 -2.44 -0.34 -38.98
C LEU B 111 -3.02 -0.48 -40.40
N PRO B 112 -2.19 -0.92 -41.38
CA PRO B 112 -2.64 -1.03 -42.77
C PRO B 112 -3.63 -2.18 -42.97
N TRP B 113 -4.89 -1.92 -42.65
CA TRP B 113 -5.93 -2.95 -42.61
C TRP B 113 -6.05 -3.74 -43.89
N ASP B 114 -5.96 -3.05 -45.02
CA ASP B 114 -6.17 -3.67 -46.34
C ASP B 114 -4.95 -4.36 -46.95
N SER B 115 -3.75 -4.05 -46.46
CA SER B 115 -2.51 -4.66 -46.97
C SER B 115 -1.80 -5.57 -45.97
N ILE B 116 -2.15 -5.47 -44.69
CA ILE B 116 -1.45 -6.23 -43.65
C ILE B 116 -1.41 -7.74 -43.96
N ASP B 117 -0.19 -8.29 -43.95
CA ASP B 117 0.04 -9.71 -44.23
C ASP B 117 1.17 -10.26 -43.32
N MSE B 118 1.53 -11.53 -43.51
CA MSE B 118 2.53 -12.20 -42.64
C MSE B 118 3.89 -11.55 -42.69
O MSE B 118 4.61 -11.54 -41.68
CB MSE B 118 2.69 -13.68 -43.02
CG MSE B 118 1.65 -14.55 -42.31
SE MSE B 118 1.76 -14.41 -40.34
CE MSE B 118 -0.09 -13.75 -40.10
N ASP B 119 4.27 -11.03 -43.84
CA ASP B 119 5.53 -10.31 -43.97
C ASP B 119 5.56 -9.12 -43.03
N PHE B 120 4.50 -8.31 -43.08
CA PHE B 120 4.34 -7.17 -42.18
C PHE B 120 4.34 -7.61 -40.71
N MSE B 121 3.68 -8.73 -40.43
CA MSE B 121 3.57 -9.27 -39.07
C MSE B 121 4.89 -9.77 -38.56
O MSE B 121 5.17 -9.67 -37.37
CB MSE B 121 2.56 -10.43 -39.02
CG MSE B 121 1.11 -10.05 -39.26
SE MSE B 121 0.30 -9.04 -37.79
CE MSE B 121 -1.30 -10.15 -37.52
N ASN B 122 5.70 -10.31 -39.45
CA ASN B 122 7.04 -10.81 -39.08
C ASN B 122 8.06 -9.67 -38.85
N LEU B 123 7.78 -8.50 -39.42
CA LEU B 123 8.71 -7.36 -39.40
C LEU B 123 8.40 -6.37 -38.29
N ASN B 124 7.11 -6.09 -38.11
CA ASN B 124 6.64 -5.11 -37.13
C ASN B 124 5.96 -5.76 -35.95
N GLN B 125 6.74 -6.34 -35.04
CA GLN B 125 6.16 -7.14 -33.94
C GLN B 125 6.62 -6.71 -32.55
N THR B 126 6.86 -5.42 -32.38
CA THR B 126 7.20 -4.87 -31.08
C THR B 126 6.12 -5.25 -30.05
N ALA B 127 4.86 -5.34 -30.50
CA ALA B 127 3.74 -5.72 -29.63
C ALA B 127 4.04 -6.89 -28.70
N HIS B 128 4.67 -7.94 -29.23
CA HIS B 128 5.11 -9.07 -28.39
C HIS B 128 6.59 -9.09 -28.10
N GLY B 129 7.40 -8.67 -29.05
CA GLY B 129 8.85 -8.59 -28.86
C GLY B 129 9.25 -7.77 -27.64
N GLY B 130 8.51 -6.70 -27.39
CA GLY B 130 8.76 -5.82 -26.25
C GLY B 130 8.35 -6.41 -24.91
N ARG B 131 7.46 -7.39 -24.94
CA ARG B 131 6.96 -8.03 -23.72
C ARG B 131 7.90 -9.15 -23.25
N GLU B 132 8.44 -9.91 -24.19
CA GLU B 132 9.45 -10.93 -23.88
C GLU B 132 10.69 -10.25 -23.26
N PHE B 133 11.04 -9.07 -23.76
CA PHE B 133 12.14 -8.28 -23.18
C PHE B 133 11.79 -7.73 -21.80
N GLY B 134 10.54 -7.29 -21.64
CA GLY B 134 10.05 -6.79 -20.35
C GLY B 134 10.18 -7.84 -19.26
N PHE B 135 9.90 -9.10 -19.61
CA PHE B 135 10.00 -10.20 -18.66
C PHE B 135 11.39 -10.30 -18.06
N ILE B 136 12.40 -10.31 -18.91
CA ILE B 136 13.77 -10.55 -18.47
C ILE B 136 14.25 -9.45 -17.52
N GLY B 137 13.81 -8.23 -17.78
CA GLY B 137 14.07 -7.11 -16.89
C GLY B 137 13.42 -7.29 -15.53
N ALA B 138 12.13 -7.63 -15.55
CA ALA B 138 11.37 -7.88 -14.32
C ALA B 138 11.89 -9.11 -13.58
N ARG B 139 12.27 -10.13 -14.34
CA ARG B 139 12.80 -11.37 -13.78
C ARG B 139 14.11 -11.11 -13.04
N MSE B 140 14.98 -10.31 -13.63
CA MSE B 140 16.28 -9.95 -13.03
C MSE B 140 16.16 -8.83 -12.02
O MSE B 140 17.14 -8.45 -11.40
CB MSE B 140 17.25 -9.56 -14.14
CG MSE B 140 17.61 -10.74 -15.04
SE MSE B 140 18.78 -10.18 -16.53
CE MSE B 140 18.00 -8.45 -17.05
N ARG B 141 14.96 -8.30 -11.85
CA ARG B 141 14.68 -7.12 -11.00
C ARG B 141 15.56 -5.92 -11.34
N GLN B 142 15.80 -5.70 -12.62
CA GLN B 142 16.58 -4.55 -13.06
C GLN B 142 15.64 -3.37 -13.28
N GLN B 143 16.14 -2.18 -13.01
CA GLN B 143 15.34 -0.97 -13.17
C GLN B 143 15.30 -0.57 -14.65
N HIS B 144 14.33 -1.13 -15.36
CA HIS B 144 14.13 -0.83 -16.78
C HIS B 144 12.98 0.12 -16.96
N ALA B 145 13.28 1.34 -17.39
CA ALA B 145 12.22 2.29 -17.74
C ALA B 145 11.52 1.82 -19.01
N VAL B 146 10.25 2.18 -19.14
CA VAL B 146 9.49 1.85 -20.35
C VAL B 146 8.58 3.03 -20.75
N VAL B 147 8.62 3.36 -22.04
CA VAL B 147 7.73 4.37 -22.61
C VAL B 147 7.08 3.82 -23.88
N THR B 148 5.74 3.83 -23.89
CA THR B 148 5.00 3.36 -25.04
C THR B 148 4.42 4.53 -25.82
N GLY B 149 4.54 4.45 -27.15
CA GLY B 149 3.95 5.43 -28.04
C GLY B 149 4.61 5.38 -29.40
N HIS B 150 3.93 5.95 -30.40
CA HIS B 150 4.50 6.06 -31.73
C HIS B 150 5.70 6.96 -31.72
N TRP B 151 6.71 6.65 -32.53
CA TRP B 151 7.99 7.38 -32.49
C TRP B 151 7.92 8.84 -32.88
N GLN B 152 6.85 9.23 -33.55
CA GLN B 152 6.62 10.66 -33.88
C GLN B 152 5.75 11.38 -32.84
N ASP B 153 5.31 10.64 -31.82
CA ASP B 153 4.47 11.21 -30.75
C ASP B 153 5.29 12.14 -29.87
N LYS B 154 4.89 13.41 -29.83
CA LYS B 154 5.63 14.44 -29.09
C LYS B 154 5.53 14.27 -27.57
N GLN B 155 4.43 13.67 -27.11
CA GLN B 155 4.30 13.31 -25.69
C GLN B 155 5.32 12.24 -25.31
N ALA B 156 5.53 11.28 -26.21
CA ALA B 156 6.54 10.23 -26.01
C ALA B 156 7.96 10.80 -26.06
N HIS B 157 8.18 11.79 -26.93
CA HIS B 157 9.47 12.50 -27.00
C HIS B 157 9.82 13.13 -25.68
N GLU B 158 8.85 13.81 -25.09
CA GLU B 158 9.03 14.47 -23.79
C GLU B 158 9.47 13.48 -22.72
N ARG B 159 8.78 12.35 -22.65
CA ARG B 159 9.05 11.36 -21.62
C ARG B 159 10.41 10.69 -21.83
N ILE B 160 10.72 10.36 -23.08
CA ILE B 160 12.03 9.79 -23.42
C ILE B 160 13.13 10.79 -23.05
N GLY B 161 12.96 12.03 -23.49
CA GLY B 161 13.89 13.10 -23.17
C GLY B 161 14.07 13.31 -21.69
N SER B 162 12.96 13.25 -20.95
CA SER B 162 12.99 13.36 -19.49
C SER B 162 13.85 12.26 -18.86
N TRP B 163 13.75 11.04 -19.39
CA TRP B 163 14.57 9.93 -18.92
C TRP B 163 16.03 10.11 -19.26
N MSE B 164 16.29 10.59 -20.46
CA MSE B 164 17.67 10.83 -20.92
C MSE B 164 18.36 11.82 -20.02
O MSE B 164 19.55 11.70 -19.73
CB MSE B 164 17.70 11.33 -22.37
CG MSE B 164 17.25 10.23 -23.32
SE MSE B 164 17.01 10.92 -25.15
CE MSE B 164 18.85 11.57 -25.45
N ARG B 165 17.58 12.81 -19.57
CA ARG B 165 18.06 13.81 -18.62
C ARG B 165 18.59 13.16 -17.35
N GLN B 166 17.81 12.24 -16.79
CA GLN B 166 18.20 11.52 -15.58
C GLN B 166 19.42 10.64 -15.83
N ALA B 167 19.47 10.03 -17.01
CA ALA B 167 20.62 9.21 -17.41
C ALA B 167 21.91 10.02 -17.32
N VAL B 168 21.90 11.19 -17.94
CA VAL B 168 23.06 12.09 -17.92
C VAL B 168 23.41 12.50 -16.49
N SER B 169 22.40 12.86 -15.71
CA SER B 169 22.59 13.26 -14.32
C SER B 169 23.31 12.18 -13.49
N LYS B 170 22.94 10.92 -13.73
CA LYS B 170 23.53 9.80 -13.01
C LYS B 170 25.03 9.66 -13.29
N GLN B 171 25.41 9.79 -14.56
CA GLN B 171 26.84 9.73 -14.93
C GLN B 171 27.62 10.88 -14.33
N ASP B 172 27.11 12.10 -14.52
CA ASP B 172 27.75 13.30 -13.99
C ASP B 172 28.01 13.19 -12.49
N THR B 173 27.01 12.74 -11.76
CA THR B 173 27.07 12.60 -10.30
C THR B 173 28.20 11.65 -9.85
N ARG B 174 28.56 10.69 -10.71
CA ARG B 174 29.65 9.76 -10.40
C ARG B 174 31.03 10.43 -10.39
N HIS B 175 31.12 11.62 -10.99
CA HIS B 175 32.34 12.43 -10.97
C HIS B 175 32.22 13.67 -10.14
N LEU B 176 31.11 13.83 -9.43
CA LEU B 176 30.86 15.01 -8.61
C LEU B 176 31.72 14.97 -7.35
N LYS B 177 32.44 16.05 -7.12
CA LYS B 177 33.35 16.17 -5.98
C LYS B 177 32.94 17.36 -5.11
N VAL B 178 32.76 17.10 -3.82
CA VAL B 178 32.42 18.13 -2.85
C VAL B 178 33.63 18.49 -2.00
N CYS B 179 33.89 19.78 -1.88
CA CYS B 179 34.95 20.29 -1.01
C CYS B 179 34.36 20.96 0.22
N ARG B 180 34.60 20.38 1.39
CA ARG B 180 34.11 20.96 2.64
C ARG B 180 35.20 21.81 3.29
N PHE B 181 34.85 23.05 3.62
CA PHE B 181 35.72 23.93 4.37
C PHE B 181 35.31 23.88 5.85
N GLY B 182 35.88 22.92 6.57
CA GLY B 182 35.50 22.68 7.97
C GLY B 182 34.42 21.61 8.09
N ASP B 183 34.17 21.18 9.32
CA ASP B 183 33.23 20.10 9.60
C ASP B 183 31.79 20.62 9.80
N ASN B 184 30.87 19.72 10.11
CA ASN B 184 29.49 20.06 10.43
C ASN B 184 29.38 20.99 11.64
N MSE B 185 28.31 21.78 11.68
CA MSE B 185 27.96 22.54 12.88
C MSE B 185 27.84 21.54 14.00
O MSE B 185 27.21 20.49 13.83
CB MSE B 185 26.65 23.31 12.70
CG MSE B 185 26.25 24.12 13.92
SE MSE B 185 24.53 25.06 13.68
CE MSE B 185 24.77 25.51 11.79
N ARG B 186 28.43 21.85 15.15
CA ARG B 186 28.39 20.96 16.31
C ARG B 186 26.96 20.66 16.76
N GLU B 187 26.76 19.41 17.19
CA GLU B 187 25.50 18.93 17.77
C GLU B 187 24.35 18.72 16.77
N VAL B 188 24.56 19.05 15.50
CA VAL B 188 23.52 18.92 14.47
C VAL B 188 23.50 17.49 13.90
N ALA B 189 22.30 16.96 13.68
CA ALA B 189 22.12 15.55 13.28
C ALA B 189 21.85 15.37 11.79
N VAL B 190 20.90 16.13 11.25
CA VAL B 190 20.41 15.86 9.89
C VAL B 190 21.47 16.12 8.81
N THR B 191 22.38 17.05 9.08
CA THR B 191 23.45 17.38 8.14
C THR B 191 24.62 16.41 8.20
N ASP B 192 24.61 15.54 9.20
CA ASP B 192 25.64 14.51 9.34
C ASP B 192 25.24 13.30 8.48
N GLY B 193 26.06 12.27 8.52
CA GLY B 193 25.79 11.04 7.79
C GLY B 193 27.04 10.26 7.47
N ASP B 194 26.90 9.32 6.54
CA ASP B 194 27.97 8.42 6.15
C ASP B 194 28.43 8.76 4.73
N LYS B 195 29.57 9.44 4.63
CA LYS B 195 30.12 9.85 3.33
C LYS B 195 30.52 8.64 2.47
N VAL B 196 31.00 7.58 3.11
CA VAL B 196 31.34 6.34 2.40
C VAL B 196 30.09 5.74 1.74
N ALA B 197 29.00 5.70 2.48
CA ALA B 197 27.73 5.18 1.97
C ALA B 197 27.24 6.00 0.79
N ALA B 198 27.36 7.31 0.90
CA ALA B 198 26.96 8.24 -0.16
C ALA B 198 27.75 7.97 -1.45
N GLN B 199 29.06 7.82 -1.32
CA GLN B 199 29.93 7.59 -2.48
C GLN B 199 29.66 6.22 -3.11
N ILE B 200 29.45 5.20 -2.29
CA ILE B 200 29.07 3.87 -2.78
C ILE B 200 27.76 3.94 -3.57
N LYS B 201 26.79 4.66 -3.01
CA LYS B 201 25.43 4.73 -3.55
C LYS B 201 25.31 5.63 -4.78
N PHE B 202 25.80 6.86 -4.64
CA PHE B 202 25.61 7.89 -5.66
C PHE B 202 26.86 8.17 -6.49
N GLY B 203 28.02 7.83 -5.95
CA GLY B 203 29.28 8.01 -6.66
C GLY B 203 29.97 9.35 -6.44
N PHE B 204 29.31 10.28 -5.76
CA PHE B 204 29.95 11.56 -5.46
C PHE B 204 30.82 11.47 -4.22
N SER B 205 31.86 12.29 -4.18
CA SER B 205 32.85 12.25 -3.13
C SER B 205 32.80 13.49 -2.25
N VAL B 206 33.07 13.31 -0.97
CA VAL B 206 33.04 14.39 -0.01
C VAL B 206 34.27 14.34 0.89
N ASN B 207 35.12 15.35 0.78
CA ASN B 207 36.33 15.44 1.59
C ASN B 207 36.60 16.85 2.07
N THR B 208 37.26 16.96 3.21
CA THR B 208 37.44 18.25 3.87
C THR B 208 38.83 18.82 3.72
N TRP B 209 38.88 20.09 3.33
CA TRP B 209 40.10 20.88 3.34
C TRP B 209 40.03 21.90 4.43
N ALA B 210 41.14 22.08 5.14
CA ALA B 210 41.20 23.04 6.24
C ALA B 210 40.88 24.44 5.74
N VAL B 211 40.18 25.23 6.56
CA VAL B 211 39.90 26.63 6.23
C VAL B 211 41.20 27.39 5.95
N GLY B 212 42.27 27.01 6.66
CA GLY B 212 43.61 27.57 6.44
C GLY B 212 44.13 27.42 5.02
N ASP B 213 43.88 26.27 4.41
CA ASP B 213 44.24 26.04 3.00
C ASP B 213 43.58 27.06 2.09
N LEU B 214 42.29 27.30 2.32
CA LEU B 214 41.52 28.29 1.55
C LEU B 214 42.05 29.70 1.78
N VAL B 215 42.30 30.03 3.05
CA VAL B 215 42.80 31.34 3.44
C VAL B 215 44.09 31.72 2.71
N GLN B 216 44.97 30.74 2.56
CA GLN B 216 46.23 30.94 1.83
C GLN B 216 46.00 31.38 0.38
N VAL B 217 45.01 30.78 -0.27
CA VAL B 217 44.68 31.12 -1.66
C VAL B 217 43.98 32.47 -1.75
N VAL B 218 43.08 32.76 -0.80
CA VAL B 218 42.39 34.07 -0.76
C VAL B 218 43.40 35.21 -0.53
N ASN B 219 44.36 35.01 0.37
CA ASN B 219 45.40 36.00 0.65
C ASN B 219 46.42 36.21 -0.49
N SER B 220 46.48 35.27 -1.44
CA SER B 220 47.40 35.38 -2.57
C SER B 220 46.84 36.14 -3.77
N ILE B 221 45.54 36.46 -3.73
CA ILE B 221 44.89 37.07 -4.91
C ILE B 221 45.36 38.52 -5.11
N SER B 222 45.60 38.90 -6.36
CA SER B 222 46.10 40.24 -6.68
C SER B 222 45.06 41.32 -6.41
N ASP B 223 45.53 42.52 -6.06
CA ASP B 223 44.66 43.69 -5.86
C ASP B 223 43.95 44.09 -7.15
N GLY B 224 44.66 43.91 -8.27
CA GLY B 224 44.11 44.20 -9.60
C GLY B 224 42.91 43.34 -9.94
N ASP B 225 43.02 42.04 -9.68
CA ASP B 225 41.92 41.10 -9.92
C ASP B 225 40.72 41.40 -8.99
N VAL B 226 41.01 41.79 -7.76
CA VAL B 226 39.98 42.18 -6.79
C VAL B 226 39.20 43.40 -7.28
N ASN B 227 39.92 44.42 -7.75
CA ASN B 227 39.29 45.64 -8.27
C ASN B 227 38.45 45.38 -9.53
N ALA B 228 38.96 44.51 -10.41
CA ALA B 228 38.26 44.14 -11.64
C ALA B 228 36.92 43.45 -11.37
N LEU B 229 36.88 42.61 -10.33
CA LEU B 229 35.65 41.92 -9.94
C LEU B 229 34.64 42.89 -9.32
N VAL B 230 35.15 43.86 -8.57
CA VAL B 230 34.30 44.91 -7.97
C VAL B 230 33.64 45.77 -9.05
N ASP B 231 34.34 45.98 -10.17
CA ASP B 231 33.78 46.70 -11.31
C ASP B 231 32.60 45.93 -11.91
N GLU B 232 32.71 44.61 -11.95
CA GLU B 232 31.63 43.77 -12.47
C GLU B 232 30.44 43.75 -11.51
N TYR B 233 30.69 43.87 -10.20
CA TYR B 233 29.61 44.02 -9.22
C TYR B 233 28.78 45.25 -9.52
N GLU B 234 29.45 46.38 -9.71
CA GLU B 234 28.77 47.66 -9.93
C GLU B 234 27.93 47.69 -11.20
N SER B 235 28.37 46.95 -12.22
CA SER B 235 27.63 46.86 -13.48
C SER B 235 26.46 45.87 -13.39
N CYS B 236 26.63 44.84 -12.57
CA CYS B 236 25.60 43.80 -12.39
C CYS B 236 24.52 44.18 -11.39
N TYR B 237 24.91 44.82 -10.30
CA TYR B 237 24.04 45.00 -9.14
C TYR B 237 23.70 46.44 -8.82
N THR B 238 22.61 46.61 -8.06
CA THR B 238 22.22 47.90 -7.52
C THR B 238 22.96 48.10 -6.19
N MSE B 239 23.92 49.01 -6.21
CA MSE B 239 24.81 49.21 -5.08
C MSE B 239 24.19 50.20 -4.13
O MSE B 239 23.85 51.31 -4.53
CB MSE B 239 26.18 49.71 -5.56
CG MSE B 239 26.78 48.89 -6.69
SE MSE B 239 27.62 47.27 -5.96
CE MSE B 239 29.27 48.09 -5.26
N THR B 240 24.03 49.81 -2.86
CA THR B 240 23.51 50.71 -1.83
C THR B 240 24.55 51.77 -1.46
N PRO B 241 24.13 52.92 -0.91
CA PRO B 241 25.06 54.00 -0.58
C PRO B 241 26.29 53.54 0.23
N ALA B 242 26.07 52.74 1.26
CA ALA B 242 27.15 52.22 2.11
C ALA B 242 28.15 51.33 1.34
N THR B 243 27.69 50.80 0.20
CA THR B 243 28.49 49.91 -0.66
C THR B 243 29.28 50.67 -1.75
N GLN B 244 28.89 51.92 -2.03
CA GLN B 244 29.56 52.75 -3.06
C GLN B 244 30.99 53.15 -2.68
N ILE B 245 31.69 53.81 -3.61
CA ILE B 245 33.13 54.17 -3.47
C ILE B 245 33.56 54.78 -2.12
N HIS B 246 32.91 55.87 -1.71
CA HIS B 246 33.19 56.51 -0.43
C HIS B 246 32.28 56.04 0.68
N GLY B 247 31.74 54.83 0.50
CA GLY B 247 30.84 54.23 1.49
C GLY B 247 31.61 53.76 2.70
N GLU B 248 30.93 53.69 3.84
CA GLU B 248 31.54 53.22 5.09
C GLU B 248 31.76 51.70 5.09
N LYS B 249 31.08 50.99 4.20
CA LYS B 249 31.24 49.54 4.04
C LYS B 249 31.80 49.18 2.67
N ARG B 250 32.63 50.07 2.12
CA ARG B 250 33.21 49.86 0.80
C ARG B 250 34.29 48.80 0.90
N GLN B 251 35.09 48.88 1.96
CA GLN B 251 36.18 47.92 2.19
C GLN B 251 35.65 46.49 2.40
N ASN B 252 34.48 46.36 3.01
CA ASN B 252 33.85 45.05 3.20
C ASN B 252 33.45 44.41 1.86
N VAL B 253 33.18 45.24 0.86
CA VAL B 253 32.87 44.78 -0.50
C VAL B 253 34.12 44.24 -1.19
N LEU B 254 35.23 44.97 -1.08
CA LEU B 254 36.49 44.54 -1.69
C LEU B 254 36.92 43.19 -1.13
N GLU B 255 36.78 43.02 0.19
CA GLU B 255 37.13 41.77 0.87
C GLU B 255 36.22 40.62 0.46
N ALA B 256 34.94 40.92 0.22
CA ALA B 256 33.98 39.92 -0.28
C ALA B 256 34.41 39.42 -1.65
N ALA B 257 34.88 40.34 -2.49
CA ALA B 257 35.40 40.00 -3.82
C ALA B 257 36.68 39.17 -3.72
N ARG B 258 37.52 39.51 -2.75
CA ARG B 258 38.75 38.78 -2.49
C ARG B 258 38.48 37.31 -2.13
N ILE B 259 37.46 37.12 -1.29
CA ILE B 259 37.06 35.78 -0.86
C ILE B 259 36.46 34.98 -2.02
N GLU B 260 35.64 35.64 -2.83
CA GLU B 260 35.05 35.01 -4.02
C GLU B 260 36.11 34.52 -5.01
N LEU B 261 37.10 35.36 -5.28
CA LEU B 261 38.16 35.01 -6.22
C LEU B 261 39.03 33.88 -5.69
N GLY B 262 39.28 33.89 -4.37
CA GLY B 262 40.08 32.86 -3.72
C GLY B 262 39.36 31.52 -3.69
N MSE B 263 38.07 31.56 -3.35
CA MSE B 263 37.23 30.37 -3.34
C MSE B 263 37.11 29.79 -4.72
O MSE B 263 37.24 28.58 -4.90
CB MSE B 263 35.82 30.67 -2.82
CG MSE B 263 35.83 30.82 -1.30
SE MSE B 263 34.00 31.09 -0.64
CE MSE B 263 33.83 29.41 0.37
N LYS B 264 36.89 30.65 -5.71
CA LYS B 264 36.74 30.22 -7.11
C LYS B 264 38.02 29.56 -7.63
N ARG B 265 39.15 30.17 -7.33
CA ARG B 265 40.45 29.62 -7.72
C ARG B 265 40.69 28.27 -7.10
N PHE B 266 40.41 28.18 -5.80
CA PHE B 266 40.59 26.95 -5.04
C PHE B 266 39.72 25.84 -5.62
N LEU B 267 38.46 26.18 -5.87
CA LEU B 267 37.48 25.25 -6.44
C LEU B 267 37.89 24.75 -7.83
N GLU B 268 38.26 25.69 -8.70
CA GLU B 268 38.63 25.37 -10.08
C GLU B 268 39.88 24.51 -10.16
N GLN B 269 40.90 24.88 -9.37
CA GLN B 269 42.18 24.16 -9.38
C GLN B 269 42.06 22.75 -8.80
N GLY B 270 41.11 22.58 -7.87
CA GLY B 270 40.84 21.26 -7.28
C GLY B 270 39.84 20.43 -8.08
N GLY B 271 39.24 21.03 -9.10
CA GLY B 271 38.23 20.35 -9.93
C GLY B 271 36.94 20.05 -9.18
N PHE B 272 36.59 20.93 -8.25
CA PHE B 272 35.40 20.74 -7.41
C PHE B 272 34.14 21.26 -8.09
N HIS B 273 33.02 20.66 -7.75
CA HIS B 273 31.71 21.00 -8.33
C HIS B 273 30.73 21.51 -7.30
N ALA B 274 31.06 21.33 -6.02
CA ALA B 274 30.24 21.83 -4.92
C ALA B 274 31.08 22.00 -3.68
N PHE B 275 30.58 22.78 -2.72
CA PHE B 275 31.32 23.06 -1.50
C PHE B 275 30.42 23.44 -0.33
N THR B 276 31.00 23.42 0.86
CA THR B 276 30.30 23.84 2.08
C THR B 276 31.22 24.72 2.93
N THR B 277 30.59 25.54 3.76
CA THR B 277 31.29 26.33 4.77
C THR B 277 30.70 26.01 6.14
N THR B 278 31.36 26.52 7.18
CA THR B 278 30.82 26.45 8.53
C THR B 278 31.20 27.71 9.30
N PHE B 279 30.19 28.41 9.83
CA PHE B 279 30.43 29.68 10.54
C PHE B 279 31.19 29.48 11.86
N GLU B 280 31.26 28.24 12.34
CA GLU B 280 32.04 27.90 13.53
C GLU B 280 33.54 27.71 13.25
N ASP B 281 33.94 27.78 11.98
CA ASP B 281 35.35 27.69 11.60
C ASP B 281 35.65 28.66 10.44
N LEU B 282 35.98 29.90 10.80
CA LEU B 282 36.30 30.93 9.81
C LEU B 282 37.64 31.61 10.12
N HIS B 283 38.55 30.88 10.76
CA HIS B 283 39.86 31.43 11.12
C HIS B 283 40.64 31.84 9.90
N GLY B 284 41.12 33.07 9.90
CA GLY B 284 41.89 33.62 8.78
C GLY B 284 41.05 34.35 7.75
N LEU B 285 39.73 34.21 7.82
CA LEU B 285 38.82 34.89 6.90
C LEU B 285 38.27 36.15 7.55
N LYS B 286 38.09 37.19 6.74
CA LYS B 286 37.58 38.48 7.23
C LYS B 286 36.08 38.41 7.51
N GLN B 287 35.37 37.57 6.77
CA GLN B 287 33.92 37.45 6.92
C GLN B 287 33.39 36.12 6.39
N LEU B 288 32.22 35.74 6.88
CA LEU B 288 31.52 34.58 6.36
C LEU B 288 31.25 34.79 4.88
N PRO B 289 31.67 33.84 4.02
CA PRO B 289 31.38 33.98 2.59
C PRO B 289 29.87 34.08 2.32
N GLY B 290 29.47 35.19 1.69
CA GLY B 290 28.06 35.44 1.41
C GLY B 290 27.85 35.72 -0.06
N LEU B 291 28.23 36.92 -0.47
CA LEU B 291 28.18 37.33 -1.88
C LEU B 291 28.90 36.28 -2.74
N ALA B 292 30.11 35.92 -2.34
CA ALA B 292 30.93 34.92 -3.04
C ALA B 292 30.15 33.65 -3.34
N VAL B 293 29.54 33.11 -2.30
CA VAL B 293 28.78 31.86 -2.38
C VAL B 293 27.58 31.99 -3.32
N GLN B 294 26.92 33.14 -3.27
CA GLN B 294 25.74 33.40 -4.11
C GLN B 294 26.07 33.41 -5.60
N ARG B 295 27.17 34.09 -5.97
CA ARG B 295 27.59 34.16 -7.38
C ARG B 295 28.14 32.82 -7.86
N LEU B 296 28.83 32.11 -6.98
CA LEU B 296 29.34 30.77 -7.29
C LEU B 296 28.18 29.80 -7.54
N MSE B 297 27.14 29.91 -6.73
CA MSE B 297 25.92 29.11 -6.93
C MSE B 297 25.30 29.43 -8.27
O MSE B 297 24.95 28.52 -9.02
CB MSE B 297 24.90 29.34 -5.80
CG MSE B 297 25.19 28.46 -4.60
SE MSE B 297 23.65 28.45 -3.36
CE MSE B 297 23.96 30.20 -2.51
N GLN B 298 25.18 30.71 -8.58
CA GLN B 298 24.64 31.17 -9.87
C GLN B 298 25.47 30.64 -11.05
N GLN B 299 26.78 30.55 -10.86
CA GLN B 299 27.70 30.03 -11.87
C GLN B 299 27.66 28.50 -11.98
N GLY B 300 26.83 27.85 -11.16
CA GLY B 300 26.55 26.42 -11.29
C GLY B 300 27.06 25.53 -10.16
N TYR B 301 27.77 26.12 -9.20
CA TYR B 301 28.32 25.35 -8.08
C TYR B 301 27.24 24.94 -7.08
N GLY B 302 27.41 23.76 -6.52
CA GLY B 302 26.56 23.28 -5.43
C GLY B 302 27.04 23.86 -4.12
N PHE B 303 26.11 24.07 -3.19
CA PHE B 303 26.43 24.62 -1.89
C PHE B 303 25.34 24.37 -0.86
N ALA B 304 25.78 24.22 0.38
CA ALA B 304 24.89 24.23 1.53
C ALA B 304 25.68 24.72 2.74
N GLY B 305 24.97 25.31 3.71
CA GLY B 305 25.61 25.90 4.87
C GLY B 305 25.98 24.88 5.92
N GLU B 306 26.73 25.35 6.92
CA GLU B 306 27.19 24.55 8.06
C GLU B 306 27.59 23.10 7.76
N GLY B 307 28.44 22.94 6.74
CA GLY B 307 29.03 21.65 6.40
C GLY B 307 28.05 20.62 5.86
N ASP B 308 26.92 21.08 5.35
CA ASP B 308 25.85 20.20 4.88
C ASP B 308 26.13 19.69 3.47
N TRP B 309 26.90 18.61 3.39
CA TRP B 309 27.38 18.08 2.11
C TRP B 309 26.32 17.40 1.28
N LYS B 310 25.34 16.78 1.92
CA LYS B 310 24.25 16.13 1.18
C LYS B 310 23.46 17.14 0.33
N THR B 311 23.09 18.26 0.94
CA THR B 311 22.32 19.30 0.24
C THR B 311 23.17 20.03 -0.80
N ALA B 312 24.43 20.26 -0.46
CA ALA B 312 25.38 20.87 -1.40
C ALA B 312 25.52 20.02 -2.65
N ALA B 313 25.69 18.71 -2.46
CA ALA B 313 25.75 17.76 -3.56
C ALA B 313 24.45 17.76 -4.34
N LEU B 314 23.34 17.74 -3.63
CA LEU B 314 22.01 17.74 -4.24
C LEU B 314 21.78 19.00 -5.09
N LEU B 315 22.20 20.16 -4.58
CA LEU B 315 22.06 21.41 -5.33
C LEU B 315 22.75 21.31 -6.69
N ARG B 316 24.00 20.85 -6.68
CA ARG B 316 24.78 20.68 -7.91
C ARG B 316 24.09 19.72 -8.87
N ILE B 317 23.70 18.56 -8.34
CA ILE B 317 22.97 17.55 -9.10
C ILE B 317 21.78 18.16 -9.80
N MSE B 318 20.95 18.87 -9.05
CA MSE B 318 19.69 19.42 -9.58
C MSE B 318 19.96 20.60 -10.51
O MSE B 318 19.24 20.79 -11.49
CB MSE B 318 18.75 19.78 -8.44
CG MSE B 318 18.27 18.50 -7.77
SE MSE B 318 17.11 18.86 -6.21
CE MSE B 318 15.54 19.63 -7.12
N LYS B 319 20.98 21.38 -10.21
CA LYS B 319 21.42 22.46 -11.12
C LYS B 319 21.82 21.91 -12.47
N VAL B 320 22.67 20.88 -12.45
CA VAL B 320 23.09 20.19 -13.67
C VAL B 320 21.90 19.53 -14.36
N MSE B 321 21.02 18.94 -13.55
CA MSE B 321 19.81 18.28 -14.07
C MSE B 321 18.93 19.23 -14.82
O MSE B 321 18.28 18.85 -15.79
CB MSE B 321 19.02 17.71 -12.89
CG MSE B 321 17.91 16.76 -13.33
SE MSE B 321 16.91 16.28 -11.71
CE MSE B 321 18.25 15.04 -10.98
N SER B 322 18.90 20.49 -14.40
CA SER B 322 17.98 21.49 -14.97
C SER B 322 18.54 22.25 -16.18
N THR B 323 19.68 21.81 -16.70
CA THR B 323 20.32 22.49 -17.84
C THR B 323 19.37 22.60 -19.03
N GLY B 324 19.20 23.82 -19.54
CA GLY B 324 18.36 24.07 -20.71
C GLY B 324 16.87 24.24 -20.40
N LEU B 325 16.50 24.10 -19.13
CA LEU B 325 15.12 24.34 -18.68
C LEU B 325 14.99 25.75 -18.13
N GLN B 326 13.78 26.28 -18.11
CA GLN B 326 13.58 27.65 -17.64
C GLN B 326 13.87 27.64 -16.16
N GLY B 327 14.91 28.41 -15.82
CA GLY B 327 15.80 28.16 -14.70
C GLY B 327 15.32 28.50 -13.32
N GLY B 328 16.27 28.39 -12.40
CA GLY B 328 16.14 28.86 -11.01
C GLY B 328 16.18 27.67 -10.06
N THR B 329 17.37 27.34 -9.55
CA THR B 329 17.52 26.32 -8.51
C THR B 329 18.49 26.83 -7.44
N SER B 330 18.10 26.72 -6.18
CA SER B 330 18.86 27.33 -5.09
C SER B 330 18.87 26.55 -3.79
N PHE B 331 19.92 26.77 -3.01
CA PHE B 331 19.95 26.39 -1.61
C PHE B 331 18.89 27.22 -0.89
N MSE B 332 18.21 26.59 0.07
CA MSE B 332 17.08 27.23 0.75
C MSE B 332 16.90 26.66 2.13
O MSE B 332 17.25 25.52 2.40
CB MSE B 332 15.83 26.98 -0.11
CG MSE B 332 14.57 27.69 0.38
SE MSE B 332 14.80 29.64 0.28
CE MSE B 332 15.05 29.79 -1.66
N GLU B 333 16.35 27.49 3.01
CA GLU B 333 15.99 27.08 4.36
C GLU B 333 14.68 27.73 4.80
N ASP B 334 13.82 26.96 5.45
CA ASP B 334 12.56 27.49 5.97
C ASP B 334 12.86 28.40 7.17
N TYR B 335 12.73 29.71 6.99
CA TYR B 335 13.12 30.69 8.02
C TYR B 335 11.99 31.01 9.00
N THR B 336 10.85 31.44 8.49
CA THR B 336 9.70 31.79 9.33
C THR B 336 8.36 31.61 8.60
N TYR B 337 7.29 31.62 9.38
CA TYR B 337 5.93 31.40 8.85
C TYR B 337 5.04 32.63 8.96
N HIS B 338 4.00 32.64 8.13
CA HIS B 338 2.92 33.58 8.23
C HIS B 338 1.66 32.79 8.43
N PHE B 339 1.11 32.83 9.64
CA PHE B 339 -0.13 32.12 9.95
C PHE B 339 -1.35 33.02 9.71
N GLU B 340 -2.16 32.63 8.74
CA GLU B 340 -3.39 33.37 8.41
C GLU B 340 -4.38 32.46 7.70
N LYS B 341 -5.63 32.47 8.16
CA LYS B 341 -6.69 31.64 7.59
C LYS B 341 -6.78 31.85 6.08
N GLY B 342 -6.60 30.78 5.32
CA GLY B 342 -6.67 30.82 3.85
C GLY B 342 -5.44 31.39 3.16
N ASN B 343 -4.44 31.80 3.94
CA ASN B 343 -3.24 32.40 3.39
C ASN B 343 -2.01 32.12 4.25
N ASP B 344 -1.84 30.84 4.61
CA ASP B 344 -0.64 30.41 5.34
C ASP B 344 0.55 30.40 4.38
N LEU B 345 1.59 31.16 4.73
CA LEU B 345 2.79 31.26 3.90
C LEU B 345 4.04 30.84 4.65
N VAL B 346 5.04 30.37 3.89
CA VAL B 346 6.36 30.06 4.42
C VAL B 346 7.36 31.04 3.81
N LEU B 347 8.12 31.74 4.65
CA LEU B 347 9.21 32.58 4.18
C LEU B 347 10.50 31.78 4.23
N GLY B 348 11.20 31.70 3.09
CA GLY B 348 12.45 30.95 2.98
C GLY B 348 13.63 31.85 2.72
N SER B 349 14.76 31.53 3.34
CA SER B 349 16.00 32.29 3.16
C SER B 349 17.20 31.52 3.73
N HIS B 350 18.34 32.21 3.85
CA HIS B 350 19.44 31.74 4.69
C HIS B 350 20.22 32.92 5.18
N MSE B 351 20.96 32.74 6.27
CA MSE B 351 21.76 33.83 6.86
C MSE B 351 22.40 34.74 5.82
O MSE B 351 22.42 35.95 6.03
CB MSE B 351 22.76 33.39 7.92
CG MSE B 351 23.65 32.24 7.50
SE MSE B 351 24.85 31.84 9.00
CE MSE B 351 26.39 32.99 8.63
N LEU B 352 22.89 34.18 4.72
CA LEU B 352 23.42 34.98 3.60
C LEU B 352 23.16 34.37 2.21
N GLU B 353 23.28 33.04 2.11
CA GLU B 353 23.55 32.36 0.84
C GLU B 353 22.29 31.88 0.12
N VAL B 354 21.67 32.79 -0.62
CA VAL B 354 20.54 32.45 -1.50
C VAL B 354 20.94 32.76 -2.94
N CYS B 355 20.69 31.81 -3.84
CA CYS B 355 21.15 31.90 -5.22
C CYS B 355 20.26 32.84 -6.06
N PRO B 356 20.88 33.84 -6.72
CA PRO B 356 20.12 34.81 -7.54
C PRO B 356 19.55 34.24 -8.84
N SER B 357 19.82 32.97 -9.14
CA SER B 357 19.22 32.30 -10.30
C SER B 357 17.69 32.28 -10.24
N ILE B 358 17.16 32.31 -9.02
CA ILE B 358 15.70 32.37 -8.79
C ILE B 358 15.15 33.80 -8.63
N ALA B 359 16.02 34.79 -8.79
CA ALA B 359 15.63 36.19 -8.57
C ALA B 359 14.68 36.70 -9.66
N VAL B 360 13.84 37.65 -9.29
CA VAL B 360 12.91 38.27 -10.24
C VAL B 360 13.53 39.54 -10.80
N GLU B 361 14.03 40.37 -9.88
CA GLU B 361 14.66 41.62 -10.26
C GLU B 361 15.86 41.30 -11.11
N GLU B 362 16.02 42.06 -12.20
CA GLU B 362 17.18 41.86 -13.06
C GLU B 362 18.44 42.30 -12.35
N LYS B 363 18.28 43.22 -11.39
CA LYS B 363 19.42 43.72 -10.61
C LYS B 363 19.15 43.63 -9.13
N PRO B 364 19.72 42.61 -8.48
CA PRO B 364 19.65 42.48 -7.04
C PRO B 364 20.36 43.62 -6.35
N ILE B 365 20.05 43.81 -5.09
CA ILE B 365 20.72 44.80 -4.27
C ILE B 365 21.94 44.13 -3.68
N LEU B 366 23.04 44.88 -3.61
CA LEU B 366 24.27 44.38 -3.01
C LEU B 366 24.58 45.22 -1.77
N ASP B 367 24.12 44.72 -0.63
CA ASP B 367 24.30 45.44 0.62
C ASP B 367 25.36 44.79 1.50
N VAL B 368 25.65 45.46 2.60
CA VAL B 368 26.59 44.99 3.61
C VAL B 368 26.07 45.40 4.98
N GLN B 369 26.11 44.48 5.93
CA GLN B 369 25.49 44.72 7.23
C GLN B 369 26.05 43.79 8.29
N HIS B 370 25.42 43.82 9.45
CA HIS B 370 25.94 43.11 10.60
C HIS B 370 25.40 41.72 10.62
N LEU B 371 26.30 40.75 10.74
CA LEU B 371 25.95 39.37 11.07
C LEU B 371 26.68 38.90 12.32
N GLY B 372 25.92 38.71 13.41
CA GLY B 372 26.48 38.24 14.67
C GLY B 372 27.00 36.81 14.58
N ILE B 373 26.20 35.92 13.99
CA ILE B 373 26.57 34.50 13.87
C ILE B 373 27.91 34.38 13.14
N GLY B 374 28.87 33.70 13.77
CA GLY B 374 30.23 33.57 13.23
C GLY B 374 31.23 34.56 13.81
N GLY B 375 30.74 35.71 14.26
CA GLY B 375 31.57 36.73 14.92
C GLY B 375 32.67 37.30 14.04
N LYS B 376 32.30 37.69 12.83
CA LYS B 376 33.25 38.22 11.85
C LYS B 376 32.77 39.57 11.32
N ASP B 377 33.51 40.13 10.37
CA ASP B 377 33.16 41.43 9.79
C ASP B 377 31.81 41.38 9.07
N ASP B 378 31.23 42.56 8.88
CA ASP B 378 29.94 42.67 8.21
C ASP B 378 30.07 42.19 6.78
N PRO B 379 29.40 41.07 6.43
CA PRO B 379 29.62 40.49 5.10
C PRO B 379 28.71 41.07 4.03
N ALA B 380 29.21 41.09 2.80
CA ALA B 380 28.43 41.52 1.65
C ALA B 380 27.48 40.41 1.22
N ARG B 381 26.30 40.81 0.74
CA ARG B 381 25.33 39.85 0.21
C ARG B 381 24.43 40.46 -0.85
N LEU B 382 23.79 39.61 -1.64
CA LEU B 382 22.79 40.04 -2.62
C LEU B 382 21.39 39.88 -2.03
N ILE B 383 20.62 40.96 -2.05
CA ILE B 383 19.24 40.97 -1.57
C ILE B 383 18.29 41.04 -2.76
N PHE B 384 17.28 40.20 -2.75
CA PHE B 384 16.31 40.12 -3.85
C PHE B 384 15.05 39.33 -3.47
N ASN B 385 13.99 39.53 -4.25
CA ASN B 385 12.77 38.73 -4.16
C ASN B 385 12.87 37.54 -5.11
N THR B 386 12.05 36.53 -4.85
CA THR B 386 12.03 35.29 -5.65
C THR B 386 10.90 35.32 -6.67
N GLN B 387 11.11 34.69 -7.82
CA GLN B 387 10.10 34.66 -8.89
C GLN B 387 8.85 33.87 -8.49
N THR B 388 7.77 34.12 -9.22
CA THR B 388 6.46 33.53 -8.92
C THR B 388 6.20 32.30 -9.77
N GLY B 389 5.58 31.27 -9.19
CA GLY B 389 5.13 30.10 -9.94
C GLY B 389 5.30 28.78 -9.21
N PRO B 390 4.95 27.67 -9.88
CA PRO B 390 5.12 26.34 -9.28
C PRO B 390 6.58 26.01 -9.03
N ALA B 391 6.86 25.41 -7.88
CA ALA B 391 8.21 24.99 -7.55
C ALA B 391 8.19 23.74 -6.69
N ILE B 392 9.37 23.19 -6.46
CA ILE B 392 9.56 22.11 -5.51
C ILE B 392 10.65 22.46 -4.50
N VAL B 393 10.52 21.93 -3.30
CA VAL B 393 11.64 21.89 -2.34
C VAL B 393 11.97 20.43 -2.07
N ALA B 394 13.25 20.10 -2.17
CA ALA B 394 13.72 18.72 -2.06
C ALA B 394 14.77 18.59 -0.97
N SER B 395 14.70 17.48 -0.24
CA SER B 395 15.67 17.17 0.80
C SER B 395 16.07 15.69 0.74
N LEU B 396 17.37 15.43 0.69
CA LEU B 396 17.90 14.08 0.74
C LEU B 396 18.43 13.84 2.15
N ILE B 397 17.85 12.87 2.86
CA ILE B 397 18.28 12.55 4.22
C ILE B 397 18.84 11.14 4.31
N ASP B 398 19.76 10.97 5.26
CA ASP B 398 20.36 9.67 5.55
C ASP B 398 19.64 9.05 6.75
N LEU B 399 18.90 7.96 6.50
CA LEU B 399 18.18 7.26 7.57
C LEU B 399 19.06 6.27 8.32
N GLY B 400 20.35 6.23 7.98
CA GLY B 400 21.32 5.36 8.65
C GLY B 400 21.60 4.11 7.84
N ASP B 401 20.53 3.44 7.46
CA ASP B 401 20.60 2.22 6.65
C ASP B 401 20.25 2.47 5.18
N ARG B 402 19.69 3.65 4.88
CA ARG B 402 19.29 3.99 3.52
C ARG B 402 18.96 5.48 3.39
N TYR B 403 18.76 5.93 2.15
CA TYR B 403 18.44 7.33 1.87
C TYR B 403 16.96 7.50 1.55
N ARG B 404 16.44 8.67 1.92
CA ARG B 404 15.06 9.07 1.61
C ARG B 404 15.08 10.45 0.95
N LEU B 405 14.41 10.56 -0.19
CA LEU B 405 14.22 11.84 -0.87
C LEU B 405 12.84 12.37 -0.55
N LEU B 406 12.79 13.50 0.16
CA LEU B 406 11.54 14.20 0.43
C LEU B 406 11.34 15.30 -0.61
N VAL B 407 10.15 15.35 -1.19
CA VAL B 407 9.81 16.37 -2.17
C VAL B 407 8.43 16.97 -1.87
N ASN B 408 8.41 18.26 -1.56
CA ASN B 408 7.18 19.00 -1.31
C ASN B 408 6.91 19.94 -2.49
N CYS B 409 5.80 19.74 -3.16
CA CYS B 409 5.36 20.66 -4.21
C CYS B 409 4.85 21.95 -3.58
N ILE B 410 5.33 23.08 -4.07
CA ILE B 410 4.95 24.39 -3.53
C ILE B 410 4.58 25.37 -4.64
N ASP B 411 4.11 26.54 -4.24
CA ASP B 411 3.80 27.63 -5.16
C ASP B 411 4.25 28.96 -4.58
N THR B 412 5.30 29.54 -5.18
CA THR B 412 5.84 30.81 -4.72
C THR B 412 4.91 31.97 -5.08
N VAL B 413 4.77 32.89 -4.14
CA VAL B 413 3.88 34.03 -4.31
C VAL B 413 4.62 35.34 -4.04
N LYS B 414 4.11 36.43 -4.62
CA LYS B 414 4.68 37.76 -4.40
C LYS B 414 4.41 38.21 -2.97
N THR B 415 5.39 38.86 -2.37
CA THR B 415 5.25 39.34 -1.00
C THR B 415 4.15 40.40 -0.95
N PRO B 416 3.20 40.27 0.00
CA PRO B 416 2.09 41.23 0.09
C PRO B 416 2.51 42.58 0.65
N HIS B 417 3.65 42.62 1.33
CA HIS B 417 4.29 43.88 1.75
C HIS B 417 5.78 43.74 1.65
N SER B 418 6.50 44.84 1.49
CA SER B 418 7.96 44.78 1.40
C SER B 418 8.58 44.40 2.74
N LEU B 419 9.83 43.95 2.67
CA LEU B 419 10.61 43.59 3.85
C LEU B 419 11.80 44.55 3.92
N PRO B 420 11.61 45.77 4.46
CA PRO B 420 12.66 46.78 4.44
C PRO B 420 13.80 46.54 5.44
N LYS B 421 13.53 45.81 6.51
CA LYS B 421 14.53 45.54 7.56
C LYS B 421 15.17 44.15 7.47
N LEU B 422 14.79 43.37 6.46
CA LEU B 422 15.36 42.04 6.25
C LEU B 422 16.59 42.14 5.34
N PRO B 423 17.80 41.97 5.90
CA PRO B 423 19.04 42.18 5.14
C PRO B 423 19.44 41.02 4.22
N VAL B 424 18.54 40.06 4.03
CA VAL B 424 18.80 38.91 3.16
C VAL B 424 17.69 38.76 2.12
N ALA B 425 17.99 37.99 1.08
CA ALA B 425 17.02 37.69 0.04
C ALA B 425 15.92 36.79 0.60
N ASN B 426 14.80 36.72 -0.11
CA ASN B 426 13.66 35.94 0.36
C ASN B 426 12.97 35.16 -0.74
N ALA B 427 12.44 34.00 -0.34
CA ALA B 427 11.47 33.27 -1.14
C ALA B 427 10.23 33.12 -0.28
N LEU B 428 9.06 33.22 -0.90
CA LEU B 428 7.79 33.16 -0.18
C LEU B 428 6.82 32.25 -0.92
N TRP B 429 6.28 31.24 -0.23
CA TRP B 429 5.46 30.24 -0.90
C TRP B 429 4.32 29.67 -0.09
N LYS B 430 3.38 29.07 -0.80
CA LYS B 430 2.32 28.25 -0.20
C LYS B 430 2.71 26.78 -0.36
N ALA B 431 2.75 26.06 0.77
CA ALA B 431 3.08 24.64 0.76
C ALA B 431 1.84 23.80 0.47
N GLN B 432 1.92 22.93 -0.53
CA GLN B 432 0.82 22.00 -0.85
C GLN B 432 0.83 20.83 0.13
N PRO B 433 -0.35 20.33 0.54
CA PRO B 433 -1.71 20.79 0.22
C PRO B 433 -2.13 21.99 1.07
N ASP B 434 -1.58 22.07 2.27
CA ASP B 434 -1.71 23.24 3.14
C ASP B 434 -0.53 23.24 4.10
N LEU B 435 -0.33 24.32 4.85
CA LEU B 435 0.88 24.47 5.66
C LEU B 435 0.95 23.45 6.81
N PRO B 436 -0.14 23.28 7.58
CA PRO B 436 -0.08 22.31 8.67
C PRO B 436 0.22 20.88 8.20
N THR B 437 -0.50 20.41 7.20
CA THR B 437 -0.31 19.06 6.67
C THR B 437 1.05 18.90 5.99
N ALA B 438 1.47 19.92 5.23
CA ALA B 438 2.75 19.88 4.53
C ALA B 438 3.92 19.84 5.52
N SER B 439 3.86 20.70 6.53
CA SER B 439 4.90 20.75 7.56
C SER B 439 4.93 19.46 8.39
N GLU B 440 3.75 18.96 8.75
CA GLU B 440 3.63 17.73 9.57
C GLU B 440 4.15 16.49 8.85
N ALA B 441 3.74 16.32 7.60
CA ALA B 441 4.21 15.20 6.76
C ALA B 441 5.73 15.22 6.64
N TRP B 442 6.27 16.42 6.45
CA TRP B 442 7.72 16.63 6.34
C TRP B 442 8.42 16.26 7.60
N ILE B 443 7.87 16.71 8.72
CA ILE B 443 8.44 16.43 10.04
C ILE B 443 8.35 14.94 10.38
N LEU B 444 7.19 14.35 10.11
CA LEU B 444 6.99 12.90 10.31
C LEU B 444 8.00 12.08 9.52
N ALA B 445 8.30 12.53 8.30
CA ALA B 445 9.24 11.82 7.40
C ALA B 445 10.70 12.27 7.58
N GLY B 446 10.96 13.11 8.57
CA GLY B 446 12.32 13.47 8.96
C GLY B 446 13.09 14.42 8.05
N GLY B 447 12.39 15.07 7.14
CA GLY B 447 13.03 16.01 6.21
C GLY B 447 13.87 17.07 6.89
N ALA B 448 14.99 17.43 6.25
CA ALA B 448 15.89 18.45 6.78
C ALA B 448 15.28 19.84 6.73
N HIS B 449 15.87 20.75 7.49
CA HIS B 449 15.59 22.19 7.40
C HIS B 449 16.22 22.80 6.18
N HIS B 450 17.34 22.21 5.74
CA HIS B 450 17.97 22.59 4.49
C HIS B 450 17.32 21.87 3.34
N THR B 451 17.12 22.60 2.26
CA THR B 451 16.52 22.02 1.06
C THR B 451 17.12 22.58 -0.22
N VAL B 452 16.75 21.98 -1.33
CA VAL B 452 17.03 22.55 -2.65
C VAL B 452 15.71 23.01 -3.25
N PHE B 453 15.59 24.32 -3.45
CA PHE B 453 14.43 24.93 -4.07
C PHE B 453 14.64 24.92 -5.58
N SER B 454 13.58 24.69 -6.34
CA SER B 454 13.67 24.77 -7.81
C SER B 454 12.36 25.12 -8.53
N HIS B 455 12.45 26.08 -9.44
CA HIS B 455 11.38 26.37 -10.40
C HIS B 455 11.52 25.51 -11.62
N ALA B 456 12.75 25.12 -11.93
CA ALA B 456 13.07 24.44 -13.18
C ALA B 456 12.59 22.99 -13.19
N LEU B 457 12.76 22.32 -12.06
CA LEU B 457 12.46 20.89 -11.94
C LEU B 457 11.14 20.68 -11.22
N ASN B 458 10.49 19.55 -11.54
CA ASN B 458 9.18 19.22 -10.97
C ASN B 458 9.16 17.82 -10.32
N LEU B 459 8.00 17.46 -9.77
CA LEU B 459 7.83 16.20 -9.06
C LEU B 459 8.16 14.97 -9.92
N ASN B 460 7.74 15.00 -11.18
CA ASN B 460 8.01 13.92 -12.12
C ASN B 460 9.50 13.69 -12.35
N ASP B 461 10.27 14.78 -12.40
CA ASP B 461 11.71 14.71 -12.57
C ASP B 461 12.38 14.00 -11.39
N MSE B 462 11.87 14.31 -10.20
CA MSE B 462 12.43 13.77 -8.96
C MSE B 462 11.99 12.34 -8.73
O MSE B 462 12.74 11.56 -8.14
CB MSE B 462 11.99 14.60 -7.76
CG MSE B 462 12.40 16.07 -7.88
SE MSE B 462 14.36 16.26 -7.84
CE MSE B 462 14.77 16.38 -9.75
N ARG B 463 10.78 12.00 -9.15
CA ARG B 463 10.33 10.60 -9.13
C ARG B 463 11.28 9.72 -9.92
N GLN B 464 11.63 10.16 -11.13
CA GLN B 464 12.56 9.42 -11.99
C GLN B 464 13.97 9.38 -11.41
N PHE B 465 14.37 10.48 -10.76
CA PHE B 465 15.65 10.54 -10.04
C PHE B 465 15.72 9.45 -8.98
N ALA B 466 14.67 9.36 -8.16
CA ALA B 466 14.59 8.39 -7.08
C ALA B 466 14.56 6.95 -7.59
N GLU B 467 13.89 6.73 -8.72
CA GLU B 467 13.87 5.39 -9.36
C GLU B 467 15.27 5.03 -9.86
N MSE B 468 15.90 5.98 -10.55
CA MSE B 468 17.24 5.78 -11.11
C MSE B 468 18.24 5.35 -10.08
O MSE B 468 19.09 4.51 -10.34
CB MSE B 468 17.67 7.11 -11.76
CG MSE B 468 18.99 7.06 -12.50
SE MSE B 468 18.76 6.16 -14.23
CE MSE B 468 18.08 7.61 -15.36
N HIS B 469 18.13 5.91 -8.88
CA HIS B 469 19.05 5.60 -7.79
C HIS B 469 18.50 4.60 -6.80
N ASP B 470 17.30 4.11 -7.05
CA ASP B 470 16.65 3.11 -6.21
C ASP B 470 16.56 3.56 -4.75
N ILE B 471 15.99 4.74 -4.53
CA ILE B 471 15.72 5.24 -3.17
C ILE B 471 14.25 5.58 -3.03
N GLU B 472 13.78 5.60 -1.79
CA GLU B 472 12.42 6.00 -1.48
C GLU B 472 12.23 7.49 -1.81
N ILE B 473 11.15 7.79 -2.54
CA ILE B 473 10.69 9.16 -2.70
C ILE B 473 9.46 9.36 -1.83
N THR B 474 9.50 10.37 -0.98
CA THR B 474 8.39 10.71 -0.10
C THR B 474 7.75 11.98 -0.63
N VAL B 475 6.54 11.84 -1.15
CA VAL B 475 5.87 12.92 -1.88
C VAL B 475 4.87 13.65 -0.98
N ILE B 476 4.99 14.98 -0.97
CA ILE B 476 4.06 15.84 -0.22
C ILE B 476 3.47 16.88 -1.19
N ASP B 477 2.20 16.72 -1.51
CA ASP B 477 1.53 17.59 -2.49
C ASP B 477 0.02 17.67 -2.25
N ASN B 478 -0.70 18.31 -3.18
CA ASN B 478 -2.15 18.47 -3.07
C ASN B 478 -2.94 17.18 -2.78
N ASP B 479 -2.43 16.05 -3.25
CA ASP B 479 -3.10 14.74 -3.04
C ASP B 479 -2.76 14.09 -1.70
N THR B 480 -1.85 14.70 -0.94
CA THR B 480 -1.36 14.10 0.32
C THR B 480 -2.40 14.10 1.44
N ARG B 481 -2.68 12.92 1.97
CA ARG B 481 -3.47 12.74 3.18
C ARG B 481 -2.65 11.92 4.19
N LEU B 482 -2.64 12.38 5.45
CA LEU B 482 -1.73 11.84 6.47
C LEU B 482 -1.87 10.33 6.74
N PRO B 483 -3.11 9.83 6.89
CA PRO B 483 -3.25 8.38 7.11
C PRO B 483 -2.57 7.52 6.04
N ALA B 484 -2.88 7.81 4.77
CA ALA B 484 -2.27 7.10 3.64
C ALA B 484 -0.77 7.36 3.54
N PHE B 485 -0.37 8.59 3.84
CA PHE B 485 1.03 9.00 3.88
C PHE B 485 1.82 8.16 4.87
N LYS B 486 1.26 7.95 6.05
CA LYS B 486 1.89 7.12 7.09
C LYS B 486 1.96 5.65 6.69
N ASP B 487 0.88 5.14 6.10
CA ASP B 487 0.87 3.76 5.60
C ASP B 487 2.03 3.52 4.65
N ALA B 488 2.23 4.45 3.72
CA ALA B 488 3.28 4.35 2.72
C ALA B 488 4.66 4.37 3.35
N LEU B 489 4.86 5.22 4.36
CA LEU B 489 6.12 5.26 5.11
C LEU B 489 6.46 3.89 5.70
N ARG B 490 5.45 3.24 6.28
CA ARG B 490 5.62 1.92 6.89
C ARG B 490 5.91 0.84 5.85
N TRP B 491 5.11 0.81 4.79
CA TRP B 491 5.26 -0.22 3.75
C TRP B 491 6.54 -0.08 2.97
N ASN B 492 6.98 1.16 2.77
CA ASN B 492 8.28 1.42 2.14
C ASN B 492 9.44 1.04 3.06
N GLU B 493 9.26 1.22 4.36
CA GLU B 493 10.29 0.90 5.34
C GLU B 493 10.71 -0.56 5.23
N VAL B 494 9.75 -1.47 5.16
CA VAL B 494 10.06 -2.90 5.04
C VAL B 494 10.57 -3.27 3.66
N TYR B 495 10.10 -2.59 2.61
CA TYR B 495 10.59 -2.85 1.26
C TYR B 495 12.04 -2.43 1.11
N TYR B 496 12.31 -1.15 1.36
CA TYR B 496 13.66 -0.60 1.19
C TYR B 496 14.62 -1.05 2.29
N GLY B 497 14.06 -1.55 3.39
CA GLY B 497 14.84 -2.16 4.47
C GLY B 497 14.98 -3.67 4.29
N PHE B 498 15.37 -4.08 3.09
CA PHE B 498 15.23 -5.50 2.65
C PHE B 498 15.32 -6.48 3.81
N MSE C 1 -13.79 15.42 39.98
CA MSE C 1 -12.42 15.50 39.41
C MSE C 1 -12.08 14.23 38.62
O MSE C 1 -12.39 13.12 39.05
CB MSE C 1 -11.40 15.72 40.54
N THR C 2 -11.45 14.43 37.47
CA THR C 2 -11.11 13.29 36.60
C THR C 2 -9.86 12.59 37.13
N ILE C 3 -9.55 11.40 36.59
CA ILE C 3 -8.19 10.85 36.70
C ILE C 3 -7.21 11.75 35.96
N PHE C 4 -7.71 12.56 35.03
CA PHE C 4 -6.90 13.52 34.26
C PHE C 4 -6.29 14.61 35.14
N ASP C 5 -6.92 14.90 36.27
CA ASP C 5 -6.38 15.84 37.26
C ASP C 5 -5.19 15.24 38.03
N ASN C 6 -5.02 13.92 37.95
CA ASN C 6 -3.87 13.22 38.54
C ASN C 6 -2.64 13.17 37.64
N TYR C 7 -2.75 13.75 36.45
CA TYR C 7 -1.65 13.76 35.49
C TYR C 7 -1.38 15.16 34.97
N GLU C 8 -0.19 15.31 34.42
CA GLU C 8 0.28 16.57 33.87
C GLU C 8 1.06 16.27 32.58
N VAL C 9 1.07 17.22 31.66
CA VAL C 9 1.89 17.12 30.46
C VAL C 9 2.95 18.22 30.49
N TRP C 10 4.18 17.85 30.18
CA TRP C 10 5.31 18.77 30.31
C TRP C 10 5.51 19.55 29.06
N PHE C 11 5.49 20.86 29.18
CA PHE C 11 5.76 21.74 28.07
C PHE C 11 7.24 22.07 28.06
N VAL C 12 7.98 21.47 27.14
CA VAL C 12 9.43 21.59 27.08
C VAL C 12 9.85 22.45 25.90
N ILE C 13 10.68 23.45 26.17
CA ILE C 13 11.13 24.37 25.14
C ILE C 13 12.55 24.00 24.69
N GLY C 14 12.71 23.84 23.38
CA GLY C 14 13.98 23.50 22.78
C GLY C 14 14.71 24.72 22.27
N SER C 15 15.99 24.85 22.64
CA SER C 15 16.83 25.95 22.16
C SER C 15 18.31 25.57 22.26
N GLN C 16 19.18 26.59 22.21
CA GLN C 16 20.62 26.41 22.40
C GLN C 16 21.17 27.48 23.36
N HIS C 17 22.27 27.15 24.05
CA HIS C 17 22.87 28.07 25.04
C HIS C 17 23.71 29.16 24.42
N LEU C 18 24.26 28.86 23.24
CA LEU C 18 25.07 29.82 22.48
C LEU C 18 24.40 31.18 22.21
N TYR C 19 23.08 31.18 22.04
CA TYR C 19 22.33 32.39 21.57
C TYR C 19 22.55 33.67 22.42
N GLY C 20 22.79 33.48 23.71
CA GLY C 20 22.93 34.60 24.64
C GLY C 20 21.92 34.40 25.76
N PRO C 21 22.19 34.91 26.97
CA PRO C 21 21.19 34.74 28.03
C PRO C 21 19.96 35.67 27.93
N GLU C 22 20.03 36.74 27.13
CA GLU C 22 18.90 37.65 26.91
C GLU C 22 17.96 37.16 25.81
N THR C 23 18.54 36.52 24.79
CA THR C 23 17.73 35.77 23.82
C THR C 23 16.92 34.67 24.51
N LEU C 24 17.60 33.93 25.40
CA LEU C 24 16.96 32.87 26.18
C LEU C 24 15.92 33.44 27.15
N ARG C 25 16.19 34.61 27.69
CA ARG C 25 15.21 35.34 28.49
C ARG C 25 13.93 35.59 27.68
N GLN C 26 14.10 36.01 26.43
CA GLN C 26 12.96 36.25 25.54
C GLN C 26 12.16 34.99 25.23
N VAL C 27 12.85 33.88 24.93
CA VAL C 27 12.16 32.60 24.66
C VAL C 27 11.39 32.12 25.91
N THR C 28 12.03 32.22 27.08
CA THR C 28 11.35 31.88 28.34
C THR C 28 10.08 32.71 28.56
N GLN C 29 10.14 33.99 28.23
CA GLN C 29 8.97 34.89 28.34
C GLN C 29 7.81 34.44 27.44
N HIS C 30 8.14 34.08 26.21
CA HIS C 30 7.14 33.55 25.27
C HIS C 30 6.53 32.30 25.80
N ALA C 31 7.38 31.38 26.27
CA ALA C 31 6.94 30.08 26.79
C ALA C 31 5.97 30.24 27.98
N GLU C 32 6.31 31.11 28.92
CA GLU C 32 5.45 31.37 30.08
C GLU C 32 4.10 31.93 29.68
N HIS C 33 4.13 32.88 28.74
CA HIS C 33 2.92 33.51 28.20
C HIS C 33 2.05 32.50 27.51
N VAL C 34 2.66 31.69 26.65
CA VAL C 34 1.94 30.66 25.90
C VAL C 34 1.33 29.61 26.82
N VAL C 35 2.15 29.05 27.70
CA VAL C 35 1.71 27.98 28.60
C VAL C 35 0.57 28.43 29.51
N ASN C 36 0.71 29.63 30.09
CA ASN C 36 -0.34 30.16 30.95
C ASN C 36 -1.63 30.42 30.19
N ALA C 37 -1.53 30.98 29.00
CA ALA C 37 -2.71 31.23 28.15
C ALA C 37 -3.42 29.94 27.77
N LEU C 38 -2.65 28.87 27.48
CA LEU C 38 -3.22 27.56 27.15
C LEU C 38 -3.93 26.93 28.35
N ASN C 39 -3.26 26.93 29.51
CA ASN C 39 -3.82 26.38 30.74
C ASN C 39 -5.15 27.05 31.13
N THR C 40 -5.22 28.36 30.93
CA THR C 40 -6.41 29.14 31.28
C THR C 40 -7.54 29.03 30.25
N GLU C 41 -7.20 29.16 28.97
CA GLU C 41 -8.21 29.28 27.90
C GLU C 41 -8.40 28.04 27.03
N ALA C 42 -7.32 27.34 26.70
CA ALA C 42 -7.35 26.28 25.68
C ALA C 42 -8.34 25.15 25.97
N LYS C 43 -8.56 24.87 27.26
CA LYS C 43 -9.50 23.84 27.69
C LYS C 43 -9.00 22.45 27.33
N LEU C 44 -7.70 22.25 27.57
CA LEU C 44 -7.06 20.97 27.36
C LEU C 44 -7.41 20.07 28.54
N PRO C 45 -7.34 18.76 28.35
CA PRO C 45 -7.83 17.88 29.41
C PRO C 45 -7.00 17.82 30.69
N CYS C 46 -5.75 18.28 30.65
CA CYS C 46 -4.90 18.34 31.83
C CYS C 46 -3.78 19.30 31.50
N LYS C 47 -2.82 19.49 32.39
CA LYS C 47 -2.55 20.77 32.96
C LYS C 47 -1.14 20.77 32.33
N LEU C 48 -0.72 21.85 31.69
CA LEU C 48 0.63 21.93 31.12
C LEU C 48 1.59 22.50 32.14
N VAL C 49 2.70 21.81 32.38
CA VAL C 49 3.77 22.33 33.25
C VAL C 49 4.98 22.74 32.42
N LEU C 50 5.28 24.03 32.42
CA LEU C 50 6.47 24.55 31.73
C LEU C 50 7.72 24.14 32.49
N LYS C 51 8.67 23.53 31.78
CA LYS C 51 9.94 23.12 32.38
C LYS C 51 11.07 24.06 31.98
N PRO C 52 12.21 24.01 32.69
CA PRO C 52 13.37 24.82 32.31
C PRO C 52 13.84 24.54 30.89
N LEU C 53 14.36 25.57 30.23
CA LEU C 53 14.76 25.47 28.83
C LEU C 53 15.77 24.34 28.59
N GLY C 54 15.50 23.54 27.55
CA GLY C 54 16.43 22.52 27.10
C GLY C 54 17.42 23.12 26.12
N THR C 55 18.62 23.46 26.61
CA THR C 55 19.64 24.18 25.83
C THR C 55 20.96 23.42 25.66
N THR C 56 21.21 22.46 26.55
CA THR C 56 22.41 21.62 26.48
C THR C 56 22.01 20.14 26.49
N PRO C 57 22.95 19.24 26.12
CA PRO C 57 22.65 17.81 26.19
C PRO C 57 22.25 17.32 27.58
N ASP C 58 23.01 17.70 28.60
CA ASP C 58 22.76 17.22 29.97
C ASP C 58 21.45 17.76 30.55
N GLU C 59 21.05 18.96 30.12
CA GLU C 59 19.76 19.52 30.51
C GLU C 59 18.60 18.73 29.92
N ILE C 60 18.73 18.41 28.63
CA ILE C 60 17.67 17.65 27.91
C ILE C 60 17.59 16.22 28.41
N THR C 61 18.75 15.62 28.68
CA THR C 61 18.82 14.29 29.29
C THR C 61 18.16 14.30 30.68
N ALA C 62 18.44 15.34 31.45
CA ALA C 62 17.85 15.50 32.78
C ALA C 62 16.32 15.56 32.73
N ILE C 63 15.79 16.36 31.81
CA ILE C 63 14.34 16.50 31.63
C ILE C 63 13.69 15.16 31.30
N CYS C 64 14.28 14.43 30.37
CA CYS C 64 13.79 13.09 30.00
C CYS C 64 13.89 12.11 31.17
N ARG C 65 15.01 12.17 31.88
CA ARG C 65 15.22 11.38 33.10
C ARG C 65 14.11 11.65 34.13
N ASP C 66 13.86 12.93 34.39
CA ASP C 66 12.83 13.35 35.34
C ASP C 66 11.44 12.94 34.87
N ALA C 67 11.20 13.11 33.57
CA ALA C 67 9.91 12.76 32.97
C ALA C 67 9.54 11.30 33.20
N ASN C 68 10.51 10.41 33.01
CA ASN C 68 10.32 8.97 33.26
C ASN C 68 9.98 8.66 34.70
N TYR C 69 10.62 9.40 35.60
CA TYR C 69 10.49 9.14 37.04
C TYR C 69 9.15 9.61 37.60
N ASP C 70 8.72 10.80 37.17
CA ASP C 70 7.48 11.40 37.68
C ASP C 70 6.24 10.66 37.18
N ASP C 71 5.54 10.01 38.12
CA ASP C 71 4.33 9.23 37.82
C ASP C 71 3.17 10.06 37.24
N ARG C 72 3.18 11.34 37.54
CA ARG C 72 2.15 12.25 37.05
C ARG C 72 2.43 12.74 35.63
N CYS C 73 3.66 12.59 35.17
CA CYS C 73 4.04 13.03 33.83
C CYS C 73 3.55 12.03 32.79
N ALA C 74 2.55 12.45 32.01
CA ALA C 74 1.92 11.60 31.00
C ALA C 74 2.58 11.73 29.64
N GLY C 75 3.38 12.78 29.45
CA GLY C 75 4.07 13.01 28.19
C GLY C 75 4.71 14.37 28.08
N LEU C 76 5.41 14.59 26.97
CA LEU C 76 6.03 15.87 26.67
C LEU C 76 5.44 16.46 25.42
N VAL C 77 5.15 17.76 25.44
CA VAL C 77 4.91 18.50 24.21
C VAL C 77 6.06 19.47 24.05
N VAL C 78 6.76 19.34 22.94
CA VAL C 78 8.03 20.05 22.72
C VAL C 78 7.81 21.17 21.72
N TRP C 79 8.25 22.37 22.10
CA TRP C 79 8.27 23.51 21.20
C TRP C 79 9.69 23.91 20.95
N LEU C 80 10.12 23.77 19.71
CA LEU C 80 11.47 24.12 19.31
C LEU C 80 11.49 25.57 18.86
N HIS C 81 11.50 26.46 19.85
CA HIS C 81 11.40 27.91 19.63
C HIS C 81 12.53 28.39 18.77
N THR C 82 13.73 27.99 19.15
CA THR C 82 14.94 28.25 18.41
C THR C 82 15.47 26.96 17.77
N PHE C 83 16.49 27.09 16.92
CA PHE C 83 17.25 25.93 16.46
C PHE C 83 17.85 25.25 17.68
N SER C 84 17.70 23.93 17.74
CA SER C 84 18.11 23.15 18.91
C SER C 84 18.73 21.85 18.42
N PRO C 85 20.04 21.87 18.09
CA PRO C 85 20.73 20.75 17.45
C PRO C 85 20.35 19.39 18.04
N ALA C 86 19.90 18.50 17.17
CA ALA C 86 19.20 17.27 17.58
C ALA C 86 20.08 16.24 18.31
N LYS C 87 21.40 16.28 18.10
CA LYS C 87 22.30 15.36 18.83
C LYS C 87 22.26 15.61 20.35
N MSE C 88 21.95 16.84 20.75
CA MSE C 88 21.72 17.18 22.16
C MSE C 88 20.58 16.39 22.75
O MSE C 88 20.55 16.18 23.96
CB MSE C 88 21.45 18.68 22.33
CG MSE C 88 22.62 19.56 21.90
SE MSE C 88 22.38 21.44 22.42
CE MSE C 88 20.41 21.54 22.34
N TRP C 89 19.64 15.97 21.91
CA TRP C 89 18.45 15.25 22.37
C TRP C 89 18.60 13.75 22.36
N ILE C 90 19.63 13.24 21.69
CA ILE C 90 19.76 11.79 21.45
C ILE C 90 19.76 10.97 22.73
N ASN C 91 20.68 11.28 23.63
CA ASN C 91 20.81 10.53 24.90
C ASN C 91 19.52 10.55 25.71
N GLY C 92 18.83 11.69 25.70
CA GLY C 92 17.54 11.82 26.38
C GLY C 92 16.42 11.04 25.73
N LEU C 93 16.30 11.20 24.41
CA LEU C 93 15.26 10.49 23.65
C LEU C 93 15.44 8.97 23.67
N THR C 94 16.69 8.52 23.75
CA THR C 94 17.00 7.09 23.88
C THR C 94 16.43 6.46 25.15
N MSE C 95 16.45 7.21 26.25
CA MSE C 95 16.03 6.73 27.57
C MSE C 95 14.53 7.00 27.77
O MSE C 95 13.87 6.35 28.59
CB MSE C 95 16.93 7.34 28.69
CG MSE C 95 16.21 8.54 29.35
CG MSE C 95 18.41 7.13 29.02
SE MSE C 95 17.50 9.37 30.57
SE MSE C 95 19.18 5.47 28.30
CE MSE C 95 17.74 7.85 31.79
CE MSE C 95 19.64 4.68 30.05
N LEU C 96 13.96 7.93 27.00
CA LEU C 96 12.58 8.42 27.24
C LEU C 96 11.51 7.36 27.03
N ASN C 97 10.75 7.06 28.08
CA ASN C 97 9.65 6.08 28.02
C ASN C 97 8.26 6.71 28.08
N LYS C 98 8.21 8.04 28.02
CA LYS C 98 6.94 8.77 27.95
C LYS C 98 6.72 9.35 26.55
N PRO C 99 5.48 9.37 26.08
CA PRO C 99 5.20 9.80 24.71
C PRO C 99 5.47 11.28 24.50
N LEU C 100 5.74 11.63 23.25
CA LEU C 100 6.20 12.97 22.88
C LEU C 100 5.43 13.51 21.69
N LEU C 101 5.08 14.79 21.76
CA LEU C 101 4.44 15.50 20.66
C LEU C 101 5.18 16.80 20.38
N GLN C 102 5.51 17.05 19.12
CA GLN C 102 6.07 18.35 18.74
C GLN C 102 4.93 19.29 18.42
N PHE C 103 4.84 20.39 19.16
CA PHE C 103 3.95 21.48 18.80
C PHE C 103 4.73 22.45 17.91
N HIS C 104 4.54 22.30 16.61
CA HIS C 104 5.27 23.09 15.61
C HIS C 104 4.60 24.43 15.47
N THR C 105 4.88 25.32 16.42
CA THR C 105 4.17 26.59 16.53
C THR C 105 5.12 27.80 16.41
N GLN C 106 4.56 28.99 16.68
CA GLN C 106 5.28 30.26 16.55
C GLN C 106 4.61 31.30 17.46
N PHE C 107 5.39 32.16 18.13
CA PHE C 107 4.79 33.11 19.08
C PHE C 107 3.82 34.04 18.36
N ASN C 108 4.32 34.76 17.37
CA ASN C 108 3.49 35.59 16.50
C ASN C 108 2.78 34.75 15.45
N ALA C 109 1.56 35.20 15.11
CA ALA C 109 0.78 34.57 14.05
C ALA C 109 1.21 35.19 12.72
N ALA C 110 1.06 36.50 12.63
CA ALA C 110 1.44 37.24 11.44
C ALA C 110 2.93 37.53 11.46
N LEU C 111 3.56 37.48 10.29
CA LEU C 111 4.96 37.82 10.14
C LEU C 111 5.08 39.35 10.01
N PRO C 112 5.84 40.00 10.92
CA PRO C 112 5.98 41.47 10.87
C PRO C 112 6.78 41.94 9.65
N TRP C 113 6.08 42.09 8.53
CA TRP C 113 6.70 42.39 7.22
C TRP C 113 7.60 43.58 7.23
N ASP C 114 7.17 44.64 7.91
CA ASP C 114 7.90 45.93 7.88
C ASP C 114 9.03 46.04 8.92
N SER C 115 9.01 45.18 9.94
CA SER C 115 10.02 45.22 11.01
C SER C 115 10.93 43.98 11.07
N ILE C 116 10.55 42.89 10.41
CA ILE C 116 11.32 41.63 10.50
C ILE C 116 12.81 41.85 10.16
N ASP C 117 13.67 41.44 11.08
CA ASP C 117 15.12 41.59 10.92
C ASP C 117 15.86 40.37 11.51
N MSE C 118 17.19 40.41 11.48
CA MSE C 118 18.01 39.27 11.92
C MSE C 118 17.83 38.92 13.38
O MSE C 118 17.90 37.76 13.76
CB MSE C 118 19.50 39.54 11.64
CG MSE C 118 19.87 39.30 10.18
SE MSE C 118 19.34 37.52 9.53
CE MSE C 118 20.83 37.36 8.24
N ASP C 119 17.57 39.92 14.21
CA ASP C 119 17.29 39.69 15.63
C ASP C 119 16.05 38.82 15.78
N PHE C 120 14.97 39.20 15.09
CA PHE C 120 13.74 38.41 15.07
C PHE C 120 14.00 37.00 14.52
N MSE C 121 14.84 36.90 13.49
CA MSE C 121 15.16 35.62 12.87
C MSE C 121 15.98 34.74 13.78
O MSE C 121 15.86 33.53 13.74
CB MSE C 121 15.95 35.83 11.57
CG MSE C 121 15.06 36.43 10.49
SE MSE C 121 13.53 35.19 10.23
CE MSE C 121 13.02 35.76 8.40
N ASN C 122 16.84 35.36 14.58
CA ASN C 122 17.67 34.64 15.56
C ASN C 122 16.86 34.12 16.76
N LEU C 123 15.68 34.71 17.01
CA LEU C 123 14.85 34.36 18.17
C LEU C 123 13.71 33.40 17.80
N ASN C 124 13.05 33.67 16.68
CA ASN C 124 11.87 32.91 16.24
C ASN C 124 12.19 32.00 15.05
N GLN C 125 12.78 30.84 15.32
CA GLN C 125 13.28 29.94 14.29
C GLN C 125 12.62 28.56 14.23
N THR C 126 11.41 28.41 14.73
CA THR C 126 10.75 27.11 14.75
C THR C 126 10.64 26.48 13.36
N ALA C 127 10.43 27.33 12.35
CA ALA C 127 10.31 26.89 10.95
C ALA C 127 11.39 25.88 10.55
N HIS C 128 12.64 26.10 10.95
CA HIS C 128 13.72 25.13 10.70
C HIS C 128 14.13 24.33 11.92
N GLY C 129 14.09 24.94 13.09
CA GLY C 129 14.38 24.24 14.35
C GLY C 129 13.54 22.99 14.55
N GLY C 130 12.28 23.07 14.15
CA GLY C 130 11.35 21.94 14.27
C GLY C 130 11.60 20.81 13.28
N ARG C 131 12.29 21.11 12.19
CA ARG C 131 12.58 20.13 11.15
C ARG C 131 13.83 19.31 11.48
N GLU C 132 14.85 19.96 12.04
CA GLU C 132 16.05 19.25 12.53
C GLU C 132 15.64 18.28 13.64
N PHE C 133 14.69 18.67 14.49
CA PHE C 133 14.16 17.78 15.52
C PHE C 133 13.34 16.64 14.94
N GLY C 134 12.57 16.94 13.89
CA GLY C 134 11.77 15.92 13.20
C GLY C 134 12.64 14.81 12.64
N PHE C 135 13.81 15.18 12.11
CA PHE C 135 14.75 14.20 11.57
C PHE C 135 15.14 13.15 12.61
N ILE C 136 15.56 13.62 13.78
CA ILE C 136 16.10 12.71 14.80
C ILE C 136 15.03 11.71 15.27
N GLY C 137 13.79 12.16 15.32
CA GLY C 137 12.66 11.27 15.63
C GLY C 137 12.49 10.20 14.56
N ALA C 138 12.46 10.64 13.30
CA ALA C 138 12.32 9.74 12.15
C ALA C 138 13.52 8.80 12.02
N ARG C 139 14.70 9.36 12.29
CA ARG C 139 15.94 8.58 12.23
C ARG C 139 15.94 7.47 13.28
N MSE C 140 15.51 7.79 14.49
CA MSE C 140 15.44 6.80 15.58
C MSE C 140 14.20 5.94 15.50
O MSE C 140 14.02 5.03 16.30
CB MSE C 140 15.48 7.52 16.92
CG MSE C 140 16.84 8.17 17.13
SE MSE C 140 16.88 9.21 18.78
CE MSE C 140 16.49 7.74 20.02
N ARG C 141 13.35 6.23 14.52
CA ARG C 141 12.09 5.53 14.33
C ARG C 141 11.22 5.56 15.61
N GLN C 142 11.23 6.70 16.29
CA GLN C 142 10.38 6.91 17.45
C GLN C 142 9.04 7.49 17.03
N GLN C 143 7.98 7.11 17.75
CA GLN C 143 6.63 7.60 17.47
C GLN C 143 6.45 9.01 18.02
N HIS C 144 6.83 10.00 17.21
CA HIS C 144 6.69 11.41 17.58
C HIS C 144 5.51 12.03 16.87
N ALA C 145 4.50 12.40 17.64
CA ALA C 145 3.36 13.14 17.09
C ALA C 145 3.81 14.54 16.72
N VAL C 146 3.13 15.13 15.73
CA VAL C 146 3.39 16.51 15.31
C VAL C 146 2.07 17.24 15.06
N VAL C 147 1.95 18.44 15.61
CA VAL C 147 0.83 19.34 15.31
C VAL C 147 1.37 20.72 14.95
N THR C 148 1.02 21.17 13.74
CA THR C 148 1.43 22.49 13.29
C THR C 148 0.28 23.48 13.38
N GLY C 149 0.59 24.67 13.87
CA GLY C 149 -0.37 25.75 13.92
C GLY C 149 0.05 26.81 14.92
N HIS C 150 -0.54 27.99 14.81
CA HIS C 150 -0.30 29.06 15.78
C HIS C 150 -0.85 28.66 17.11
N TRP C 151 -0.16 29.05 18.19
CA TRP C 151 -0.51 28.60 19.55
C TRP C 151 -1.87 29.05 20.04
N GLN C 152 -2.45 30.07 19.40
CA GLN C 152 -3.82 30.52 19.72
C GLN C 152 -4.88 29.87 18.82
N ASP C 153 -4.45 29.03 17.88
CA ASP C 153 -5.36 28.33 16.97
C ASP C 153 -6.16 27.25 17.71
N LYS C 154 -7.48 27.38 17.71
CA LYS C 154 -8.37 26.47 18.44
C LYS C 154 -8.41 25.07 17.82
N GLN C 155 -8.20 25.00 16.50
CA GLN C 155 -8.10 23.71 15.81
C GLN C 155 -6.86 22.95 16.29
N ALA C 156 -5.77 23.68 16.50
CA ALA C 156 -4.54 23.10 17.03
C ALA C 156 -4.70 22.67 18.49
N HIS C 157 -5.47 23.45 19.27
CA HIS C 157 -5.78 23.08 20.66
C HIS C 157 -6.47 21.75 20.74
N GLU C 158 -7.47 21.56 19.87
CA GLU C 158 -8.23 20.32 19.81
C GLU C 158 -7.33 19.11 19.57
N ARG C 159 -6.44 19.24 18.60
CA ARG C 159 -5.57 18.14 18.21
C ARG C 159 -4.54 17.83 19.30
N ILE C 160 -3.97 18.88 19.89
CA ILE C 160 -3.04 18.70 21.01
C ILE C 160 -3.76 18.03 22.17
N GLY C 161 -4.93 18.55 22.53
CA GLY C 161 -5.76 17.97 23.58
C GLY C 161 -6.11 16.51 23.32
N SER C 162 -6.43 16.20 22.07
CA SER C 162 -6.73 14.82 21.65
C SER C 162 -5.55 13.86 21.90
N TRP C 163 -4.35 14.36 21.63
CA TRP C 163 -3.13 13.59 21.88
C TRP C 163 -2.87 13.43 23.36
N MSE C 164 -3.12 14.48 24.12
CA MSE C 164 -2.94 14.47 25.58
C MSE C 164 -3.81 13.41 26.20
O MSE C 164 -3.42 12.74 27.15
CB MSE C 164 -3.22 15.84 26.20
CG MSE C 164 -2.25 16.90 25.68
SE MSE C 164 -2.62 18.68 26.43
CE MSE C 164 -3.17 18.09 28.23
N ARG C 165 -5.01 13.26 25.65
CA ARG C 165 -5.95 12.21 26.06
C ARG C 165 -5.33 10.83 25.99
N GLN C 166 -4.73 10.55 24.84
CA GLN C 166 -4.08 9.26 24.60
C GLN C 166 -2.89 9.07 25.53
N ALA C 167 -2.16 10.15 25.76
CA ALA C 167 -1.03 10.13 26.69
C ALA C 167 -1.47 9.65 28.07
N VAL C 168 -2.53 10.26 28.58
CA VAL C 168 -3.08 9.90 29.89
C VAL C 168 -3.55 8.44 29.91
N SER C 169 -4.25 8.03 28.86
CA SER C 169 -4.75 6.66 28.73
C SER C 169 -3.63 5.63 28.82
N LYS C 170 -2.50 5.93 28.19
CA LYS C 170 -1.36 5.02 28.17
C LYS C 170 -0.80 4.80 29.58
N GLN C 171 -0.68 5.88 30.36
CA GLN C 171 -0.18 5.78 31.74
C GLN C 171 -1.14 4.99 32.61
N ASP C 172 -2.42 5.36 32.57
CA ASP C 172 -3.45 4.69 33.35
C ASP C 172 -3.46 3.18 33.10
N THR C 173 -3.39 2.80 31.82
CA THR C 173 -3.42 1.39 31.41
C THR C 173 -2.27 0.56 32.00
N ARG C 174 -1.15 1.22 32.31
CA ARG C 174 0.01 0.54 32.92
C ARG C 174 -0.29 0.07 34.34
N HIS C 175 -1.32 0.66 34.97
CA HIS C 175 -1.74 0.27 36.32
C HIS C 175 -3.08 -0.42 36.33
N LEU C 176 -3.60 -0.72 35.14
CA LEU C 176 -4.90 -1.38 35.03
C LEU C 176 -4.78 -2.86 35.42
N LYS C 177 -5.65 -3.29 36.31
CA LYS C 177 -5.64 -4.64 36.85
C LYS C 177 -6.98 -5.31 36.57
N VAL C 178 -6.94 -6.49 35.95
CA VAL C 178 -8.13 -7.26 35.63
C VAL C 178 -8.27 -8.46 36.57
N CYS C 179 -9.45 -8.62 37.15
CA CYS C 179 -9.76 -9.78 38.00
C CYS C 179 -10.70 -10.72 37.27
N ARG C 180 -10.23 -11.92 36.99
CA ARG C 180 -11.02 -12.93 36.30
C ARG C 180 -11.66 -13.89 37.32
N PHE C 181 -12.98 -14.03 37.26
CA PHE C 181 -13.70 -15.01 38.10
C PHE C 181 -13.96 -16.27 37.28
N GLY C 182 -12.99 -17.18 37.30
CA GLY C 182 -13.05 -18.39 36.48
C GLY C 182 -12.32 -18.20 35.16
N ASP C 183 -12.13 -19.31 34.45
CA ASP C 183 -11.36 -19.31 33.20
C ASP C 183 -12.27 -19.02 31.99
N ASN C 184 -11.69 -19.04 30.79
CA ASN C 184 -12.42 -18.87 29.54
C ASN C 184 -13.49 -19.94 29.35
N MSE C 185 -14.52 -19.61 28.58
CA MSE C 185 -15.47 -20.62 28.11
C MSE C 185 -14.69 -21.67 27.40
O MSE C 185 -13.82 -21.35 26.58
CB MSE C 185 -16.52 -20.01 27.19
CG MSE C 185 -17.54 -21.04 26.70
SE MSE C 185 -18.87 -20.27 25.47
CE MSE C 185 -19.05 -18.47 26.24
N ARG C 186 -14.97 -22.94 27.70
CA ARG C 186 -14.23 -24.06 27.11
C ARG C 186 -14.34 -24.10 25.59
N GLU C 187 -13.24 -24.47 24.94
CA GLU C 187 -13.16 -24.66 23.48
C GLU C 187 -13.15 -23.37 22.65
N VAL C 188 -13.28 -22.21 23.30
CA VAL C 188 -13.34 -20.92 22.60
C VAL C 188 -11.93 -20.38 22.32
N ALA C 189 -11.74 -19.80 21.15
CA ALA C 189 -10.41 -19.37 20.67
C ALA C 189 -10.17 -17.87 20.82
N VAL C 190 -11.09 -17.04 20.33
CA VAL C 190 -10.86 -15.59 20.21
C VAL C 190 -10.66 -14.90 21.58
N THR C 191 -11.34 -15.41 22.60
CA THR C 191 -11.26 -14.84 23.95
C THR C 191 -10.02 -15.30 24.71
N ASP C 192 -9.31 -16.27 24.16
CA ASP C 192 -8.05 -16.74 24.74
C ASP C 192 -6.91 -15.84 24.26
N GLY C 193 -5.70 -16.16 24.70
CA GLY C 193 -4.52 -15.41 24.29
C GLY C 193 -3.39 -15.54 25.28
N ASP C 194 -2.41 -14.63 25.17
CA ASP C 194 -1.21 -14.65 26.00
C ASP C 194 -1.25 -13.46 26.95
N LYS C 195 -1.57 -13.72 28.21
CA LYS C 195 -1.65 -12.67 29.23
C LYS C 195 -0.30 -12.02 29.50
N VAL C 196 0.77 -12.80 29.43
CA VAL C 196 2.13 -12.29 29.59
C VAL C 196 2.45 -11.26 28.50
N ALA C 197 2.10 -11.60 27.25
CA ALA C 197 2.32 -10.71 26.11
C ALA C 197 1.55 -9.41 26.28
N ALA C 198 0.30 -9.52 26.74
CA ALA C 198 -0.56 -8.36 26.96
C ALA C 198 0.06 -7.41 27.98
N GLN C 199 0.54 -7.96 29.10
CA GLN C 199 1.14 -7.14 30.15
C GLN C 199 2.46 -6.50 29.70
N ILE C 200 3.27 -7.25 28.97
CA ILE C 200 4.50 -6.71 28.40
C ILE C 200 4.19 -5.54 27.47
N LYS C 201 3.18 -5.72 26.62
CA LYS C 201 2.81 -4.76 25.57
C LYS C 201 2.07 -3.54 26.10
N PHE C 202 1.00 -3.78 26.84
CA PHE C 202 0.08 -2.72 27.27
C PHE C 202 0.26 -2.33 28.74
N GLY C 203 0.82 -3.23 29.53
CA GLY C 203 1.09 -2.96 30.94
C GLY C 203 -0.02 -3.35 31.90
N PHE C 204 -1.17 -3.75 31.38
CA PHE C 204 -2.27 -4.19 32.25
C PHE C 204 -2.10 -5.65 32.64
N SER C 205 -2.58 -5.98 33.83
CA SER C 205 -2.39 -7.33 34.42
C SER C 205 -3.70 -8.10 34.47
N VAL C 206 -3.62 -9.41 34.23
CA VAL C 206 -4.79 -10.29 34.26
C VAL C 206 -4.49 -11.54 35.08
N ASN C 207 -5.17 -11.69 36.22
CA ASN C 207 -5.05 -12.89 37.07
C ASN C 207 -6.42 -13.36 37.54
N THR C 208 -6.54 -14.66 37.76
CA THR C 208 -7.82 -15.29 38.02
C THR C 208 -8.01 -15.75 39.46
N TRP C 209 -9.07 -15.23 40.11
CA TRP C 209 -9.46 -15.61 41.46
C TRP C 209 -10.62 -16.57 41.39
N ALA C 210 -10.58 -17.59 42.24
CA ALA C 210 -11.61 -18.63 42.24
C ALA C 210 -12.98 -18.00 42.53
N VAL C 211 -14.01 -18.53 41.87
CA VAL C 211 -15.38 -18.08 42.12
C VAL C 211 -15.73 -18.22 43.61
N GLY C 212 -15.17 -19.26 44.24
CA GLY C 212 -15.32 -19.48 45.68
C GLY C 212 -14.87 -18.31 46.55
N ASP C 213 -13.75 -17.69 46.18
CA ASP C 213 -13.26 -16.49 46.87
C ASP C 213 -14.30 -15.37 46.85
N LEU C 214 -14.91 -15.16 45.69
CA LEU C 214 -15.95 -14.15 45.52
C LEU C 214 -17.21 -14.50 46.31
N VAL C 215 -17.60 -15.77 46.25
CA VAL C 215 -18.78 -16.28 46.95
C VAL C 215 -18.70 -16.01 48.46
N GLN C 216 -17.52 -16.19 49.03
CA GLN C 216 -17.29 -15.93 50.46
C GLN C 216 -17.60 -14.48 50.83
N VAL C 217 -17.19 -13.54 49.98
CA VAL C 217 -17.44 -12.12 50.23
C VAL C 217 -18.90 -11.76 50.01
N VAL C 218 -19.52 -12.35 48.98
CA VAL C 218 -20.94 -12.13 48.71
C VAL C 218 -21.80 -12.63 49.87
N ASN C 219 -21.48 -13.82 50.38
CA ASN C 219 -22.22 -14.42 51.50
C ASN C 219 -22.05 -13.72 52.85
N SER C 220 -20.99 -12.93 52.98
CA SER C 220 -20.66 -12.28 54.25
C SER C 220 -20.91 -10.78 54.16
N ILE C 221 -22.14 -10.45 53.78
CA ILE C 221 -22.60 -9.09 53.52
C ILE C 221 -23.93 -8.85 54.22
N SER C 222 -24.07 -7.68 54.83
CA SER C 222 -25.18 -7.44 55.76
C SER C 222 -26.52 -7.28 55.05
N ASP C 223 -27.59 -7.71 55.72
CA ASP C 223 -28.96 -7.55 55.22
C ASP C 223 -29.34 -6.07 55.10
N GLY C 224 -28.82 -5.27 56.03
CA GLY C 224 -29.05 -3.82 56.04
C GLY C 224 -28.49 -3.12 54.81
N ASP C 225 -27.26 -3.48 54.44
CA ASP C 225 -26.62 -2.93 53.24
C ASP C 225 -27.34 -3.37 51.97
N VAL C 226 -27.83 -4.60 51.97
CA VAL C 226 -28.60 -5.15 50.84
C VAL C 226 -29.91 -4.38 50.65
N ASN C 227 -30.63 -4.13 51.74
CA ASN C 227 -31.88 -3.37 51.70
C ASN C 227 -31.67 -1.92 51.24
N ALA C 228 -30.59 -1.30 51.72
CA ALA C 228 -30.24 0.08 51.36
C ALA C 228 -29.96 0.23 49.86
N LEU C 229 -29.32 -0.78 49.27
CA LEU C 229 -29.04 -0.77 47.84
C LEU C 229 -30.31 -0.98 47.00
N VAL C 230 -31.21 -1.82 47.51
CA VAL C 230 -32.51 -2.05 46.87
C VAL C 230 -33.35 -0.76 46.84
N ASP C 231 -33.20 0.06 47.88
CA ASP C 231 -33.86 1.37 47.92
C ASP C 231 -33.35 2.29 46.80
N GLU C 232 -32.04 2.21 46.54
CA GLU C 232 -31.41 2.98 45.47
C GLU C 232 -31.86 2.48 44.08
N TYR C 233 -32.11 1.18 43.96
CA TYR C 233 -32.67 0.61 42.74
C TYR C 233 -34.02 1.25 42.42
N GLU C 234 -34.91 1.29 43.41
CA GLU C 234 -36.26 1.79 43.24
C GLU C 234 -36.31 3.27 42.87
N SER C 235 -35.35 4.04 43.35
CA SER C 235 -35.24 5.47 43.04
C SER C 235 -34.63 5.71 41.65
N CYS C 236 -33.72 4.82 41.25
CA CYS C 236 -33.02 4.92 39.96
C CYS C 236 -33.81 4.36 38.78
N TYR C 237 -34.48 3.24 39.01
CA TYR C 237 -35.06 2.44 37.91
C TYR C 237 -36.58 2.36 37.95
N THR C 238 -37.14 1.95 36.81
CA THR C 238 -38.57 1.69 36.70
C THR C 238 -38.83 0.21 36.98
N MSE C 239 -39.31 -0.08 38.18
CA MSE C 239 -39.54 -1.45 38.62
C MSE C 239 -40.96 -1.80 38.33
O MSE C 239 -41.89 -1.12 38.79
CB MSE C 239 -39.26 -1.60 40.12
CG MSE C 239 -37.86 -1.04 40.36
SE MSE C 239 -36.91 -1.96 41.82
CE MSE C 239 -36.65 -3.74 41.04
N THR C 240 -41.15 -2.86 37.55
CA THR C 240 -42.50 -3.34 37.23
C THR C 240 -43.13 -4.00 38.46
N PRO C 241 -44.47 -4.06 38.52
CA PRO C 241 -45.15 -4.64 39.68
C PRO C 241 -44.60 -6.00 40.12
N ALA C 242 -44.40 -6.90 39.17
CA ALA C 242 -43.87 -8.25 39.46
C ALA C 242 -42.46 -8.23 40.06
N THR C 243 -41.74 -7.13 39.83
CA THR C 243 -40.37 -6.95 40.31
C THR C 243 -40.30 -6.30 41.70
N GLN C 244 -41.39 -5.65 42.11
CA GLN C 244 -41.47 -4.96 43.40
C GLN C 244 -41.64 -5.95 44.58
N ILE C 245 -41.90 -5.42 45.79
CA ILE C 245 -41.98 -6.22 47.05
C ILE C 245 -42.79 -7.53 47.01
N HIS C 246 -44.06 -7.45 46.64
CA HIS C 246 -44.97 -8.62 46.69
C HIS C 246 -45.08 -9.31 45.35
N GLY C 247 -44.21 -10.29 45.11
CA GLY C 247 -44.22 -11.05 43.86
C GLY C 247 -43.41 -12.33 43.90
N GLU C 248 -43.76 -13.28 43.05
CA GLU C 248 -43.05 -14.56 42.97
C GLU C 248 -41.65 -14.42 42.34
N LYS C 249 -41.44 -13.35 41.59
CA LYS C 249 -40.13 -13.07 40.97
C LYS C 249 -39.50 -11.80 41.55
N ARG C 250 -39.76 -11.57 42.84
CA ARG C 250 -39.34 -10.38 43.61
C ARG C 250 -38.37 -10.62 44.79
N GLN C 251 -38.59 -11.70 45.55
CA GLN C 251 -37.78 -12.00 46.73
C GLN C 251 -36.31 -12.25 46.37
N ASN C 252 -36.08 -12.87 45.22
CA ASN C 252 -34.73 -13.16 44.71
C ASN C 252 -34.02 -11.93 44.11
N VAL C 253 -34.75 -10.85 43.86
CA VAL C 253 -34.15 -9.63 43.35
C VAL C 253 -33.17 -9.03 44.36
N LEU C 254 -33.40 -9.29 45.64
CA LEU C 254 -32.45 -8.94 46.70
C LEU C 254 -31.09 -9.63 46.54
N GLU C 255 -31.11 -10.85 46.01
CA GLU C 255 -29.87 -11.62 45.77
C GLU C 255 -28.97 -10.94 44.73
N ALA C 256 -29.58 -10.31 43.74
CA ALA C 256 -28.83 -9.55 42.72
C ALA C 256 -28.06 -8.40 43.36
N ALA C 257 -28.72 -7.73 44.31
CA ALA C 257 -28.09 -6.65 45.09
C ALA C 257 -26.96 -7.19 45.98
N ARG C 258 -27.19 -8.36 46.55
CA ARG C 258 -26.18 -9.04 47.39
C ARG C 258 -24.91 -9.35 46.60
N ILE C 259 -25.10 -9.82 45.37
CA ILE C 259 -23.99 -10.15 44.47
C ILE C 259 -23.24 -8.89 44.04
N GLU C 260 -23.98 -7.83 43.73
CA GLU C 260 -23.39 -6.53 43.36
C GLU C 260 -22.51 -5.96 44.48
N LEU C 261 -23.01 -6.01 45.70
CA LEU C 261 -22.27 -5.49 46.86
C LEU C 261 -21.03 -6.32 47.15
N GLY C 262 -21.14 -7.63 47.00
CA GLY C 262 -20.02 -8.55 47.20
C GLY C 262 -18.95 -8.38 46.14
N MSE C 263 -19.37 -8.27 44.89
CA MSE C 263 -18.45 -8.04 43.77
C MSE C 263 -17.75 -6.71 43.92
O MSE C 263 -16.54 -6.62 43.72
CB MSE C 263 -19.19 -8.06 42.44
CG MSE C 263 -19.52 -9.49 42.02
SE MSE C 263 -20.29 -9.48 40.21
CE MSE C 263 -18.59 -9.74 39.25
N LYS C 264 -18.52 -5.68 44.27
CA LYS C 264 -17.97 -4.32 44.43
C LYS C 264 -16.94 -4.26 45.55
N ARG C 265 -17.27 -4.89 46.69
CA ARG C 265 -16.37 -4.92 47.84
C ARG C 265 -15.07 -5.71 47.50
N PHE C 266 -15.22 -6.84 46.80
CA PHE C 266 -14.08 -7.64 46.34
C PHE C 266 -13.19 -6.82 45.38
N LEU C 267 -13.83 -6.17 44.42
CA LEU C 267 -13.12 -5.34 43.43
C LEU C 267 -12.35 -4.18 44.07
N GLU C 268 -13.04 -3.45 44.94
CA GLU C 268 -12.46 -2.28 45.62
C GLU C 268 -11.29 -2.66 46.52
N GLN C 269 -11.46 -3.71 47.30
CA GLN C 269 -10.43 -4.16 48.24
C GLN C 269 -9.20 -4.71 47.53
N GLY C 270 -9.40 -5.29 46.35
CA GLY C 270 -8.31 -5.79 45.52
C GLY C 270 -7.68 -4.73 44.61
N GLY C 271 -8.29 -3.55 44.56
CA GLY C 271 -7.80 -2.46 43.70
C GLY C 271 -7.96 -2.74 42.22
N PHE C 272 -9.02 -3.48 41.88
CA PHE C 272 -9.27 -3.87 40.49
C PHE C 272 -10.03 -2.79 39.71
N HIS C 273 -9.79 -2.75 38.40
CA HIS C 273 -10.40 -1.76 37.49
C HIS C 273 -11.27 -2.41 36.44
N ALA C 274 -11.17 -3.73 36.30
CA ALA C 274 -11.99 -4.48 35.36
C ALA C 274 -12.09 -5.94 35.80
N PHE C 275 -13.08 -6.65 35.26
CA PHE C 275 -13.30 -8.04 35.64
C PHE C 275 -14.04 -8.85 34.57
N THR C 276 -14.02 -10.16 34.72
CA THR C 276 -14.77 -11.07 33.86
C THR C 276 -15.47 -12.15 34.67
N THR C 277 -16.53 -12.71 34.10
CA THR C 277 -17.22 -13.86 34.66
C THR C 277 -17.29 -14.98 33.63
N THR C 278 -17.71 -16.17 34.07
CA THR C 278 -17.89 -17.32 33.17
C THR C 278 -19.09 -18.16 33.63
N PHE C 279 -20.08 -18.31 32.76
CA PHE C 279 -21.31 -19.05 33.12
C PHE C 279 -21.09 -20.56 33.32
N GLU C 280 -19.95 -21.06 32.87
CA GLU C 280 -19.57 -22.48 33.07
C GLU C 280 -18.94 -22.74 34.45
N ASP C 281 -18.72 -21.68 35.22
CA ASP C 281 -18.20 -21.82 36.58
C ASP C 281 -18.90 -20.83 37.51
N LEU C 282 -20.03 -21.24 38.05
CA LEU C 282 -20.79 -20.43 39.00
C LEU C 282 -21.11 -21.23 40.27
N HIS C 283 -20.27 -22.19 40.60
CA HIS C 283 -20.45 -23.04 41.77
C HIS C 283 -20.35 -22.17 43.00
N GLY C 284 -21.33 -22.28 43.88
CA GLY C 284 -21.39 -21.48 45.11
C GLY C 284 -22.22 -20.21 44.99
N LEU C 285 -22.51 -19.78 43.75
CA LEU C 285 -23.27 -18.56 43.52
C LEU C 285 -24.74 -18.87 43.25
N LYS C 286 -25.63 -18.01 43.74
CA LYS C 286 -27.08 -18.19 43.55
C LYS C 286 -27.52 -17.84 42.13
N GLN C 287 -26.79 -16.94 41.48
CA GLN C 287 -27.16 -16.49 40.12
C GLN C 287 -25.97 -15.90 39.35
N LEU C 288 -26.11 -15.89 38.02
CA LEU C 288 -25.17 -15.25 37.11
C LEU C 288 -25.25 -13.72 37.24
N PRO C 289 -24.13 -13.07 37.56
CA PRO C 289 -24.16 -11.61 37.70
C PRO C 289 -24.62 -10.87 36.44
N GLY C 290 -25.71 -10.11 36.58
CA GLY C 290 -26.30 -9.35 35.46
C GLY C 290 -26.45 -7.89 35.81
N LEU C 291 -27.46 -7.60 36.63
CA LEU C 291 -27.68 -6.24 37.13
C LEU C 291 -26.39 -5.67 37.75
N ALA C 292 -25.77 -6.47 38.62
CA ALA C 292 -24.52 -6.10 39.29
C ALA C 292 -23.46 -5.60 38.30
N VAL C 293 -23.24 -6.40 37.26
CA VAL C 293 -22.24 -6.08 36.23
C VAL C 293 -22.59 -4.80 35.47
N GLN C 294 -23.87 -4.60 35.19
CA GLN C 294 -24.33 -3.42 34.45
C GLN C 294 -24.06 -2.12 35.21
N ARG C 295 -24.37 -2.11 36.51
CA ARG C 295 -24.15 -0.92 37.34
C ARG C 295 -22.66 -0.68 37.60
N LEU C 296 -21.91 -1.77 37.75
CA LEU C 296 -20.45 -1.67 37.91
C LEU C 296 -19.82 -1.08 36.66
N MSE C 297 -20.29 -1.51 35.49
CA MSE C 297 -19.83 -0.94 34.21
C MSE C 297 -20.13 0.54 34.16
O MSE C 297 -19.26 1.33 33.79
CB MSE C 297 -20.47 -1.66 33.01
CG MSE C 297 -19.71 -2.93 32.62
SE MSE C 297 -20.27 -3.59 30.85
CE MSE C 297 -22.18 -3.76 31.18
N GLN C 298 -21.35 0.90 34.52
CA GLN C 298 -21.76 2.32 34.56
C GLN C 298 -20.89 3.14 35.51
N GLN C 299 -20.48 2.53 36.61
CA GLN C 299 -19.61 3.18 37.59
C GLN C 299 -18.14 3.25 37.13
N GLY C 300 -17.86 2.73 35.95
CA GLY C 300 -16.54 2.90 35.30
C GLY C 300 -15.71 1.64 35.15
N TYR C 301 -16.20 0.52 35.69
CA TYR C 301 -15.47 -0.75 35.62
C TYR C 301 -15.49 -1.34 34.22
N GLY C 302 -14.39 -1.97 33.85
CA GLY C 302 -14.31 -2.73 32.61
C GLY C 302 -14.90 -4.11 32.81
N PHE C 303 -15.47 -4.68 31.74
CA PHE C 303 -16.06 -6.00 31.80
C PHE C 303 -16.23 -6.62 30.42
N ALA C 304 -16.12 -7.96 30.38
CA ALA C 304 -16.50 -8.76 29.22
C ALA C 304 -16.93 -10.15 29.71
N GLY C 305 -17.79 -10.81 28.95
CA GLY C 305 -18.34 -12.11 29.36
C GLY C 305 -17.41 -13.28 29.08
N GLU C 306 -17.79 -14.46 29.59
CA GLU C 306 -17.04 -15.72 29.43
C GLU C 306 -15.51 -15.61 29.47
N GLY C 307 -15.01 -14.94 30.50
CA GLY C 307 -13.57 -14.85 30.76
C GLY C 307 -12.79 -14.05 29.73
N ASP C 308 -13.48 -13.18 29.00
CA ASP C 308 -12.86 -12.39 27.91
C ASP C 308 -12.13 -11.17 28.46
N TRP C 309 -10.88 -11.37 28.87
CA TRP C 309 -10.09 -10.34 29.55
C TRP C 309 -9.63 -9.21 28.64
N LYS C 310 -9.38 -9.51 27.38
CA LYS C 310 -8.96 -8.47 26.42
C LYS C 310 -10.01 -7.37 26.26
N THR C 311 -11.27 -7.79 26.08
CA THR C 311 -12.37 -6.85 25.88
C THR C 311 -12.71 -6.12 27.19
N ALA C 312 -12.61 -6.83 28.30
CA ALA C 312 -12.82 -6.24 29.62
C ALA C 312 -11.82 -5.10 29.87
N ALA C 313 -10.56 -5.39 29.59
CA ALA C 313 -9.50 -4.39 29.69
C ALA C 313 -9.76 -3.23 28.74
N LEU C 314 -10.13 -3.55 27.51
CA LEU C 314 -10.41 -2.55 26.48
C LEU C 314 -11.56 -1.62 26.90
N LEU C 315 -12.61 -2.20 27.47
CA LEU C 315 -13.76 -1.40 27.94
C LEU C 315 -13.31 -0.34 28.94
N ARG C 316 -12.54 -0.76 29.93
CA ARG C 316 -12.02 0.14 30.96
C ARG C 316 -11.16 1.25 30.31
N ILE C 317 -10.23 0.82 29.46
CA ILE C 317 -9.37 1.75 28.74
C ILE C 317 -10.19 2.84 28.03
N MSE C 318 -11.17 2.40 27.25
CA MSE C 318 -11.97 3.34 26.44
C MSE C 318 -12.90 4.16 27.28
O MSE C 318 -13.16 5.33 26.98
CB MSE C 318 -12.70 2.56 25.34
CG MSE C 318 -11.66 2.06 24.33
SE MSE C 318 -12.47 1.02 22.88
CE MSE C 318 -13.36 2.49 21.92
N LYS C 319 -13.42 3.57 28.36
CA LYS C 319 -14.23 4.32 29.33
C LYS C 319 -13.42 5.46 29.96
N VAL C 320 -12.21 5.14 30.42
CA VAL C 320 -11.30 6.15 30.97
C VAL C 320 -10.89 7.15 29.89
N MSE C 321 -10.65 6.65 28.68
CA MSE C 321 -10.28 7.50 27.54
C MSE C 321 -11.33 8.53 27.24
O MSE C 321 -11.02 9.64 26.81
CB MSE C 321 -10.09 6.63 26.30
CG MSE C 321 -9.42 7.35 25.14
SE MSE C 321 -9.43 6.15 23.60
CE MSE C 321 -8.14 4.83 24.28
N SER C 322 -12.61 8.19 27.45
CA SER C 322 -13.71 9.07 27.06
C SER C 322 -14.14 10.07 28.13
N THR C 323 -13.36 10.17 29.21
CA THR C 323 -13.70 11.07 30.32
C THR C 323 -13.86 12.51 29.86
N GLY C 324 -15.00 13.11 30.19
CA GLY C 324 -15.28 14.51 29.85
C GLY C 324 -15.83 14.72 28.44
N LEU C 325 -15.98 13.63 27.69
CA LEU C 325 -16.62 13.68 26.36
C LEU C 325 -18.08 13.26 26.49
N GLN C 326 -18.88 13.68 25.51
CA GLN C 326 -20.31 13.33 25.46
C GLN C 326 -20.53 11.95 24.84
N GLY C 327 -21.10 11.03 25.64
CA GLY C 327 -21.55 9.73 25.13
C GLY C 327 -21.11 8.55 25.99
N GLY C 328 -21.84 7.44 25.87
CA GLY C 328 -21.56 6.23 26.64
C GLY C 328 -20.61 5.28 25.90
N THR C 329 -20.07 4.35 26.67
CA THR C 329 -19.23 3.28 26.16
C THR C 329 -19.59 1.97 26.88
N SER C 330 -19.75 0.90 26.12
CA SER C 330 -20.26 -0.36 26.68
C SER C 330 -19.67 -1.62 26.06
N PHE C 331 -19.68 -2.69 26.85
CA PHE C 331 -19.49 -4.04 26.34
C PHE C 331 -20.64 -4.34 25.40
N MSE C 332 -20.36 -5.04 24.30
CA MSE C 332 -21.35 -5.29 23.26
C MSE C 332 -21.04 -6.56 22.52
O MSE C 332 -19.89 -6.97 22.42
CB MSE C 332 -21.35 -4.08 22.31
CG MSE C 332 -22.43 -4.12 21.24
SE MSE C 332 -24.23 -4.04 22.05
CE MSE C 332 -24.07 -2.31 22.96
N GLU C 333 -22.09 -7.18 22.00
CA GLU C 333 -21.97 -8.36 21.14
C GLU C 333 -22.99 -8.31 20.02
N ASP C 334 -22.56 -8.66 18.81
CA ASP C 334 -23.45 -8.73 17.65
C ASP C 334 -24.38 -9.93 17.81
N TYR C 335 -25.64 -9.68 18.14
CA TYR C 335 -26.58 -10.75 18.48
C TYR C 335 -27.31 -11.31 17.27
N THR C 336 -27.96 -10.44 16.50
CA THR C 336 -28.69 -10.87 15.31
C THR C 336 -28.75 -9.76 14.26
N TYR C 337 -29.14 -10.14 13.04
CA TYR C 337 -29.20 -9.21 11.90
C TYR C 337 -30.63 -8.98 11.41
N HIS C 338 -30.81 -7.87 10.73
CA HIS C 338 -32.01 -7.58 9.98
C HIS C 338 -31.61 -7.38 8.55
N PHE C 339 -31.95 -8.33 7.69
CA PHE C 339 -31.65 -8.24 6.26
C PHE C 339 -32.81 -7.60 5.50
N GLU C 340 -32.56 -6.42 4.94
CA GLU C 340 -33.55 -5.69 4.15
C GLU C 340 -32.84 -4.71 3.21
N LYS C 341 -33.25 -4.74 1.94
CA LYS C 341 -32.67 -3.88 0.91
C LYS C 341 -32.71 -2.42 1.34
N GLY C 342 -31.54 -1.80 1.42
CA GLY C 342 -31.42 -0.39 1.82
C GLY C 342 -31.57 -0.12 3.31
N ASN C 343 -31.78 -1.17 4.09
CA ASN C 343 -31.98 -1.02 5.54
C ASN C 343 -31.48 -2.25 6.29
N ASP C 344 -30.25 -2.67 5.97
CA ASP C 344 -29.61 -3.76 6.68
C ASP C 344 -29.15 -3.26 8.05
N LEU C 345 -29.63 -3.91 9.12
CA LEU C 345 -29.32 -3.50 10.49
C LEU C 345 -28.68 -4.63 11.30
N VAL C 346 -27.89 -4.24 12.29
CA VAL C 346 -27.31 -5.17 13.25
C VAL C 346 -27.90 -4.89 14.64
N LEU C 347 -28.46 -5.91 15.26
CA LEU C 347 -28.96 -5.80 16.64
C LEU C 347 -27.89 -6.30 17.59
N GLY C 348 -27.49 -5.45 18.53
CA GLY C 348 -26.43 -5.78 19.48
C GLY C 348 -26.94 -5.90 20.90
N SER C 349 -26.40 -6.87 21.65
CA SER C 349 -26.78 -7.08 23.05
C SER C 349 -25.80 -8.03 23.75
N HIS C 350 -26.18 -8.50 24.93
CA HIS C 350 -25.54 -9.68 25.54
C HIS C 350 -26.51 -10.37 26.45
N MSE C 351 -26.25 -11.64 26.72
CA MSE C 351 -26.99 -12.45 27.70
C MSE C 351 -27.68 -11.65 28.77
O MSE C 351 -28.86 -11.85 29.05
CB MSE C 351 -25.97 -13.35 28.41
CG MSE C 351 -26.23 -14.85 28.31
SE MSE C 351 -24.73 -15.81 29.14
CE MSE C 351 -24.42 -17.11 27.68
N LEU C 352 -26.91 -10.78 29.41
CA LEU C 352 -27.41 -9.87 30.46
C LEU C 352 -26.72 -8.50 30.47
N GLU C 353 -25.42 -8.49 30.21
CA GLU C 353 -24.53 -7.41 30.64
C GLU C 353 -24.33 -6.32 29.58
N VAL C 354 -25.26 -5.38 29.51
CA VAL C 354 -25.12 -4.18 28.67
C VAL C 354 -25.11 -2.95 29.55
N CYS C 355 -24.16 -2.04 29.31
CA CYS C 355 -23.97 -0.88 30.18
C CYS C 355 -24.99 0.23 29.93
N PRO C 356 -25.70 0.68 30.98
CA PRO C 356 -26.72 1.72 30.82
C PRO C 356 -26.17 3.13 30.54
N SER C 357 -24.86 3.28 30.50
CA SER C 357 -24.22 4.55 30.11
C SER C 357 -24.63 5.00 28.70
N ILE C 358 -24.97 4.03 27.85
CA ILE C 358 -25.43 4.30 26.48
C ILE C 358 -26.96 4.37 26.35
N ALA C 359 -27.66 4.26 27.47
CA ALA C 359 -29.12 4.22 27.47
C ALA C 359 -29.73 5.58 27.11
N VAL C 360 -30.91 5.54 26.51
CA VAL C 360 -31.62 6.78 26.15
C VAL C 360 -32.60 7.14 27.24
N GLU C 361 -33.35 6.14 27.66
CA GLU C 361 -34.37 6.30 28.69
C GLU C 361 -33.75 6.71 30.00
N GLU C 362 -34.24 7.81 30.56
CA GLU C 362 -33.73 8.28 31.85
C GLU C 362 -33.77 7.15 32.88
N LYS C 363 -34.76 6.28 32.76
CA LYS C 363 -34.95 5.18 33.70
C LYS C 363 -35.17 3.86 33.00
N PRO C 364 -34.14 3.01 33.02
CA PRO C 364 -34.23 1.67 32.48
C PRO C 364 -35.22 0.83 33.26
N ILE C 365 -35.64 -0.27 32.64
CA ILE C 365 -36.53 -1.22 33.28
C ILE C 365 -35.64 -2.21 34.03
N LEU C 366 -36.09 -2.64 35.20
CA LEU C 366 -35.37 -3.62 35.99
C LEU C 366 -36.26 -4.85 36.08
N ASP C 367 -35.79 -5.96 35.52
CA ASP C 367 -36.62 -7.14 35.39
C ASP C 367 -35.87 -8.43 35.72
N VAL C 368 -36.62 -9.47 36.00
CA VAL C 368 -36.08 -10.78 36.27
C VAL C 368 -36.79 -11.77 35.38
N GLN C 369 -36.01 -12.54 34.62
CA GLN C 369 -36.56 -13.52 33.70
C GLN C 369 -35.53 -14.58 33.43
N HIS C 370 -35.94 -15.61 32.69
CA HIS C 370 -35.44 -16.96 32.91
C HIS C 370 -34.15 -16.73 32.14
N LEU C 371 -33.03 -17.25 32.64
CA LEU C 371 -31.94 -17.77 31.81
C LEU C 371 -31.45 -19.22 32.06
N GLY C 372 -31.62 -20.20 31.11
CA GLY C 372 -30.81 -21.45 31.07
C GLY C 372 -29.33 -21.25 30.85
N ILE C 373 -28.73 -22.03 29.95
CA ILE C 373 -27.30 -21.87 29.52
C ILE C 373 -26.28 -22.00 30.67
N GLY C 374 -26.30 -23.16 31.33
CA GLY C 374 -25.34 -23.49 32.38
C GLY C 374 -25.80 -23.21 33.80
N GLY C 375 -26.71 -22.24 33.95
CA GLY C 375 -27.02 -21.68 35.25
C GLY C 375 -28.13 -22.38 36.02
N LYS C 376 -28.48 -21.82 37.18
CA LYS C 376 -29.55 -22.36 38.01
C LYS C 376 -30.67 -21.33 38.08
N ASP C 377 -30.65 -20.51 39.13
CA ASP C 377 -31.72 -19.53 39.38
C ASP C 377 -31.74 -18.35 38.38
N ASP C 378 -32.91 -17.73 38.27
CA ASP C 378 -33.14 -16.58 37.36
C ASP C 378 -32.44 -15.27 37.82
N PRO C 379 -31.77 -14.55 36.88
CA PRO C 379 -31.07 -13.30 37.24
C PRO C 379 -31.79 -11.98 36.92
N ALA C 380 -31.53 -10.98 37.75
CA ALA C 380 -32.04 -9.62 37.52
C ALA C 380 -31.19 -8.90 36.47
N ARG C 381 -31.83 -8.04 35.68
CA ARG C 381 -31.12 -7.25 34.67
C ARG C 381 -31.83 -5.93 34.36
N LEU C 382 -31.08 -5.01 33.75
CA LEU C 382 -31.63 -3.73 33.30
C LEU C 382 -31.93 -3.79 31.80
N ILE C 383 -33.16 -3.46 31.43
CA ILE C 383 -33.59 -3.45 30.03
C ILE C 383 -33.76 -2.01 29.55
N PHE C 384 -33.21 -1.70 28.38
CA PHE C 384 -33.27 -0.35 27.82
C PHE C 384 -32.89 -0.33 26.33
N ASN C 385 -33.30 0.74 25.67
CA ASN C 385 -32.88 1.02 24.30
C ASN C 385 -31.63 1.90 24.31
N THR C 386 -30.90 1.89 23.19
CA THR C 386 -29.66 2.66 23.06
C THR C 386 -29.88 3.99 22.35
N GLN C 387 -28.84 4.81 22.38
CA GLN C 387 -28.87 6.17 21.86
C GLN C 387 -28.64 6.19 20.35
N THR C 388 -29.01 7.31 19.73
CA THR C 388 -28.91 7.51 18.28
C THR C 388 -27.74 8.41 17.91
N GLY C 389 -27.01 8.02 16.87
CA GLY C 389 -25.93 8.85 16.31
C GLY C 389 -24.70 8.07 15.87
N PRO C 390 -23.65 8.78 15.44
CA PRO C 390 -22.41 8.11 15.04
C PRO C 390 -21.73 7.41 16.21
N ALA C 391 -21.23 6.20 15.95
CA ALA C 391 -20.54 5.43 16.96
C ALA C 391 -19.44 4.57 16.34
N ILE C 392 -18.65 3.92 17.20
CA ILE C 392 -17.68 2.93 16.76
C ILE C 392 -17.87 1.64 17.54
N VAL C 393 -17.53 0.53 16.91
CA VAL C 393 -17.34 -0.73 17.64
C VAL C 393 -15.89 -1.17 17.43
N ALA C 394 -15.22 -1.49 18.53
CA ALA C 394 -13.80 -1.80 18.52
C ALA C 394 -13.54 -3.19 19.11
N SER C 395 -12.58 -3.89 18.53
CA SER C 395 -12.16 -5.20 19.00
C SER C 395 -10.65 -5.33 18.95
N LEU C 396 -10.06 -5.72 20.08
CA LEU C 396 -8.64 -6.01 20.16
C LEU C 396 -8.45 -7.53 20.15
N ILE C 397 -7.77 -8.03 19.13
CA ILE C 397 -7.52 -9.47 19.02
C ILE C 397 -6.04 -9.82 19.08
N ASP C 398 -5.76 -11.02 19.56
CA ASP C 398 -4.40 -11.54 19.66
C ASP C 398 -4.15 -12.46 18.47
N LEU C 399 -3.28 -12.03 17.56
CA LEU C 399 -2.93 -12.82 16.37
C LEU C 399 -1.84 -13.86 16.66
N GLY C 400 -1.44 -13.98 17.92
CA GLY C 400 -0.45 -14.96 18.36
C GLY C 400 0.94 -14.34 18.49
N ASP C 401 1.36 -13.65 17.44
CA ASP C 401 2.64 -12.94 17.42
C ASP C 401 2.51 -11.43 17.62
N ARG C 402 1.28 -10.91 17.53
CA ARG C 402 1.02 -9.47 17.67
C ARG C 402 -0.47 -9.18 17.84
N TYR C 403 -0.79 -7.93 18.16
CA TYR C 403 -2.17 -7.51 18.34
C TYR C 403 -2.69 -6.72 17.15
N ARG C 404 -3.99 -6.86 16.92
CA ARG C 404 -4.69 -6.09 15.88
C ARG C 404 -5.91 -5.42 16.50
N LEU C 405 -6.04 -4.12 16.25
CA LEU C 405 -7.22 -3.36 16.65
C LEU C 405 -8.15 -3.20 15.45
N LEU C 406 -9.32 -3.81 15.52
CA LEU C 406 -10.35 -3.63 14.51
C LEU C 406 -11.31 -2.53 14.94
N VAL C 407 -11.60 -1.60 14.04
CA VAL C 407 -12.54 -0.52 14.32
C VAL C 407 -13.51 -0.34 13.14
N ASN C 408 -14.79 -0.58 13.42
CA ASN C 408 -15.86 -0.39 12.43
C ASN C 408 -16.66 0.84 12.81
N CYS C 409 -16.68 1.83 11.91
CA CYS C 409 -17.52 3.01 12.11
C CYS C 409 -18.97 2.64 11.82
N ILE C 410 -19.86 3.00 12.73
CA ILE C 410 -21.28 2.65 12.61
C ILE C 410 -22.18 3.85 12.89
N ASP C 411 -23.48 3.65 12.69
CA ASP C 411 -24.49 4.65 13.00
C ASP C 411 -25.70 3.98 13.65
N THR C 412 -25.91 4.25 14.93
CA THR C 412 -27.03 3.66 15.68
C THR C 412 -28.34 4.33 15.28
N VAL C 413 -29.38 3.52 15.16
CA VAL C 413 -30.69 3.98 14.73
C VAL C 413 -31.77 3.57 15.74
N LYS C 414 -32.86 4.32 15.74
CA LYS C 414 -34.01 4.02 16.59
C LYS C 414 -34.70 2.75 16.08
N THR C 415 -35.17 1.93 17.02
CA THR C 415 -35.86 0.69 16.67
C THR C 415 -37.15 1.02 15.92
N PRO C 416 -37.38 0.37 14.75
CA PRO C 416 -38.58 0.65 13.96
C PRO C 416 -39.85 0.04 14.53
N HIS C 417 -39.69 -0.98 15.37
CA HIS C 417 -40.78 -1.70 15.99
C HIS C 417 -40.43 -1.99 17.42
N SER C 418 -41.44 -2.41 18.17
CA SER C 418 -41.35 -2.59 19.63
C SER C 418 -40.56 -3.84 20.03
N LEU C 419 -40.26 -3.94 21.32
CA LEU C 419 -39.44 -5.05 21.86
C LEU C 419 -39.98 -5.70 23.16
N PRO C 420 -41.22 -6.21 23.10
CA PRO C 420 -41.92 -6.69 24.28
C PRO C 420 -41.48 -8.07 24.79
N LYS C 421 -40.92 -8.91 23.90
CA LYS C 421 -40.50 -10.27 24.26
C LYS C 421 -38.99 -10.41 24.46
N LEU C 422 -38.25 -9.31 24.29
CA LEU C 422 -36.79 -9.32 24.38
C LEU C 422 -36.36 -9.02 25.82
N PRO C 423 -35.88 -10.04 26.57
CA PRO C 423 -35.60 -9.86 27.99
C PRO C 423 -34.28 -9.15 28.32
N VAL C 424 -33.63 -8.58 27.31
CA VAL C 424 -32.38 -7.85 27.53
C VAL C 424 -32.38 -6.51 26.80
N ALA C 425 -31.44 -5.65 27.18
CA ALA C 425 -31.27 -4.34 26.53
C ALA C 425 -30.78 -4.54 25.10
N ASN C 426 -30.90 -3.49 24.29
CA ASN C 426 -30.53 -3.57 22.87
C ASN C 426 -29.83 -2.33 22.35
N ALA C 427 -28.92 -2.56 21.40
CA ALA C 427 -28.38 -1.51 20.54
C ALA C 427 -28.66 -1.91 19.10
N LEU C 428 -28.96 -0.92 18.24
CA LEU C 428 -29.31 -1.18 16.84
C LEU C 428 -28.59 -0.20 15.92
N TRP C 429 -27.88 -0.71 14.91
CA TRP C 429 -27.07 0.15 14.05
C TRP C 429 -26.92 -0.27 12.61
N LYS C 430 -26.52 0.68 11.78
CA LYS C 430 -26.09 0.44 10.41
C LYS C 430 -24.56 0.42 10.35
N ALA C 431 -24.00 -0.67 9.84
CA ALA C 431 -22.55 -0.80 9.70
C ALA C 431 -22.05 -0.15 8.40
N GLN C 432 -21.08 0.74 8.52
CA GLN C 432 -20.44 1.35 7.34
C GLN C 432 -19.44 0.38 6.73
N PRO C 433 -19.32 0.36 5.39
CA PRO C 433 -20.07 1.12 4.38
C PRO C 433 -21.43 0.49 4.09
N ASP C 434 -21.53 -0.82 4.26
CA ASP C 434 -22.78 -1.57 4.21
C ASP C 434 -22.59 -2.86 5.01
N LEU C 435 -23.68 -3.59 5.28
CA LEU C 435 -23.59 -4.74 6.18
C LEU C 435 -22.76 -5.89 5.61
N PRO C 436 -22.99 -6.27 4.33
CA PRO C 436 -22.18 -7.35 3.76
C PRO C 436 -20.68 -7.07 3.78
N THR C 437 -20.29 -5.89 3.28
CA THR C 437 -18.87 -5.51 3.23
C THR C 437 -18.28 -5.33 4.63
N ALA C 438 -19.04 -4.69 5.52
CA ALA C 438 -18.59 -4.46 6.90
C ALA C 438 -18.37 -5.77 7.64
N SER C 439 -19.33 -6.68 7.54
CA SER C 439 -19.25 -7.99 8.20
C SER C 439 -18.12 -8.85 7.61
N GLU C 440 -17.99 -8.82 6.29
CA GLU C 440 -16.96 -9.60 5.58
C GLU C 440 -15.55 -9.13 5.93
N ALA C 441 -15.34 -7.82 5.88
CA ALA C 441 -14.04 -7.21 6.23
C ALA C 441 -13.64 -7.58 7.66
N TRP C 442 -14.61 -7.52 8.55
CA TRP C 442 -14.44 -7.88 9.96
C TRP C 442 -14.06 -9.33 10.12
N ILE C 443 -14.78 -10.19 9.41
CA ILE C 443 -14.52 -11.63 9.45
C ILE C 443 -13.16 -11.98 8.84
N LEU C 444 -12.87 -11.37 7.68
CA LEU C 444 -11.56 -11.55 7.04
C LEU C 444 -10.41 -11.15 7.95
N ALA C 445 -10.61 -10.08 8.72
CA ALA C 445 -9.60 -9.55 9.64
C ALA C 445 -9.64 -10.19 11.04
N GLY C 446 -10.51 -11.19 11.21
CA GLY C 446 -10.54 -12.00 12.44
C GLY C 446 -11.14 -11.35 13.67
N GLY C 447 -11.85 -10.24 13.49
CA GLY C 447 -12.45 -9.53 14.63
C GLY C 447 -13.32 -10.41 15.50
N ALA C 448 -13.27 -10.15 16.80
CA ALA C 448 -14.07 -10.92 17.77
C ALA C 448 -15.56 -10.61 17.65
N HIS C 449 -16.36 -11.49 18.22
CA HIS C 449 -17.79 -11.25 18.41
C HIS C 449 -18.05 -10.29 19.54
N HIS C 450 -17.13 -10.26 20.50
CA HIS C 450 -17.17 -9.28 21.57
C HIS C 450 -16.54 -7.98 21.12
N THR C 451 -17.19 -6.87 21.46
CA THR C 451 -16.78 -5.53 21.04
C THR C 451 -16.86 -4.54 22.19
N VAL C 452 -16.23 -3.38 22.01
CA VAL C 452 -16.49 -2.21 22.84
C VAL C 452 -17.20 -1.19 21.97
N PHE C 453 -18.46 -0.92 22.32
CA PHE C 453 -19.29 0.06 21.63
C PHE C 453 -19.07 1.43 22.26
N SER C 454 -19.04 2.48 21.46
CA SER C 454 -18.90 3.84 21.99
C SER C 454 -19.47 4.96 21.11
N HIS C 455 -20.25 5.84 21.74
CA HIS C 455 -20.67 7.12 21.14
C HIS C 455 -19.65 8.19 21.39
N ALA C 456 -18.91 8.05 22.49
CA ALA C 456 -17.98 9.10 22.95
C ALA C 456 -16.73 9.20 22.10
N LEU C 457 -16.20 8.04 21.71
CA LEU C 457 -14.93 7.98 20.96
C LEU C 457 -15.17 7.74 19.47
N ASN C 458 -14.22 8.20 18.66
CA ASN C 458 -14.31 8.07 17.19
C ASN C 458 -13.05 7.44 16.56
N LEU C 459 -13.07 7.30 15.25
CA LEU C 459 -11.99 6.65 14.49
C LEU C 459 -10.62 7.31 14.71
N ASN C 460 -10.61 8.64 14.74
CA ASN C 460 -9.38 9.40 14.96
C ASN C 460 -8.76 9.12 16.33
N ASP C 461 -9.60 8.93 17.33
CA ASP C 461 -9.13 8.61 18.69
C ASP C 461 -8.42 7.26 18.71
N MSE C 462 -8.99 6.31 17.99
CA MSE C 462 -8.49 4.94 17.94
C MSE C 462 -7.26 4.82 17.09
O MSE C 462 -6.39 4.01 17.37
CB MSE C 462 -9.55 3.97 17.43
CG MSE C 462 -10.84 3.98 18.25
SE MSE C 462 -10.51 3.38 20.10
CE MSE C 462 -10.42 5.21 20.81
N ARG C 463 -7.19 5.62 16.03
CA ARG C 463 -5.96 5.71 15.22
C ARG C 463 -4.77 6.13 16.09
N GLN C 464 -4.96 7.17 16.89
CA GLN C 464 -3.91 7.65 17.79
C GLN C 464 -3.59 6.63 18.89
N PHE C 465 -4.62 5.92 19.35
CA PHE C 465 -4.44 4.83 20.31
C PHE C 465 -3.52 3.75 19.75
N ALA C 466 -3.80 3.33 18.51
CA ALA C 466 -3.03 2.28 17.83
C ALA C 466 -1.59 2.72 17.55
N GLU C 467 -1.40 4.00 17.23
CA GLU C 467 -0.05 4.56 17.04
C GLU C 467 0.71 4.56 18.35
N MSE C 468 0.06 5.04 19.41
CA MSE C 468 0.64 5.13 20.74
C MSE C 468 1.18 3.80 21.21
O MSE C 468 2.24 3.74 21.82
CB MSE C 468 -0.45 5.64 21.69
CG MSE C 468 0.00 5.90 23.11
SE MSE C 468 0.97 7.60 23.17
CE MSE C 468 -0.54 8.86 23.14
N HIS C 469 0.47 2.71 20.90
CA HIS C 469 0.86 1.36 21.32
C HIS C 469 1.56 0.58 20.24
N ASP C 470 1.74 1.20 19.07
CA ASP C 470 2.43 0.57 17.93
C ASP C 470 1.79 -0.77 17.53
N ILE C 471 0.48 -0.74 17.30
CA ILE C 471 -0.24 -1.91 16.81
C ILE C 471 -0.97 -1.56 15.51
N GLU C 472 -1.27 -2.59 14.73
CA GLU C 472 -2.05 -2.42 13.51
C GLU C 472 -3.47 -1.99 13.86
N ILE C 473 -3.94 -0.95 13.18
CA ILE C 473 -5.35 -0.60 13.21
C ILE C 473 -5.96 -1.02 11.88
N THR C 474 -7.04 -1.80 11.96
CA THR C 474 -7.77 -2.24 10.79
C THR C 474 -9.08 -1.47 10.73
N VAL C 475 -9.18 -0.59 9.74
CA VAL C 475 -10.31 0.34 9.65
C VAL C 475 -11.38 -0.16 8.68
N ILE C 476 -12.61 -0.17 9.16
CA ILE C 476 -13.78 -0.54 8.35
C ILE C 476 -14.79 0.60 8.40
N ASP C 477 -14.93 1.31 7.28
CA ASP C 477 -15.80 2.48 7.21
C ASP C 477 -16.29 2.75 5.78
N ASN C 478 -16.95 3.89 5.58
CA ASN C 478 -17.48 4.27 4.26
C ASN C 478 -16.49 4.16 3.10
N ASP C 479 -15.21 4.39 3.37
CA ASP C 479 -14.16 4.34 2.33
C ASP C 479 -13.64 2.92 2.05
N THR C 480 -14.10 1.95 2.82
CA THR C 480 -13.58 0.58 2.73
C THR C 480 -14.02 -0.15 1.45
N ARG C 481 -13.03 -0.60 0.67
CA ARG C 481 -13.24 -1.50 -0.47
C ARG C 481 -12.38 -2.75 -0.25
N LEU C 482 -12.98 -3.93 -0.48
CA LEU C 482 -12.35 -5.21 -0.08
C LEU C 482 -10.99 -5.50 -0.72
N PRO C 483 -10.84 -5.28 -2.04
CA PRO C 483 -9.53 -5.51 -2.65
C PRO C 483 -8.39 -4.73 -1.97
N ALA C 484 -8.59 -3.43 -1.80
CA ALA C 484 -7.61 -2.56 -1.12
C ALA C 484 -7.46 -2.92 0.35
N PHE C 485 -8.57 -3.28 0.98
CA PHE C 485 -8.59 -3.74 2.38
C PHE C 485 -7.71 -4.98 2.57
N LYS C 486 -7.81 -5.92 1.64
CA LYS C 486 -6.99 -7.14 1.68
C LYS C 486 -5.51 -6.85 1.44
N ASP C 487 -5.23 -5.97 0.47
CA ASP C 487 -3.85 -5.53 0.21
C ASP C 487 -3.20 -5.00 1.49
N ALA C 488 -3.93 -4.15 2.21
CA ALA C 488 -3.43 -3.54 3.45
C ALA C 488 -3.16 -4.58 4.54
N LEU C 489 -4.05 -5.56 4.67
CA LEU C 489 -3.84 -6.68 5.60
C LEU C 489 -2.53 -7.40 5.33
N ARG C 490 -2.25 -7.65 4.05
CA ARG C 490 -1.01 -8.32 3.65
C ARG C 490 0.23 -7.46 3.90
N TRP C 491 0.17 -6.19 3.49
CA TRP C 491 1.33 -5.29 3.62
C TRP C 491 1.62 -4.94 5.04
N ASN C 492 0.59 -4.86 5.87
CA ASN C 492 0.77 -4.68 7.32
C ASN C 492 1.34 -5.93 7.99
N GLU C 493 0.95 -7.10 7.49
CA GLU C 493 1.42 -8.37 8.05
C GLU C 493 2.95 -8.43 8.04
N VAL C 494 3.55 -8.08 6.92
CA VAL C 494 5.02 -8.09 6.81
C VAL C 494 5.68 -6.96 7.58
N TYR C 495 5.02 -5.82 7.66
CA TYR C 495 5.57 -4.70 8.44
C TYR C 495 5.57 -5.02 9.93
N TYR C 496 4.39 -5.32 10.48
CA TYR C 496 4.25 -5.57 11.91
C TYR C 496 4.81 -6.94 12.32
N GLY C 497 5.01 -7.82 11.35
CA GLY C 497 5.68 -9.09 11.60
C GLY C 497 7.20 -9.01 11.72
N PHE C 498 7.77 -7.82 11.94
CA PHE C 498 9.23 -7.59 12.17
C PHE C 498 9.68 -6.16 11.84
MN MN D . 4.12 -17.11 -29.98
C1 RB0 E . 9.85 -15.31 -33.69
O1 RB0 E . 11.09 -15.97 -33.38
C2 RB0 E . 8.74 -16.03 -32.98
O2 RB0 E . 8.74 -17.38 -33.41
C3 RB0 E . 7.36 -15.43 -33.27
O3 RB0 E . 7.37 -14.00 -33.25
C4 RB0 E . 6.39 -15.97 -32.22
O4 RB0 E . 5.04 -15.72 -32.61
C5 RB0 E . 6.61 -15.33 -30.86
O5 RB0 E . 5.86 -16.09 -29.92
MN MN F . 21.41 26.76 7.56
C1 RB0 G . 21.59 28.32 14.63
O1 RB0 G . 22.68 27.88 15.46
C2 RB0 G . 21.80 27.82 13.21
O2 RB0 G . 23.18 27.86 12.89
C3 RB0 G . 21.04 28.68 12.20
O3 RB0 G . 19.68 28.85 12.65
C4 RB0 G . 21.06 28.06 10.81
O4 RB0 G . 20.46 28.96 9.88
C5 RB0 G . 20.30 26.74 10.73
O5 RB0 G . 20.54 26.12 9.48
C ACY H . 5.09 -4.13 2.59
O ACY H . 4.47 -5.07 2.00
OXT ACY H . 4.85 -3.81 3.78
CH3 ACY H . 6.13 -3.36 1.86
MN MN I . -20.73 -13.46 24.91
C1 RB0 J . -23.02 -19.91 23.62
O1 RB0 J . -22.52 -20.97 24.43
C2 RB0 J . -22.26 -18.63 23.95
O2 RB0 J . -21.86 -18.68 25.31
C3 RB0 J . -23.11 -17.38 23.74
O3 RB0 J . -23.68 -17.40 22.42
C4 RB0 J . -22.28 -16.13 23.95
O4 RB0 J . -23.15 -15.01 24.18
C5 RB0 J . -21.41 -15.85 22.73
O5 RB0 J . -20.19 -15.25 23.16
#